data_4B8T
#
_entry.id   4B8T
#
_cell.length_a   1.000
_cell.length_b   1.000
_cell.length_c   1.000
_cell.angle_alpha   90.00
_cell.angle_beta   90.00
_cell.angle_gamma   90.00
#
_symmetry.space_group_name_H-M   'P 1'
#
loop_
_entity.id
_entity.type
_entity.pdbx_description
1 polymer 'KH-TYPE SPLICING REGULATORY PROTEIN'
2 polymer "5'-R(*AP*GP*GP*GP*UP)-3'"
#
loop_
_entity_poly.entity_id
_entity_poly.type
_entity_poly.pdbx_seq_one_letter_code
_entity_poly.pdbx_strand_id
1 'polypeptide(L)'
;GAMAYGSRIGGGIDVPVPRHSVGVVIGRSGEMIKKIQNDAGVRIQFKQDDGTGPEKIAHIMGPPDRCEHAARIINDLLQS
LRSGPPGPPGGPGMPPGGRGRGRGQG
;
A
2 'polyribonucleotide' AGGGU B
#
# COMPACT_ATOMS: atom_id res chain seq x y z
N GLY A 1 -12.30 -13.68 -4.37
CA GLY A 1 -13.67 -14.09 -3.97
C GLY A 1 -14.57 -12.90 -3.78
N ALA A 2 -15.87 -13.13 -3.90
CA ALA A 2 -16.86 -12.08 -3.74
C ALA A 2 -17.21 -11.90 -2.27
N MET A 3 -16.25 -11.42 -1.49
CA MET A 3 -16.46 -11.20 -0.07
C MET A 3 -17.21 -9.90 0.18
N ALA A 4 -18.53 -9.97 0.06
CA ALA A 4 -19.39 -8.81 0.29
C ALA A 4 -19.39 -8.41 1.76
N TYR A 5 -18.89 -9.28 2.62
CA TYR A 5 -18.83 -9.00 4.05
C TYR A 5 -17.38 -8.85 4.49
N GLY A 6 -16.56 -8.28 3.61
CA GLY A 6 -15.16 -8.09 3.93
C GLY A 6 -14.89 -6.75 4.59
N SER A 7 -15.95 -6.10 5.06
CA SER A 7 -15.85 -4.79 5.70
C SER A 7 -15.40 -4.94 7.15
N ARG A 8 -15.38 -6.17 7.65
CA ARG A 8 -15.01 -6.43 9.02
C ARG A 8 -13.52 -6.72 9.15
N ILE A 9 -12.86 -5.97 10.02
CA ILE A 9 -11.44 -6.16 10.28
C ILE A 9 -11.22 -7.14 11.44
N GLY A 10 -9.97 -7.38 11.79
CA GLY A 10 -9.66 -8.29 12.86
C GLY A 10 -8.23 -8.11 13.34
N GLY A 11 -7.81 -8.97 14.26
CA GLY A 11 -6.45 -8.92 14.76
C GLY A 11 -5.46 -9.52 13.79
N GLY A 12 -5.22 -8.81 12.70
CA GLY A 12 -4.38 -9.32 11.65
C GLY A 12 -5.14 -9.43 10.35
N ILE A 13 -4.81 -8.57 9.41
CA ILE A 13 -5.54 -8.51 8.15
C ILE A 13 -4.67 -8.91 6.97
N ASP A 14 -5.29 -9.40 5.91
CA ASP A 14 -4.58 -9.81 4.72
C ASP A 14 -4.68 -8.71 3.67
N VAL A 15 -3.57 -8.01 3.43
CA VAL A 15 -3.57 -6.89 2.50
C VAL A 15 -3.03 -7.29 1.14
N PRO A 16 -3.72 -6.88 0.07
CA PRO A 16 -3.30 -7.16 -1.30
C PRO A 16 -2.36 -6.10 -1.84
N VAL A 17 -1.09 -6.47 -1.96
CA VAL A 17 -0.09 -5.57 -2.51
C VAL A 17 0.26 -5.99 -3.94
N PRO A 18 0.17 -5.05 -4.90
CA PRO A 18 0.54 -5.32 -6.29
C PRO A 18 1.87 -6.06 -6.40
N ARG A 19 1.89 -7.13 -7.18
CA ARG A 19 3.07 -7.98 -7.28
C ARG A 19 4.24 -7.25 -7.93
N HIS A 20 3.95 -6.12 -8.59
CA HIS A 20 5.00 -5.26 -9.13
C HIS A 20 5.33 -4.13 -8.17
N SER A 21 4.87 -4.24 -6.93
CA SER A 21 5.15 -3.25 -5.91
C SER A 21 5.51 -3.91 -4.59
N VAL A 22 5.74 -5.21 -4.63
CA VAL A 22 6.04 -5.99 -3.43
C VAL A 22 7.36 -5.56 -2.80
N GLY A 23 8.40 -5.42 -3.62
CA GLY A 23 9.69 -5.01 -3.11
C GLY A 23 9.74 -3.52 -2.83
N VAL A 24 8.92 -2.78 -3.57
CA VAL A 24 8.76 -1.36 -3.39
C VAL A 24 8.40 -1.00 -1.94
N VAL A 25 7.29 -1.54 -1.47
CA VAL A 25 6.76 -1.18 -0.16
C VAL A 25 7.68 -1.64 0.98
N ILE A 26 8.43 -2.73 0.77
CA ILE A 26 9.36 -3.20 1.79
C ILE A 26 10.67 -2.44 1.75
N GLY A 27 11.05 -2.01 0.55
CA GLY A 27 12.33 -1.35 0.37
C GLY A 27 13.41 -2.35 -0.01
N ARG A 28 14.43 -1.88 -0.72
CA ARG A 28 15.48 -2.76 -1.21
C ARG A 28 16.25 -3.39 -0.04
N SER A 29 16.30 -2.68 1.06
CA SER A 29 17.00 -3.15 2.25
C SER A 29 16.03 -3.44 3.38
N GLY A 30 14.74 -3.43 3.08
CA GLY A 30 13.73 -3.66 4.09
C GLY A 30 13.56 -2.49 5.04
N GLU A 31 14.29 -1.42 4.78
CA GLU A 31 14.25 -0.22 5.61
C GLU A 31 12.87 0.43 5.55
N MET A 32 12.19 0.21 4.43
CA MET A 32 10.92 0.88 4.17
C MET A 32 9.79 0.24 4.97
N ILE A 33 9.69 -1.09 4.92
CA ILE A 33 8.62 -1.77 5.64
C ILE A 33 8.83 -1.68 7.15
N LYS A 34 10.08 -1.50 7.57
CA LYS A 34 10.37 -1.31 8.98
C LYS A 34 9.77 -0.02 9.48
N LYS A 35 9.65 0.95 8.59
CA LYS A 35 9.03 2.22 8.93
C LYS A 35 7.52 2.04 9.03
N ILE A 36 6.98 1.21 8.15
CA ILE A 36 5.57 0.87 8.19
C ILE A 36 5.23 0.16 9.50
N GLN A 37 6.07 -0.81 9.86
CA GLN A 37 5.93 -1.53 11.12
C GLN A 37 6.17 -0.60 12.31
N ASN A 38 7.01 0.39 12.12
CA ASN A 38 7.33 1.35 13.17
C ASN A 38 6.16 2.31 13.42
N ASP A 39 5.71 2.97 12.37
CA ASP A 39 4.66 3.98 12.50
C ASP A 39 3.31 3.36 12.81
N ALA A 40 3.17 2.06 12.60
CA ALA A 40 1.91 1.39 12.89
C ALA A 40 2.00 0.46 14.09
N GLY A 41 3.22 0.03 14.42
CA GLY A 41 3.41 -0.86 15.55
C GLY A 41 2.86 -2.26 15.30
N VAL A 42 2.95 -2.70 14.06
CA VAL A 42 2.37 -3.98 13.66
C VAL A 42 3.43 -4.97 13.19
N ARG A 43 3.03 -6.21 13.03
CA ARG A 43 3.88 -7.24 12.46
C ARG A 43 3.43 -7.55 11.04
N ILE A 44 4.15 -7.05 10.06
CA ILE A 44 3.81 -7.28 8.68
C ILE A 44 4.67 -8.38 8.10
N GLN A 45 4.05 -9.50 7.80
CA GLN A 45 4.76 -10.64 7.25
C GLN A 45 4.10 -11.10 5.96
N PHE A 46 4.81 -10.92 4.85
CA PHE A 46 4.33 -11.41 3.56
C PHE A 46 4.16 -12.91 3.61
N LYS A 47 2.98 -13.37 3.23
CA LYS A 47 2.68 -14.78 3.19
C LYS A 47 3.37 -15.40 1.98
N GLN A 48 3.43 -16.73 1.93
CA GLN A 48 4.11 -17.42 0.84
C GLN A 48 3.60 -16.92 -0.50
N ASP A 49 2.33 -17.23 -0.78
CA ASP A 49 1.63 -16.71 -1.95
C ASP A 49 0.25 -17.33 -2.05
N ASP A 50 -0.75 -16.60 -1.61
CA ASP A 50 -2.14 -17.05 -1.67
C ASP A 50 -2.52 -17.35 -3.11
N GLY A 51 -1.98 -16.55 -4.03
CA GLY A 51 -2.18 -16.76 -5.45
C GLY A 51 -3.59 -16.45 -5.92
N THR A 52 -4.44 -16.01 -5.00
CA THR A 52 -5.84 -15.75 -5.31
C THR A 52 -6.02 -14.28 -5.72
N GLY A 53 -5.33 -13.91 -6.79
CA GLY A 53 -5.43 -12.56 -7.32
C GLY A 53 -4.15 -12.13 -8.00
N PRO A 54 -4.14 -10.94 -8.63
CA PRO A 54 -2.96 -10.37 -9.28
C PRO A 54 -2.03 -9.68 -8.27
N GLU A 55 -2.39 -9.79 -7.00
CA GLU A 55 -1.60 -9.18 -5.94
C GLU A 55 -0.91 -10.24 -5.09
N LYS A 56 -0.14 -9.77 -4.12
CA LYS A 56 0.47 -10.61 -3.12
C LYS A 56 -0.21 -10.31 -1.80
N ILE A 57 -0.44 -11.33 -1.00
CA ILE A 57 -1.10 -11.11 0.27
C ILE A 57 -0.09 -11.04 1.40
N ALA A 58 -0.18 -9.97 2.14
CA ALA A 58 0.69 -9.76 3.29
C ALA A 58 -0.17 -9.71 4.55
N HIS A 59 0.20 -10.48 5.55
CA HIS A 59 -0.59 -10.56 6.76
C HIS A 59 -0.10 -9.53 7.77
N ILE A 60 -0.79 -8.39 7.84
CA ILE A 60 -0.47 -7.36 8.80
C ILE A 60 -1.13 -7.69 10.13
N MET A 61 -0.35 -8.15 11.09
CA MET A 61 -0.86 -8.63 12.35
C MET A 61 -0.63 -7.62 13.46
N GLY A 62 -1.59 -7.54 14.36
CA GLY A 62 -1.48 -6.64 15.48
C GLY A 62 -2.83 -6.13 15.90
N PRO A 63 -2.90 -5.01 16.62
CA PRO A 63 -4.16 -4.39 16.99
C PRO A 63 -4.88 -3.83 15.76
N PRO A 64 -6.15 -4.20 15.56
CA PRO A 64 -6.91 -3.90 14.34
C PRO A 64 -6.73 -2.48 13.83
N ASP A 65 -6.82 -1.48 14.71
CA ASP A 65 -6.66 -0.08 14.33
C ASP A 65 -5.29 0.15 13.72
N ARG A 66 -4.28 -0.48 14.31
CA ARG A 66 -2.91 -0.34 13.83
C ARG A 66 -2.76 -1.07 12.51
N CYS A 67 -3.53 -2.13 12.31
CA CYS A 67 -3.53 -2.86 11.05
C CYS A 67 -4.05 -1.96 9.95
N GLU A 68 -5.08 -1.19 10.25
CA GLU A 68 -5.65 -0.22 9.31
C GLU A 68 -4.62 0.86 8.99
N HIS A 69 -3.94 1.31 10.04
CA HIS A 69 -2.90 2.34 9.91
C HIS A 69 -1.77 1.81 9.02
N ALA A 70 -1.33 0.61 9.31
CA ALA A 70 -0.28 -0.06 8.55
C ALA A 70 -0.69 -0.24 7.09
N ALA A 71 -1.92 -0.70 6.90
CA ALA A 71 -2.47 -0.89 5.57
C ALA A 71 -2.41 0.40 4.76
N ARG A 72 -2.76 1.51 5.41
CA ARG A 72 -2.77 2.80 4.74
C ARG A 72 -1.38 3.19 4.26
N ILE A 73 -0.36 2.90 5.08
CA ILE A 73 1.00 3.26 4.74
C ILE A 73 1.45 2.54 3.47
N ILE A 74 1.09 1.27 3.36
CA ILE A 74 1.42 0.47 2.20
C ILE A 74 0.61 0.94 0.99
N ASN A 75 -0.68 1.16 1.20
CA ASN A 75 -1.59 1.58 0.14
C ASN A 75 -1.21 2.96 -0.41
N ASP A 76 -0.85 3.87 0.49
CA ASP A 76 -0.46 5.22 0.11
C ASP A 76 0.87 5.18 -0.64
N LEU A 77 1.71 4.23 -0.26
CA LEU A 77 3.01 4.03 -0.91
C LEU A 77 2.80 3.53 -2.34
N LEU A 78 1.71 2.80 -2.55
CA LEU A 78 1.31 2.36 -3.88
C LEU A 78 0.73 3.54 -4.66
N GLN A 79 -0.13 4.28 -3.97
CA GLN A 79 -0.81 5.44 -4.54
C GLN A 79 0.20 6.50 -5.01
N SER A 80 1.32 6.60 -4.32
CA SER A 80 2.35 7.57 -4.66
C SER A 80 3.19 7.09 -5.85
N LEU A 81 3.08 5.82 -6.18
CA LEU A 81 3.76 5.27 -7.36
C LEU A 81 2.99 5.63 -8.61
N ARG A 82 1.71 5.97 -8.44
CA ARG A 82 0.84 6.26 -9.56
C ARG A 82 1.17 7.63 -10.14
N SER A 83 2.12 7.67 -11.07
CA SER A 83 2.56 8.91 -11.70
C SER A 83 3.17 9.87 -10.68
N GLY A 84 3.64 9.30 -9.57
CA GLY A 84 4.33 10.09 -8.57
C GLY A 84 5.69 10.55 -9.06
N PRO A 85 6.63 9.61 -9.28
CA PRO A 85 7.91 9.91 -9.90
C PRO A 85 7.76 10.05 -11.41
N PRO A 86 7.85 11.29 -11.92
CA PRO A 86 7.58 11.59 -13.33
C PRO A 86 8.63 11.01 -14.27
N GLY A 87 8.17 10.23 -15.24
CA GLY A 87 9.07 9.67 -16.23
C GLY A 87 8.64 10.01 -17.65
N PRO A 88 9.35 10.95 -18.31
CA PRO A 88 9.05 11.36 -19.67
C PRO A 88 9.00 10.17 -20.65
N PRO A 89 10.08 9.37 -20.81
CA PRO A 89 10.06 8.20 -21.69
C PRO A 89 9.71 6.93 -20.92
N GLY A 90 9.51 5.84 -21.65
CA GLY A 90 9.26 4.56 -21.01
C GLY A 90 7.80 4.35 -20.66
N GLY A 91 7.17 5.36 -20.08
CA GLY A 91 5.76 5.28 -19.77
C GLY A 91 4.91 5.91 -20.85
N PRO A 92 4.15 6.97 -20.51
CA PRO A 92 3.30 7.68 -21.48
C PRO A 92 4.11 8.57 -22.41
N GLY A 93 5.06 7.96 -23.09
CA GLY A 93 5.92 8.69 -23.99
C GLY A 93 6.95 7.79 -24.64
N MET A 94 6.67 7.35 -25.85
CA MET A 94 7.56 6.45 -26.56
C MET A 94 8.74 7.20 -27.18
N PRO A 95 9.97 6.82 -26.82
CA PRO A 95 11.18 7.40 -27.39
C PRO A 95 11.30 7.08 -28.88
N PRO A 96 11.46 8.13 -29.71
CA PRO A 96 11.52 8.00 -31.16
C PRO A 96 12.89 7.49 -31.65
N GLY A 97 13.26 6.30 -31.21
CA GLY A 97 14.51 5.70 -31.63
C GLY A 97 14.45 5.23 -33.08
N GLY A 98 15.58 5.29 -33.77
CA GLY A 98 15.63 4.87 -35.15
C GLY A 98 15.61 3.36 -35.31
N ARG A 99 15.63 2.91 -36.54
CA ARG A 99 15.60 1.47 -36.84
C ARG A 99 16.98 0.85 -36.59
N GLY A 100 17.37 0.76 -35.34
CA GLY A 100 18.65 0.18 -34.98
C GLY A 100 19.78 1.18 -35.06
N ARG A 101 19.47 2.36 -35.61
CA ARG A 101 20.44 3.43 -35.78
C ARG A 101 21.09 3.80 -34.44
N GLY A 102 22.40 3.92 -34.46
CA GLY A 102 23.14 4.20 -33.26
C GLY A 102 23.99 3.03 -32.83
N ARG A 103 23.39 1.85 -32.87
CA ARG A 103 24.11 0.63 -32.49
C ARG A 103 24.37 -0.24 -33.71
N GLY A 104 23.39 -0.31 -34.60
CA GLY A 104 23.52 -1.12 -35.79
C GLY A 104 24.23 -0.39 -36.90
N GLN A 105 25.51 -0.14 -36.72
CA GLN A 105 26.32 0.58 -37.71
C GLN A 105 27.06 -0.41 -38.61
N GLY A 106 26.71 -1.68 -38.49
CA GLY A 106 27.34 -2.71 -39.30
C GLY A 106 27.25 -4.07 -38.63
N GLY A 1 -32.36 1.95 10.14
CA GLY A 1 -31.26 1.00 10.43
C GLY A 1 -29.93 1.71 10.52
N ALA A 2 -28.85 0.93 10.49
CA ALA A 2 -27.50 1.48 10.57
C ALA A 2 -26.62 0.82 9.53
N MET A 3 -26.01 1.63 8.68
CA MET A 3 -25.15 1.11 7.63
C MET A 3 -23.72 0.97 8.14
N ALA A 4 -23.35 -0.25 8.50
CA ALA A 4 -21.99 -0.55 8.90
C ALA A 4 -21.17 -0.94 7.68
N TYR A 5 -20.41 0.02 7.16
CA TYR A 5 -19.65 -0.22 5.95
C TYR A 5 -18.25 -0.74 6.28
N GLY A 6 -17.88 -1.83 5.61
CA GLY A 6 -16.59 -2.44 5.82
C GLY A 6 -16.56 -3.86 5.32
N SER A 7 -15.41 -4.29 4.81
CA SER A 7 -15.30 -5.63 4.26
C SER A 7 -14.98 -6.63 5.37
N ARG A 8 -13.83 -6.44 6.02
CA ARG A 8 -13.41 -7.31 7.10
C ARG A 8 -12.16 -6.76 7.78
N ILE A 9 -12.29 -6.36 9.03
CA ILE A 9 -11.17 -5.86 9.81
C ILE A 9 -11.02 -6.69 11.09
N GLY A 10 -9.85 -6.65 11.69
CA GLY A 10 -9.62 -7.39 12.91
C GLY A 10 -8.19 -7.31 13.37
N GLY A 11 -7.83 -8.13 14.34
CA GLY A 11 -6.47 -8.13 14.86
C GLY A 11 -5.52 -8.87 13.95
N GLY A 12 -5.10 -8.22 12.88
CA GLY A 12 -4.28 -8.87 11.89
C GLY A 12 -5.05 -9.10 10.61
N ILE A 13 -4.74 -8.34 9.59
CA ILE A 13 -5.49 -8.38 8.34
C ILE A 13 -4.59 -8.77 7.17
N ASP A 14 -5.17 -9.44 6.19
CA ASP A 14 -4.42 -9.85 5.00
C ASP A 14 -4.61 -8.81 3.91
N VAL A 15 -3.53 -8.14 3.56
CA VAL A 15 -3.58 -7.09 2.56
C VAL A 15 -2.98 -7.56 1.24
N PRO A 16 -3.68 -7.29 0.13
CA PRO A 16 -3.20 -7.61 -1.20
C PRO A 16 -2.36 -6.48 -1.78
N VAL A 17 -1.09 -6.75 -2.03
CA VAL A 17 -0.19 -5.75 -2.60
C VAL A 17 0.23 -6.18 -4.01
N PRO A 18 0.02 -5.29 -5.00
CA PRO A 18 0.40 -5.57 -6.39
C PRO A 18 1.84 -6.02 -6.50
N ARG A 19 2.09 -6.99 -7.38
CA ARG A 19 3.42 -7.58 -7.53
C ARG A 19 4.40 -6.59 -8.15
N HIS A 20 3.87 -5.52 -8.73
CA HIS A 20 4.71 -4.43 -9.20
C HIS A 20 5.19 -3.54 -8.05
N SER A 21 4.69 -3.83 -6.85
CA SER A 21 4.96 -2.97 -5.70
C SER A 21 5.37 -3.76 -4.46
N VAL A 22 5.48 -5.07 -4.61
CA VAL A 22 5.84 -5.93 -3.49
C VAL A 22 7.17 -5.52 -2.84
N GLY A 23 8.17 -5.24 -3.67
CA GLY A 23 9.47 -4.88 -3.15
C GLY A 23 9.55 -3.40 -2.80
N VAL A 24 8.81 -2.57 -3.53
CA VAL A 24 8.80 -1.13 -3.29
C VAL A 24 8.35 -0.80 -1.86
N VAL A 25 7.40 -1.55 -1.32
CA VAL A 25 6.86 -1.24 0.00
C VAL A 25 7.76 -1.78 1.11
N ILE A 26 8.48 -2.85 0.82
CA ILE A 26 9.42 -3.41 1.78
C ILE A 26 10.76 -2.70 1.74
N GLY A 27 11.11 -2.21 0.56
CA GLY A 27 12.37 -1.52 0.38
C GLY A 27 13.43 -2.44 -0.18
N ARG A 28 14.60 -1.90 -0.47
CA ARG A 28 15.67 -2.71 -1.04
C ARG A 28 16.45 -3.44 0.05
N SER A 29 16.03 -3.25 1.29
CA SER A 29 16.70 -3.86 2.42
C SER A 29 15.70 -4.17 3.53
N GLY A 30 14.42 -3.99 3.25
CA GLY A 30 13.40 -4.22 4.24
C GLY A 30 13.25 -3.04 5.19
N GLU A 31 14.19 -2.10 5.11
CA GLU A 31 14.15 -0.88 5.91
C GLU A 31 12.80 -0.19 5.80
N MET A 32 12.23 -0.22 4.61
CA MET A 32 10.98 0.48 4.34
C MET A 32 9.81 -0.18 5.07
N ILE A 33 9.70 -1.51 4.98
CA ILE A 33 8.58 -2.19 5.63
C ILE A 33 8.76 -2.18 7.14
N LYS A 34 10.00 -2.15 7.61
CA LYS A 34 10.26 -2.07 9.03
C LYS A 34 9.87 -0.70 9.55
N LYS A 35 9.94 0.30 8.68
CA LYS A 35 9.45 1.63 9.01
C LYS A 35 7.93 1.62 9.07
N ILE A 36 7.31 0.87 8.16
CA ILE A 36 5.85 0.73 8.16
C ILE A 36 5.40 0.02 9.43
N GLN A 37 6.12 -1.05 9.79
CA GLN A 37 5.81 -1.82 10.99
C GLN A 37 6.09 -1.00 12.25
N ASN A 38 7.11 -0.16 12.20
CA ASN A 38 7.47 0.69 13.34
C ASN A 38 6.48 1.85 13.47
N ASP A 39 6.23 2.52 12.36
CA ASP A 39 5.33 3.69 12.32
C ASP A 39 3.95 3.33 12.85
N ALA A 40 3.46 2.15 12.47
CA ALA A 40 2.14 1.71 12.89
C ALA A 40 2.20 0.91 14.18
N GLY A 41 3.38 0.36 14.49
CA GLY A 41 3.52 -0.47 15.66
C GLY A 41 3.02 -1.88 15.41
N VAL A 42 2.95 -2.26 14.16
CA VAL A 42 2.41 -3.54 13.76
C VAL A 42 3.51 -4.54 13.41
N ARG A 43 3.12 -5.74 13.03
CA ARG A 43 4.05 -6.74 12.54
C ARG A 43 3.54 -7.30 11.23
N ILE A 44 4.22 -6.98 10.14
CA ILE A 44 3.77 -7.38 8.82
C ILE A 44 4.60 -8.54 8.32
N GLN A 45 3.93 -9.58 7.84
CA GLN A 45 4.63 -10.73 7.28
C GLN A 45 3.93 -11.20 6.01
N PHE A 46 4.69 -11.27 4.91
CA PHE A 46 4.15 -11.80 3.67
C PHE A 46 3.85 -13.27 3.80
N LYS A 47 2.64 -13.66 3.42
CA LYS A 47 2.23 -15.05 3.49
C LYS A 47 2.69 -15.77 2.24
N GLN A 48 3.07 -14.96 1.24
CA GLN A 48 3.73 -15.44 0.03
C GLN A 48 2.81 -16.34 -0.80
N ASP A 49 1.52 -16.05 -0.74
CA ASP A 49 0.53 -16.78 -1.54
C ASP A 49 0.77 -16.52 -3.03
N ASP A 50 0.94 -17.59 -3.78
CA ASP A 50 1.18 -17.47 -5.21
C ASP A 50 0.09 -18.21 -5.98
N GLY A 51 -0.23 -17.72 -7.17
CA GLY A 51 -1.29 -18.32 -7.96
C GLY A 51 -2.64 -17.67 -7.71
N THR A 52 -2.69 -16.86 -6.66
CA THR A 52 -3.93 -16.17 -6.29
C THR A 52 -4.28 -15.08 -7.30
N GLY A 53 -3.26 -14.37 -7.78
CA GLY A 53 -3.47 -13.32 -8.73
C GLY A 53 -2.27 -12.42 -8.86
N PRO A 54 -2.44 -11.19 -9.36
CA PRO A 54 -1.35 -10.25 -9.57
C PRO A 54 -0.95 -9.50 -8.30
N GLU A 55 -1.44 -9.97 -7.15
CA GLU A 55 -1.07 -9.38 -5.88
C GLU A 55 -0.27 -10.38 -5.03
N LYS A 56 0.12 -9.91 -3.86
CA LYS A 56 0.81 -10.73 -2.89
C LYS A 56 0.17 -10.49 -1.52
N ILE A 57 -0.31 -11.53 -0.88
CA ILE A 57 -0.97 -11.37 0.41
C ILE A 57 0.04 -11.23 1.53
N ALA A 58 -0.16 -10.20 2.33
CA ALA A 58 0.68 -9.92 3.47
C ALA A 58 -0.19 -9.75 4.71
N HIS A 59 0.19 -10.43 5.78
CA HIS A 59 -0.61 -10.41 7.00
C HIS A 59 -0.09 -9.33 7.95
N ILE A 60 -0.77 -8.20 7.97
CA ILE A 60 -0.43 -7.11 8.88
C ILE A 60 -1.08 -7.37 10.24
N MET A 61 -0.27 -7.75 11.21
CA MET A 61 -0.76 -8.15 12.52
C MET A 61 -0.56 -7.05 13.56
N GLY A 62 -1.45 -7.03 14.54
CA GLY A 62 -1.37 -6.05 15.61
C GLY A 62 -2.74 -5.51 15.95
N PRO A 63 -2.83 -4.32 16.56
CA PRO A 63 -4.11 -3.68 16.84
C PRO A 63 -4.76 -3.22 15.54
N PRO A 64 -6.04 -3.58 15.36
CA PRO A 64 -6.78 -3.35 14.11
C PRO A 64 -6.69 -1.91 13.58
N ASP A 65 -6.66 -0.93 14.48
CA ASP A 65 -6.53 0.46 14.07
C ASP A 65 -5.14 0.72 13.48
N ARG A 66 -4.14 0.08 14.07
CA ARG A 66 -2.77 0.24 13.61
C ARG A 66 -2.53 -0.59 12.37
N CYS A 67 -3.29 -1.67 12.23
CA CYS A 67 -3.26 -2.48 11.02
C CYS A 67 -3.69 -1.65 9.83
N GLU A 68 -4.70 -0.81 10.05
CA GLU A 68 -5.19 0.08 9.01
C GLU A 68 -4.23 1.24 8.79
N HIS A 69 -3.63 1.73 9.88
CA HIS A 69 -2.59 2.76 9.77
C HIS A 69 -1.45 2.25 8.90
N ALA A 70 -1.01 1.04 9.22
CA ALA A 70 0.04 0.37 8.45
C ALA A 70 -0.40 0.16 7.00
N ALA A 71 -1.64 -0.28 6.83
CA ALA A 71 -2.21 -0.50 5.51
C ALA A 71 -2.19 0.78 4.67
N ARG A 72 -2.51 1.90 5.30
CA ARG A 72 -2.58 3.18 4.61
C ARG A 72 -1.19 3.62 4.13
N ILE A 73 -0.18 3.35 4.92
CA ILE A 73 1.19 3.66 4.56
C ILE A 73 1.59 2.92 3.28
N ILE A 74 1.21 1.65 3.22
CA ILE A 74 1.51 0.84 2.06
C ILE A 74 0.67 1.28 0.87
N ASN A 75 -0.61 1.49 1.11
CA ASN A 75 -1.54 1.91 0.06
C ASN A 75 -1.14 3.24 -0.56
N ASP A 76 -0.71 4.18 0.26
CA ASP A 76 -0.27 5.49 -0.22
C ASP A 76 0.98 5.33 -1.08
N LEU A 77 1.84 4.43 -0.65
CA LEU A 77 3.07 4.11 -1.37
C LEU A 77 2.73 3.55 -2.76
N LEU A 78 1.76 2.64 -2.80
CA LEU A 78 1.27 2.07 -4.06
C LEU A 78 0.70 3.18 -4.93
N GLN A 79 -0.14 3.99 -4.31
CA GLN A 79 -0.85 5.07 -4.98
C GLN A 79 0.11 6.10 -5.56
N SER A 80 1.24 6.29 -4.89
CA SER A 80 2.20 7.31 -5.30
C SER A 80 2.98 6.85 -6.53
N LEU A 81 3.06 5.54 -6.72
CA LEU A 81 3.72 4.99 -7.90
C LEU A 81 2.74 4.96 -9.05
N ARG A 82 1.49 4.69 -8.71
CA ARG A 82 0.43 4.60 -9.69
C ARG A 82 0.17 5.96 -10.33
N SER A 83 -0.27 6.91 -9.51
CA SER A 83 -0.59 8.26 -9.97
C SER A 83 -1.44 8.25 -11.23
N GLY A 84 -2.62 7.64 -11.13
CA GLY A 84 -3.52 7.57 -12.26
C GLY A 84 -4.42 8.78 -12.33
N PRO A 85 -5.32 8.84 -13.33
CA PRO A 85 -6.25 9.96 -13.48
C PRO A 85 -7.13 10.14 -12.24
N PRO A 86 -7.05 11.33 -11.61
CA PRO A 86 -7.81 11.63 -10.38
C PRO A 86 -9.31 11.69 -10.63
N GLY A 87 -9.70 11.98 -11.85
CA GLY A 87 -11.10 12.10 -12.18
C GLY A 87 -11.43 13.44 -12.82
N PRO A 88 -11.74 14.46 -12.00
CA PRO A 88 -12.03 15.81 -12.50
C PRO A 88 -10.82 16.41 -13.21
N PRO A 89 -11.06 17.09 -14.34
CA PRO A 89 -10.00 17.76 -15.11
C PRO A 89 -9.32 18.87 -14.32
N GLY A 90 -8.16 18.54 -13.76
CA GLY A 90 -7.39 19.51 -12.99
C GLY A 90 -6.03 18.97 -12.65
N GLY A 91 -5.42 19.49 -11.60
CA GLY A 91 -4.12 19.02 -11.20
C GLY A 91 -3.00 19.91 -11.70
N PRO A 92 -2.21 19.44 -12.67
CA PRO A 92 -1.10 20.21 -13.24
C PRO A 92 -1.56 21.43 -14.04
N GLY A 93 -1.50 22.60 -13.41
CA GLY A 93 -1.86 23.83 -14.09
C GLY A 93 -3.18 24.40 -13.61
N MET A 94 -3.30 24.58 -12.31
CA MET A 94 -4.52 25.13 -11.74
C MET A 94 -4.28 26.55 -11.22
N PRO A 95 -4.94 27.54 -11.82
CA PRO A 95 -4.87 28.93 -11.35
C PRO A 95 -5.64 29.12 -10.04
N PRO A 96 -4.96 29.57 -8.99
CA PRO A 96 -5.57 29.77 -7.66
C PRO A 96 -6.39 31.06 -7.59
N GLY A 97 -7.20 31.28 -8.61
CA GLY A 97 -8.03 32.46 -8.67
C GLY A 97 -8.55 32.71 -10.06
N GLY A 98 -9.67 33.41 -10.16
CA GLY A 98 -10.26 33.67 -11.44
C GLY A 98 -11.66 34.23 -11.33
N ARG A 99 -11.98 35.16 -12.22
CA ARG A 99 -13.30 35.76 -12.26
C ARG A 99 -14.00 35.42 -13.57
N GLY A 100 -13.25 34.85 -14.51
CA GLY A 100 -13.81 34.49 -15.79
C GLY A 100 -13.95 35.68 -16.72
N ARG A 101 -14.79 36.63 -16.31
CA ARG A 101 -15.01 37.84 -17.08
C ARG A 101 -13.78 38.73 -17.05
N GLY A 102 -13.41 39.18 -15.86
CA GLY A 102 -12.26 40.03 -15.72
C GLY A 102 -12.64 41.49 -15.57
N ARG A 103 -12.54 42.01 -14.35
CA ARG A 103 -12.86 43.41 -14.10
C ARG A 103 -11.60 44.25 -14.12
N GLY A 104 -10.44 43.58 -14.23
CA GLY A 104 -9.17 44.28 -14.23
C GLY A 104 -9.06 45.28 -15.36
N GLN A 105 -8.90 46.56 -15.00
CA GLN A 105 -8.81 47.66 -15.96
C GLN A 105 -10.07 47.74 -16.82
N GLY A 106 -11.18 47.27 -16.27
CA GLY A 106 -12.43 47.28 -16.99
C GLY A 106 -13.41 48.30 -16.43
N GLY A 1 -20.17 -5.56 27.69
CA GLY A 1 -19.33 -6.68 27.21
C GLY A 1 -19.74 -7.17 25.84
N ALA A 2 -20.80 -7.97 25.79
CA ALA A 2 -21.27 -8.56 24.55
C ALA A 2 -22.10 -7.58 23.72
N MET A 3 -21.52 -6.45 23.40
CA MET A 3 -22.15 -5.46 22.54
C MET A 3 -21.26 -5.14 21.36
N ALA A 4 -21.65 -5.60 20.19
CA ALA A 4 -20.84 -5.47 18.99
C ALA A 4 -21.32 -4.33 18.11
N TYR A 5 -20.61 -3.21 18.17
CA TYR A 5 -20.92 -2.06 17.33
C TYR A 5 -19.63 -1.48 16.77
N GLY A 6 -19.28 -1.89 15.56
CA GLY A 6 -18.06 -1.42 14.93
C GLY A 6 -16.94 -2.44 15.00
N SER A 7 -17.31 -3.70 15.11
CA SER A 7 -16.33 -4.78 15.17
C SER A 7 -15.86 -5.15 13.76
N ARG A 8 -15.10 -4.25 13.15
CA ARG A 8 -14.66 -4.41 11.77
C ARG A 8 -13.42 -5.28 11.68
N ILE A 9 -12.29 -4.74 12.10
CA ILE A 9 -11.01 -5.46 12.00
C ILE A 9 -10.84 -6.38 13.21
N GLY A 10 -10.53 -7.64 12.94
CA GLY A 10 -10.36 -8.61 14.00
C GLY A 10 -8.90 -8.94 14.27
N GLY A 11 -8.07 -7.91 14.34
CA GLY A 11 -6.66 -8.10 14.62
C GLY A 11 -5.82 -8.11 13.36
N GLY A 12 -5.12 -9.21 13.12
CA GLY A 12 -4.29 -9.34 11.94
C GLY A 12 -5.11 -9.46 10.67
N ILE A 13 -4.81 -8.62 9.69
CA ILE A 13 -5.56 -8.58 8.44
C ILE A 13 -4.69 -8.99 7.27
N ASP A 14 -5.33 -9.31 6.15
CA ASP A 14 -4.64 -9.69 4.93
C ASP A 14 -4.73 -8.55 3.92
N VAL A 15 -3.58 -8.03 3.50
CA VAL A 15 -3.54 -6.93 2.55
C VAL A 15 -2.88 -7.35 1.25
N PRO A 16 -3.48 -6.98 0.10
CA PRO A 16 -2.97 -7.34 -1.21
C PRO A 16 -2.01 -6.29 -1.78
N VAL A 17 -0.77 -6.71 -2.02
CA VAL A 17 0.22 -5.84 -2.62
C VAL A 17 0.60 -6.34 -4.02
N PRO A 18 0.40 -5.52 -5.05
CA PRO A 18 0.70 -5.89 -6.44
C PRO A 18 2.11 -6.45 -6.60
N ARG A 19 2.22 -7.53 -7.38
CA ARG A 19 3.49 -8.22 -7.59
C ARG A 19 4.54 -7.30 -8.24
N HIS A 20 4.09 -6.27 -8.92
CA HIS A 20 5.03 -5.31 -9.51
C HIS A 20 5.38 -4.20 -8.52
N SER A 21 5.02 -4.39 -7.26
CA SER A 21 5.34 -3.44 -6.20
C SER A 21 5.65 -4.17 -4.88
N VAL A 22 5.86 -5.48 -4.96
CA VAL A 22 6.12 -6.26 -3.77
C VAL A 22 7.42 -5.83 -3.08
N GLY A 23 8.45 -5.59 -3.87
CA GLY A 23 9.73 -5.17 -3.31
C GLY A 23 9.77 -3.69 -3.03
N VAL A 24 9.05 -2.90 -3.83
CA VAL A 24 9.00 -1.45 -3.65
C VAL A 24 8.50 -1.06 -2.25
N VAL A 25 7.52 -1.80 -1.70
CA VAL A 25 6.95 -1.44 -0.40
C VAL A 25 7.81 -1.96 0.75
N ILE A 26 8.53 -3.06 0.53
CA ILE A 26 9.43 -3.57 1.55
C ILE A 26 10.77 -2.85 1.52
N GLY A 27 11.16 -2.43 0.32
CA GLY A 27 12.42 -1.74 0.15
C GLY A 27 13.49 -2.67 -0.39
N ARG A 28 14.63 -2.11 -0.74
CA ARG A 28 15.73 -2.89 -1.28
C ARG A 28 16.33 -3.78 -0.21
N SER A 29 16.23 -3.33 1.03
CA SER A 29 16.86 -4.00 2.15
C SER A 29 15.85 -4.25 3.27
N GLY A 30 14.57 -4.09 2.95
CA GLY A 30 13.54 -4.21 3.96
C GLY A 30 13.44 -2.97 4.82
N GLU A 31 14.32 -2.01 4.55
CA GLU A 31 14.34 -0.74 5.26
C GLU A 31 12.99 -0.06 5.22
N MET A 32 12.30 -0.25 4.11
CA MET A 32 11.05 0.45 3.85
C MET A 32 9.89 -0.17 4.61
N ILE A 33 9.81 -1.50 4.63
CA ILE A 33 8.72 -2.16 5.33
C ILE A 33 8.92 -2.05 6.85
N LYS A 34 10.17 -1.95 7.29
CA LYS A 34 10.46 -1.72 8.69
C LYS A 34 9.91 -0.36 9.11
N LYS A 35 9.91 0.58 8.18
CA LYS A 35 9.32 1.89 8.42
C LYS A 35 7.82 1.76 8.54
N ILE A 36 7.21 0.98 7.65
CA ILE A 36 5.77 0.75 7.67
C ILE A 36 5.36 0.06 8.97
N GLN A 37 6.13 -0.94 9.37
CA GLN A 37 5.87 -1.67 10.60
C GLN A 37 6.05 -0.77 11.81
N ASN A 38 7.12 0.01 11.81
CA ASN A 38 7.44 0.91 12.93
C ASN A 38 6.42 2.04 13.01
N ASP A 39 6.16 2.68 11.88
CA ASP A 39 5.25 3.82 11.80
C ASP A 39 3.87 3.46 12.36
N ALA A 40 3.38 2.27 12.03
CA ALA A 40 2.06 1.86 12.45
C ALA A 40 2.08 1.02 13.72
N GLY A 41 3.23 0.41 14.00
CA GLY A 41 3.37 -0.42 15.18
C GLY A 41 2.79 -1.81 15.00
N VAL A 42 2.97 -2.38 13.82
CA VAL A 42 2.39 -3.69 13.51
C VAL A 42 3.45 -4.67 13.04
N ARG A 43 3.05 -5.93 12.89
CA ARG A 43 3.92 -6.96 12.32
C ARG A 43 3.43 -7.30 10.92
N ILE A 44 4.19 -6.89 9.91
CA ILE A 44 3.79 -7.11 8.54
C ILE A 44 4.66 -8.17 7.87
N GLN A 45 4.12 -9.37 7.71
CA GLN A 45 4.85 -10.41 7.04
C GLN A 45 4.14 -10.81 5.74
N PHE A 46 4.87 -10.86 4.66
CA PHE A 46 4.34 -11.40 3.42
C PHE A 46 4.23 -12.91 3.58
N LYS A 47 3.04 -13.44 3.31
CA LYS A 47 2.76 -14.86 3.57
C LYS A 47 3.36 -15.76 2.51
N GLN A 48 4.66 -15.55 2.23
CA GLN A 48 5.39 -16.28 1.19
C GLN A 48 4.76 -16.03 -0.18
N ASP A 49 3.71 -16.78 -0.46
CA ASP A 49 2.88 -16.56 -1.64
C ASP A 49 1.50 -17.12 -1.36
N ASP A 50 0.50 -16.24 -1.36
CA ASP A 50 -0.86 -16.63 -1.01
C ASP A 50 -1.49 -17.35 -2.18
N GLY A 51 -0.89 -17.15 -3.36
CA GLY A 51 -1.38 -17.79 -4.58
C GLY A 51 -2.73 -17.25 -4.98
N THR A 52 -3.00 -16.03 -4.56
CA THR A 52 -4.31 -15.43 -4.75
C THR A 52 -4.22 -14.14 -5.57
N GLY A 53 -4.39 -14.27 -6.88
CA GLY A 53 -4.40 -13.11 -7.76
C GLY A 53 -3.01 -12.65 -8.15
N PRO A 54 -2.90 -11.46 -8.75
CA PRO A 54 -1.62 -10.87 -9.16
C PRO A 54 -0.96 -10.11 -8.02
N GLU A 55 -1.50 -10.27 -6.83
CA GLU A 55 -0.97 -9.60 -5.65
C GLU A 55 -0.37 -10.61 -4.69
N LYS A 56 0.37 -10.08 -3.74
CA LYS A 56 0.93 -10.87 -2.66
C LYS A 56 0.21 -10.49 -1.38
N ILE A 57 -0.35 -11.46 -0.69
CA ILE A 57 -1.04 -11.18 0.54
C ILE A 57 -0.06 -11.05 1.68
N ALA A 58 -0.14 -9.90 2.33
CA ALA A 58 0.68 -9.61 3.48
C ALA A 58 -0.18 -9.62 4.73
N HIS A 59 0.27 -10.32 5.75
CA HIS A 59 -0.50 -10.44 6.97
C HIS A 59 -0.05 -9.39 7.96
N ILE A 60 -0.82 -8.31 8.03
CA ILE A 60 -0.55 -7.23 8.98
C ILE A 60 -1.18 -7.58 10.33
N MET A 61 -0.36 -8.01 11.27
CA MET A 61 -0.83 -8.43 12.57
C MET A 61 -0.56 -7.40 13.64
N GLY A 62 -1.51 -7.26 14.55
CA GLY A 62 -1.34 -6.36 15.67
C GLY A 62 -2.67 -5.84 16.15
N PRO A 63 -2.67 -4.76 16.94
CA PRO A 63 -3.91 -4.10 17.34
C PRO A 63 -4.64 -3.51 16.14
N PRO A 64 -5.92 -3.84 15.96
CA PRO A 64 -6.71 -3.51 14.76
C PRO A 64 -6.51 -2.08 14.25
N ASP A 65 -6.50 -1.11 15.15
CA ASP A 65 -6.33 0.30 14.79
C ASP A 65 -4.99 0.54 14.12
N ARG A 66 -3.97 -0.16 14.59
CA ARG A 66 -2.63 -0.07 14.00
C ARG A 66 -2.62 -0.69 12.62
N CYS A 67 -3.39 -1.75 12.46
CA CYS A 67 -3.51 -2.42 11.17
C CYS A 67 -4.08 -1.48 10.13
N GLU A 68 -5.05 -0.66 10.54
CA GLU A 68 -5.64 0.35 9.67
C GLU A 68 -4.59 1.37 9.26
N HIS A 69 -3.82 1.82 10.24
CA HIS A 69 -2.72 2.75 10.02
C HIS A 69 -1.73 2.17 9.00
N ALA A 70 -1.36 0.92 9.25
CA ALA A 70 -0.39 0.20 8.43
C ALA A 70 -0.88 0.04 6.99
N ALA A 71 -2.14 -0.36 6.85
CA ALA A 71 -2.75 -0.56 5.54
C ALA A 71 -2.69 0.71 4.70
N ARG A 72 -2.95 1.83 5.34
CA ARG A 72 -2.96 3.12 4.65
C ARG A 72 -1.58 3.49 4.14
N ILE A 73 -0.55 3.17 4.92
CA ILE A 73 0.84 3.45 4.54
C ILE A 73 1.20 2.75 3.24
N ILE A 74 0.89 1.47 3.15
CA ILE A 74 1.20 0.69 1.96
C ILE A 74 0.37 1.17 0.78
N ASN A 75 -0.92 1.40 1.02
CA ASN A 75 -1.84 1.84 -0.03
C ASN A 75 -1.44 3.18 -0.61
N ASP A 76 -1.12 4.13 0.26
CA ASP A 76 -0.71 5.47 -0.17
C ASP A 76 0.66 5.42 -0.85
N LEU A 77 1.49 4.49 -0.40
CA LEU A 77 2.81 4.26 -0.99
C LEU A 77 2.66 3.83 -2.45
N LEU A 78 1.82 2.83 -2.67
CA LEU A 78 1.51 2.36 -4.02
C LEU A 78 0.97 3.51 -4.86
N GLN A 79 0.06 4.26 -4.27
CA GLN A 79 -0.61 5.36 -4.94
C GLN A 79 0.38 6.46 -5.34
N SER A 80 1.43 6.62 -4.55
CA SER A 80 2.44 7.63 -4.82
C SER A 80 3.28 7.22 -6.03
N LEU A 81 3.55 5.92 -6.13
CA LEU A 81 4.30 5.38 -7.27
C LEU A 81 3.42 5.43 -8.51
N ARG A 82 2.16 5.12 -8.31
CA ARG A 82 1.18 5.07 -9.39
C ARG A 82 1.07 6.43 -10.07
N SER A 83 0.59 7.41 -9.31
CA SER A 83 0.42 8.78 -9.81
C SER A 83 -0.34 8.80 -11.14
N GLY A 84 -1.57 8.30 -11.13
CA GLY A 84 -2.38 8.30 -12.33
C GLY A 84 -2.84 9.71 -12.68
N PRO A 85 -3.81 10.25 -11.95
CA PRO A 85 -4.23 11.65 -12.09
C PRO A 85 -3.33 12.59 -11.28
N PRO A 86 -2.52 13.40 -11.97
CA PRO A 86 -1.61 14.36 -11.32
C PRO A 86 -2.34 15.28 -10.36
N GLY A 87 -1.69 15.61 -9.26
CA GLY A 87 -2.32 16.39 -8.21
C GLY A 87 -1.42 16.53 -7.00
N PRO A 88 -1.03 15.40 -6.37
CA PRO A 88 -0.08 15.40 -5.25
C PRO A 88 1.27 15.99 -5.65
N PRO A 89 1.77 16.97 -4.88
CA PRO A 89 3.06 17.61 -5.14
C PRO A 89 4.23 16.68 -4.84
N GLY A 90 5.44 17.18 -5.03
CA GLY A 90 6.64 16.38 -4.80
C GLY A 90 6.70 15.81 -3.39
N GLY A 91 6.75 16.69 -2.40
CA GLY A 91 6.83 16.24 -1.03
C GLY A 91 7.11 17.38 -0.07
N PRO A 92 7.59 17.07 1.15
CA PRO A 92 7.87 18.08 2.18
C PRO A 92 9.20 18.80 1.95
N GLY A 93 9.42 19.24 0.71
CA GLY A 93 10.64 19.94 0.37
C GLY A 93 10.45 21.44 0.42
N MET A 94 11.39 22.17 -0.20
CA MET A 94 11.38 23.64 -0.23
C MET A 94 11.71 24.23 1.14
N PRO A 95 12.67 25.17 1.20
CA PRO A 95 13.01 25.88 2.41
C PRO A 95 12.22 27.19 2.54
N PRO A 96 11.08 27.17 3.24
CA PRO A 96 10.19 28.31 3.36
C PRO A 96 10.46 29.15 4.61
N GLY A 97 11.71 29.18 5.02
CA GLY A 97 12.09 29.88 6.24
C GLY A 97 11.97 31.38 6.12
N GLY A 98 11.05 31.96 6.90
CA GLY A 98 10.92 33.40 6.94
C GLY A 98 10.19 33.98 5.74
N ARG A 99 10.87 34.00 4.61
CA ARG A 99 10.33 34.62 3.40
C ARG A 99 9.38 33.68 2.66
N GLY A 100 9.38 32.42 3.05
CA GLY A 100 8.52 31.45 2.40
C GLY A 100 7.16 31.39 3.06
N ARG A 101 7.09 30.69 4.18
CA ARG A 101 5.85 30.57 4.92
C ARG A 101 6.07 30.97 6.36
N GLY A 102 5.36 32.01 6.78
CA GLY A 102 5.50 32.51 8.13
C GLY A 102 4.35 33.42 8.50
N ARG A 103 4.06 33.52 9.79
CA ARG A 103 2.94 34.30 10.26
C ARG A 103 3.42 35.51 11.05
N GLY A 104 3.11 36.69 10.53
CA GLY A 104 3.51 37.91 11.18
C GLY A 104 2.45 38.44 12.12
N GLN A 105 2.29 39.75 12.17
CA GLN A 105 1.32 40.37 13.07
C GLN A 105 -0.08 40.29 12.49
N GLY A 106 -0.75 39.19 12.76
CA GLY A 106 -2.10 39.00 12.30
C GLY A 106 -2.79 37.86 13.02
N GLY A 1 -27.56 -0.64 25.01
CA GLY A 1 -26.25 0.02 25.23
C GLY A 1 -25.92 1.00 24.13
N ALA A 2 -25.25 2.08 24.50
CA ALA A 2 -24.88 3.11 23.56
C ALA A 2 -23.40 3.47 23.71
N MET A 3 -22.54 2.54 23.31
CA MET A 3 -21.10 2.75 23.40
C MET A 3 -20.41 2.15 22.18
N ALA A 4 -20.49 2.86 21.06
CA ALA A 4 -19.80 2.44 19.83
C ALA A 4 -18.30 2.70 19.95
N TYR A 5 -17.67 1.97 20.86
CA TYR A 5 -16.25 2.12 21.14
C TYR A 5 -15.57 0.76 21.13
N GLY A 6 -14.37 0.72 20.57
CA GLY A 6 -13.61 -0.51 20.51
C GLY A 6 -12.74 -0.56 19.29
N SER A 7 -13.38 -0.62 18.12
CA SER A 7 -12.68 -0.60 16.84
C SER A 7 -11.66 -1.73 16.73
N ARG A 8 -12.01 -2.91 17.24
CA ARG A 8 -11.13 -4.07 17.17
C ARG A 8 -11.58 -4.98 16.03
N ILE A 9 -11.34 -4.54 14.80
CA ILE A 9 -11.74 -5.31 13.62
C ILE A 9 -10.74 -6.44 13.37
N GLY A 10 -11.06 -7.62 13.91
CA GLY A 10 -10.25 -8.81 13.67
C GLY A 10 -8.94 -8.80 14.44
N GLY A 11 -8.05 -7.91 14.05
CA GLY A 11 -6.72 -7.88 14.62
C GLY A 11 -5.67 -7.98 13.54
N GLY A 12 -5.29 -9.20 13.20
CA GLY A 12 -4.38 -9.40 12.10
C GLY A 12 -5.13 -9.58 10.80
N ILE A 13 -4.98 -8.61 9.90
CA ILE A 13 -5.76 -8.59 8.67
C ILE A 13 -4.88 -8.89 7.46
N ASP A 14 -5.48 -9.46 6.43
CA ASP A 14 -4.76 -9.79 5.21
C ASP A 14 -4.92 -8.69 4.17
N VAL A 15 -3.81 -8.10 3.78
CA VAL A 15 -3.82 -7.03 2.80
C VAL A 15 -3.16 -7.48 1.49
N PRO A 16 -3.83 -7.28 0.36
CA PRO A 16 -3.29 -7.60 -0.96
C PRO A 16 -2.37 -6.51 -1.50
N VAL A 17 -1.12 -6.88 -1.77
CA VAL A 17 -0.15 -5.94 -2.31
C VAL A 17 0.30 -6.40 -3.70
N PRO A 18 0.15 -5.54 -4.72
CA PRO A 18 0.56 -5.84 -6.10
C PRO A 18 1.94 -6.50 -6.18
N ARG A 19 2.02 -7.59 -6.93
CA ARG A 19 3.26 -8.38 -7.03
C ARG A 19 4.38 -7.60 -7.71
N HIS A 20 4.04 -6.53 -8.40
CA HIS A 20 5.04 -5.64 -8.99
C HIS A 20 5.55 -4.65 -7.95
N SER A 21 4.78 -4.46 -6.89
CA SER A 21 5.10 -3.46 -5.89
C SER A 21 5.41 -4.09 -4.54
N VAL A 22 5.66 -5.41 -4.54
CA VAL A 22 5.97 -6.12 -3.31
C VAL A 22 7.29 -5.62 -2.71
N GLY A 23 8.31 -5.49 -3.55
CA GLY A 23 9.59 -5.03 -3.05
C GLY A 23 9.63 -3.53 -2.89
N VAL A 24 8.89 -2.82 -3.73
CA VAL A 24 8.82 -1.37 -3.66
C VAL A 24 8.34 -0.88 -2.28
N VAL A 25 7.39 -1.60 -1.67
CA VAL A 25 6.87 -1.18 -0.37
C VAL A 25 7.77 -1.63 0.78
N ILE A 26 8.51 -2.72 0.58
CA ILE A 26 9.43 -3.19 1.62
C ILE A 26 10.75 -2.43 1.55
N GLY A 27 11.10 -1.96 0.36
CA GLY A 27 12.30 -1.16 0.18
C GLY A 27 13.43 -1.96 -0.43
N ARG A 28 14.58 -1.33 -0.59
CA ARG A 28 15.73 -1.98 -1.19
C ARG A 28 16.45 -2.83 -0.15
N SER A 29 16.13 -2.61 1.12
CA SER A 29 16.78 -3.31 2.20
C SER A 29 15.79 -3.68 3.31
N GLY A 30 14.51 -3.58 3.00
CA GLY A 30 13.49 -3.89 3.99
C GLY A 30 13.29 -2.77 5.01
N GLU A 31 14.16 -1.75 4.93
CA GLU A 31 14.09 -0.61 5.82
C GLU A 31 12.74 0.07 5.73
N MET A 32 12.18 0.07 4.53
CA MET A 32 10.92 0.75 4.27
C MET A 32 9.75 0.02 4.94
N ILE A 33 9.70 -1.30 4.81
CA ILE A 33 8.61 -2.06 5.43
C ILE A 33 8.74 -2.04 6.95
N LYS A 34 9.97 -1.98 7.44
CA LYS A 34 10.22 -1.87 8.87
C LYS A 34 9.80 -0.49 9.35
N LYS A 35 9.88 0.49 8.46
CA LYS A 35 9.40 1.83 8.77
C LYS A 35 7.88 1.82 8.80
N ILE A 36 7.27 1.04 7.93
CA ILE A 36 5.82 0.87 7.93
C ILE A 36 5.38 0.19 9.22
N GLN A 37 6.11 -0.86 9.60
CA GLN A 37 5.87 -1.58 10.84
C GLN A 37 6.09 -0.68 12.05
N ASN A 38 7.11 0.16 11.97
CA ASN A 38 7.42 1.09 13.06
C ASN A 38 6.41 2.23 13.15
N ASP A 39 6.06 2.79 12.00
CA ASP A 39 5.14 3.93 11.94
C ASP A 39 3.73 3.54 12.37
N ALA A 40 3.39 2.27 12.20
CA ALA A 40 2.05 1.80 12.55
C ALA A 40 2.03 0.92 13.79
N GLY A 41 3.17 0.32 14.11
CA GLY A 41 3.26 -0.55 15.27
C GLY A 41 2.69 -1.93 15.03
N VAL A 42 2.94 -2.50 13.85
CA VAL A 42 2.35 -3.79 13.48
C VAL A 42 3.41 -4.79 13.04
N ARG A 43 2.99 -6.04 12.87
CA ARG A 43 3.84 -7.08 12.33
C ARG A 43 3.31 -7.52 10.96
N ILE A 44 4.04 -7.18 9.92
CA ILE A 44 3.60 -7.50 8.56
C ILE A 44 4.32 -8.73 8.05
N GLN A 45 3.55 -9.78 7.73
CA GLN A 45 4.13 -11.01 7.23
C GLN A 45 3.63 -11.32 5.82
N PHE A 46 4.52 -11.23 4.84
CA PHE A 46 4.18 -11.57 3.46
C PHE A 46 4.06 -13.07 3.30
N LYS A 47 2.95 -13.51 2.71
CA LYS A 47 2.73 -14.92 2.43
C LYS A 47 3.31 -15.28 1.07
N GLN A 48 3.76 -16.52 0.92
CA GLN A 48 4.34 -16.97 -0.33
C GLN A 48 3.26 -17.28 -1.35
N ASP A 49 3.31 -16.61 -2.47
CA ASP A 49 2.36 -16.85 -3.56
C ASP A 49 2.93 -17.91 -4.49
N ASP A 50 2.06 -18.51 -5.29
CA ASP A 50 2.48 -19.53 -6.25
C ASP A 50 2.50 -18.94 -7.66
N GLY A 51 2.56 -17.62 -7.74
CA GLY A 51 2.52 -16.95 -9.03
C GLY A 51 1.10 -16.81 -9.54
N THR A 52 0.15 -17.12 -8.68
CA THR A 52 -1.26 -17.08 -9.03
C THR A 52 -1.92 -15.83 -8.47
N GLY A 53 -2.30 -14.91 -9.34
CA GLY A 53 -2.91 -13.67 -8.91
C GLY A 53 -1.99 -12.50 -9.08
N PRO A 54 -2.53 -11.27 -9.14
CA PRO A 54 -1.73 -10.07 -9.32
C PRO A 54 -1.26 -9.47 -8.00
N GLU A 55 -1.76 -9.99 -6.88
CA GLU A 55 -1.38 -9.48 -5.57
C GLU A 55 -0.74 -10.57 -4.71
N LYS A 56 -0.02 -10.11 -3.71
CA LYS A 56 0.56 -10.94 -2.68
C LYS A 56 -0.19 -10.66 -1.39
N ILE A 57 -0.55 -11.69 -0.64
CA ILE A 57 -1.24 -11.46 0.61
C ILE A 57 -0.27 -11.25 1.75
N ALA A 58 -0.47 -10.14 2.44
CA ALA A 58 0.37 -9.78 3.57
C ALA A 58 -0.47 -9.73 4.84
N HIS A 59 -0.09 -10.51 5.83
CA HIS A 59 -0.86 -10.59 7.05
C HIS A 59 -0.34 -9.56 8.05
N ILE A 60 -1.02 -8.42 8.13
CA ILE A 60 -0.67 -7.38 9.08
C ILE A 60 -1.30 -7.69 10.42
N MET A 61 -0.47 -8.14 11.36
CA MET A 61 -0.95 -8.56 12.67
C MET A 61 -0.64 -7.53 13.74
N GLY A 62 -1.54 -7.40 14.68
CA GLY A 62 -1.39 -6.45 15.75
C GLY A 62 -2.72 -5.87 16.16
N PRO A 63 -2.72 -4.72 16.84
CA PRO A 63 -3.95 -4.01 17.18
C PRO A 63 -4.62 -3.44 15.92
N PRO A 64 -5.89 -3.81 15.68
CA PRO A 64 -6.60 -3.49 14.44
C PRO A 64 -6.39 -2.07 13.93
N ASP A 65 -6.49 -1.08 14.81
CA ASP A 65 -6.28 0.33 14.45
C ASP A 65 -4.90 0.53 13.84
N ARG A 66 -3.90 -0.09 14.44
CA ARG A 66 -2.53 0.00 13.93
C ARG A 66 -2.45 -0.64 12.57
N CYS A 67 -3.21 -1.71 12.39
CA CYS A 67 -3.25 -2.42 11.12
C CYS A 67 -3.93 -1.57 10.05
N GLU A 68 -4.96 -0.82 10.44
CA GLU A 68 -5.61 0.11 9.54
C GLU A 68 -4.64 1.22 9.12
N HIS A 69 -3.87 1.69 10.10
CA HIS A 69 -2.82 2.67 9.84
C HIS A 69 -1.78 2.09 8.89
N ALA A 70 -1.33 0.89 9.22
CA ALA A 70 -0.33 0.18 8.43
C ALA A 70 -0.77 -0.02 6.99
N ALA A 71 -2.03 -0.44 6.82
CA ALA A 71 -2.58 -0.65 5.49
C ALA A 71 -2.57 0.65 4.69
N ARG A 72 -2.90 1.74 5.37
CA ARG A 72 -2.97 3.06 4.74
C ARG A 72 -1.60 3.42 4.16
N ILE A 73 -0.54 3.14 4.92
CA ILE A 73 0.83 3.44 4.49
C ILE A 73 1.17 2.71 3.20
N ILE A 74 0.94 1.40 3.18
CA ILE A 74 1.26 0.58 2.02
C ILE A 74 0.40 0.99 0.83
N ASN A 75 -0.89 1.21 1.09
CA ASN A 75 -1.83 1.59 0.05
C ASN A 75 -1.46 2.92 -0.58
N ASP A 76 -1.17 3.91 0.27
CA ASP A 76 -0.78 5.23 -0.20
C ASP A 76 0.54 5.16 -0.97
N LEU A 77 1.44 4.31 -0.49
CA LEU A 77 2.71 4.09 -1.14
C LEU A 77 2.51 3.55 -2.56
N LEU A 78 1.62 2.56 -2.69
CA LEU A 78 1.25 2.01 -4.00
C LEU A 78 0.65 3.11 -4.87
N GLN A 79 -0.27 3.85 -4.28
CA GLN A 79 -1.00 4.90 -4.96
C GLN A 79 -0.05 5.99 -5.47
N SER A 80 1.02 6.23 -4.73
CA SER A 80 1.97 7.29 -5.06
C SER A 80 2.75 6.95 -6.33
N LEU A 81 2.94 5.67 -6.56
CA LEU A 81 3.67 5.20 -7.73
C LEU A 81 2.86 5.45 -8.99
N ARG A 82 1.56 5.58 -8.83
CA ARG A 82 0.67 5.72 -9.96
C ARG A 82 0.17 7.15 -10.12
N SER A 83 0.86 8.10 -9.49
CA SER A 83 0.48 9.51 -9.60
C SER A 83 0.86 10.05 -10.98
N GLY A 84 1.90 9.49 -11.55
CA GLY A 84 2.37 9.94 -12.85
C GLY A 84 3.72 10.62 -12.76
N PRO A 85 4.23 11.16 -13.87
CA PRO A 85 5.53 11.86 -13.90
C PRO A 85 5.52 13.10 -13.02
N PRO A 86 6.43 13.16 -12.03
CA PRO A 86 6.54 14.31 -11.13
C PRO A 86 6.95 15.57 -11.87
N GLY A 87 6.05 16.52 -11.95
CA GLY A 87 6.32 17.77 -12.62
C GLY A 87 5.21 18.77 -12.39
N PRO A 88 4.13 18.70 -13.19
CA PRO A 88 2.96 19.55 -13.00
C PRO A 88 2.11 19.09 -11.81
N PRO A 89 2.15 19.85 -10.69
CA PRO A 89 1.47 19.48 -9.46
C PRO A 89 -0.06 19.60 -9.56
N GLY A 90 -0.52 20.48 -10.44
CA GLY A 90 -1.94 20.68 -10.61
C GLY A 90 -2.58 19.59 -11.44
N GLY A 91 -2.56 18.38 -10.91
CA GLY A 91 -3.21 17.26 -11.58
C GLY A 91 -4.61 17.04 -11.06
N PRO A 92 -5.62 17.12 -11.93
CA PRO A 92 -7.03 17.00 -11.54
C PRO A 92 -7.44 15.56 -11.20
N GLY A 93 -6.60 14.86 -10.46
CA GLY A 93 -6.93 13.54 -10.00
C GLY A 93 -7.89 13.60 -8.83
N MET A 94 -7.69 14.61 -8.00
CA MET A 94 -8.57 14.88 -6.88
C MET A 94 -9.16 16.28 -7.01
N PRO A 95 -10.48 16.39 -7.11
CA PRO A 95 -11.16 17.69 -7.24
C PRO A 95 -11.09 18.50 -5.94
N PRO A 96 -10.38 19.63 -5.97
CA PRO A 96 -10.25 20.51 -4.82
C PRO A 96 -11.42 21.49 -4.74
N GLY A 97 -12.54 21.01 -4.23
CA GLY A 97 -13.75 21.80 -4.21
C GLY A 97 -14.67 21.44 -5.35
N GLY A 98 -15.96 21.29 -5.07
CA GLY A 98 -16.91 20.89 -6.08
C GLY A 98 -17.50 22.07 -6.80
N ARG A 99 -18.81 22.05 -7.01
CA ARG A 99 -19.50 23.13 -7.68
C ARG A 99 -20.79 23.46 -6.94
N GLY A 100 -20.66 23.68 -5.64
CA GLY A 100 -21.80 23.97 -4.81
C GLY A 100 -22.36 25.36 -5.03
N ARG A 101 -23.12 25.51 -6.10
CA ARG A 101 -23.78 26.77 -6.39
C ARG A 101 -25.27 26.66 -6.07
N GLY A 102 -25.59 26.87 -4.80
CA GLY A 102 -26.94 26.72 -4.34
C GLY A 102 -26.99 26.42 -2.86
N ARG A 103 -27.70 25.36 -2.49
CA ARG A 103 -27.85 24.95 -1.10
C ARG A 103 -28.59 26.02 -0.30
N GLY A 104 -29.89 26.08 -0.51
CA GLY A 104 -30.73 26.98 0.24
C GLY A 104 -31.77 26.21 1.04
N GLN A 105 -33.02 26.58 0.90
CA GLN A 105 -34.10 25.85 1.54
C GLN A 105 -35.14 25.43 0.49
N GLY A 106 -34.82 24.37 -0.23
CA GLY A 106 -35.70 23.92 -1.30
C GLY A 106 -34.91 23.58 -2.57
N GLY A 1 -21.36 -18.23 -3.51
CA GLY A 1 -21.34 -16.74 -3.42
C GLY A 1 -21.57 -16.25 -2.01
N ALA A 2 -20.51 -15.83 -1.35
CA ALA A 2 -20.59 -15.34 0.02
C ALA A 2 -20.75 -13.83 0.06
N MET A 3 -21.64 -13.35 0.91
CA MET A 3 -21.88 -11.92 1.06
C MET A 3 -21.34 -11.44 2.41
N ALA A 4 -20.54 -10.38 2.37
CA ALA A 4 -19.96 -9.79 3.59
C ALA A 4 -19.12 -10.82 4.35
N TYR A 5 -18.35 -11.60 3.61
CA TYR A 5 -17.60 -12.71 4.18
C TYR A 5 -16.14 -12.31 4.38
N GLY A 6 -15.83 -11.78 5.55
CA GLY A 6 -14.47 -11.38 5.85
C GLY A 6 -14.36 -9.92 6.26
N SER A 7 -15.50 -9.30 6.52
CA SER A 7 -15.55 -7.91 6.94
C SER A 7 -15.25 -7.78 8.44
N ARG A 8 -14.11 -8.30 8.85
CA ARG A 8 -13.73 -8.32 10.26
C ARG A 8 -12.28 -7.85 10.45
N ILE A 9 -12.13 -6.59 10.84
CA ILE A 9 -10.80 -6.04 11.11
C ILE A 9 -10.34 -6.41 12.52
N GLY A 10 -9.65 -7.54 12.62
CA GLY A 10 -9.20 -8.01 13.91
C GLY A 10 -7.70 -7.92 14.07
N GLY A 11 -7.14 -8.83 14.86
CA GLY A 11 -5.71 -8.85 15.08
C GLY A 11 -4.96 -9.48 13.93
N GLY A 12 -4.87 -8.75 12.83
CA GLY A 12 -4.16 -9.24 11.67
C GLY A 12 -5.01 -9.25 10.44
N ILE A 13 -4.74 -8.34 9.53
CA ILE A 13 -5.51 -8.21 8.30
C ILE A 13 -4.69 -8.67 7.10
N ASP A 14 -5.36 -9.24 6.12
CA ASP A 14 -4.70 -9.73 4.92
C ASP A 14 -4.75 -8.66 3.84
N VAL A 15 -3.60 -8.04 3.57
CA VAL A 15 -3.53 -6.99 2.57
C VAL A 15 -2.86 -7.48 1.29
N PRO A 16 -3.55 -7.36 0.15
CA PRO A 16 -3.01 -7.79 -1.13
C PRO A 16 -2.17 -6.70 -1.80
N VAL A 17 -0.86 -6.88 -1.77
CA VAL A 17 0.05 -5.95 -2.42
C VAL A 17 0.45 -6.47 -3.80
N PRO A 18 0.33 -5.63 -4.84
CA PRO A 18 0.73 -5.99 -6.20
C PRO A 18 2.13 -6.60 -6.25
N ARG A 19 2.27 -7.68 -7.01
CA ARG A 19 3.51 -8.42 -7.09
C ARG A 19 4.61 -7.61 -7.76
N HIS A 20 4.23 -6.53 -8.42
CA HIS A 20 5.20 -5.64 -9.02
C HIS A 20 5.60 -4.55 -8.03
N SER A 21 4.91 -4.52 -6.89
CA SER A 21 5.18 -3.52 -5.87
C SER A 21 5.55 -4.18 -4.54
N VAL A 22 5.79 -5.49 -4.58
CA VAL A 22 6.14 -6.23 -3.37
C VAL A 22 7.44 -5.73 -2.77
N GLY A 23 8.44 -5.53 -3.63
CA GLY A 23 9.72 -5.05 -3.14
C GLY A 23 9.70 -3.55 -2.91
N VAL A 24 8.97 -2.82 -3.75
CA VAL A 24 8.89 -1.37 -3.66
C VAL A 24 8.44 -0.89 -2.27
N VAL A 25 7.51 -1.61 -1.63
CA VAL A 25 7.01 -1.19 -0.33
C VAL A 25 7.93 -1.66 0.80
N ILE A 26 8.64 -2.77 0.58
CA ILE A 26 9.57 -3.27 1.59
C ILE A 26 10.93 -2.56 1.48
N GLY A 27 11.26 -2.12 0.28
CA GLY A 27 12.50 -1.42 0.06
C GLY A 27 13.50 -2.25 -0.71
N ARG A 28 14.77 -2.04 -0.45
CA ARG A 28 15.82 -2.82 -1.09
C ARG A 28 16.51 -3.67 -0.03
N SER A 29 16.19 -3.37 1.22
CA SER A 29 16.81 -4.04 2.35
C SER A 29 15.77 -4.25 3.45
N GLY A 30 14.51 -4.05 3.10
CA GLY A 30 13.46 -4.13 4.09
C GLY A 30 13.44 -2.91 5.00
N GLU A 31 14.25 -1.93 4.65
CA GLU A 31 14.38 -0.72 5.45
C GLU A 31 13.09 0.09 5.37
N MET A 32 12.40 -0.07 4.25
CA MET A 32 11.18 0.68 3.99
C MET A 32 10.02 0.06 4.74
N ILE A 33 9.90 -1.27 4.70
CA ILE A 33 8.82 -1.96 5.38
C ILE A 33 8.99 -1.89 6.89
N LYS A 34 10.24 -1.79 7.35
CA LYS A 34 10.51 -1.67 8.78
C LYS A 34 9.94 -0.37 9.32
N LYS A 35 9.95 0.67 8.50
CA LYS A 35 9.38 1.95 8.89
C LYS A 35 7.86 1.83 8.95
N ILE A 36 7.29 1.11 7.99
CA ILE A 36 5.85 0.89 7.94
C ILE A 36 5.38 0.12 9.17
N GLN A 37 6.11 -0.94 9.50
CA GLN A 37 5.81 -1.73 10.69
C GLN A 37 5.99 -0.87 11.95
N ASN A 38 7.05 -0.07 11.96
CA ASN A 38 7.36 0.80 13.10
C ASN A 38 6.30 1.89 13.30
N ASP A 39 6.02 2.63 12.24
CA ASP A 39 5.10 3.78 12.31
C ASP A 39 3.73 3.35 12.80
N ALA A 40 3.24 2.23 12.30
CA ALA A 40 1.92 1.74 12.65
C ALA A 40 1.95 0.90 13.92
N GLY A 41 3.12 0.38 14.26
CA GLY A 41 3.26 -0.45 15.45
C GLY A 41 2.72 -1.85 15.23
N VAL A 42 2.98 -2.39 14.04
CA VAL A 42 2.46 -3.69 13.65
C VAL A 42 3.58 -4.64 13.24
N ARG A 43 3.23 -5.90 13.05
CA ARG A 43 4.17 -6.89 12.50
C ARG A 43 3.65 -7.39 11.17
N ILE A 44 4.34 -7.05 10.09
CA ILE A 44 3.88 -7.39 8.76
C ILE A 44 4.65 -8.58 8.20
N GLN A 45 3.92 -9.60 7.77
CA GLN A 45 4.52 -10.78 7.17
C GLN A 45 4.05 -10.93 5.72
N PHE A 46 4.97 -10.86 4.78
CA PHE A 46 4.66 -11.18 3.40
C PHE A 46 4.56 -12.69 3.24
N LYS A 47 3.32 -13.18 3.20
CA LYS A 47 3.07 -14.62 3.14
C LYS A 47 3.42 -15.18 1.78
N GLN A 48 4.35 -16.12 1.75
CA GLN A 48 4.71 -16.80 0.52
C GLN A 48 3.51 -17.59 -0.01
N ASP A 49 3.04 -17.18 -1.18
CA ASP A 49 1.82 -17.71 -1.74
C ASP A 49 2.08 -19.01 -2.50
N ASP A 50 1.01 -19.72 -2.82
CA ASP A 50 1.09 -20.95 -3.58
C ASP A 50 0.26 -20.82 -4.86
N GLY A 51 0.31 -19.63 -5.45
CA GLY A 51 -0.50 -19.34 -6.61
C GLY A 51 -1.89 -18.89 -6.23
N THR A 52 -1.98 -18.22 -5.10
CA THR A 52 -3.26 -17.77 -4.58
C THR A 52 -3.43 -16.27 -4.74
N GLY A 53 -4.09 -15.86 -5.82
CA GLY A 53 -4.36 -14.46 -6.03
C GLY A 53 -3.28 -13.78 -6.85
N PRO A 54 -3.63 -12.70 -7.58
CA PRO A 54 -2.68 -11.96 -8.40
C PRO A 54 -1.77 -11.08 -7.56
N GLU A 55 -2.18 -10.82 -6.32
CA GLU A 55 -1.39 -10.00 -5.42
C GLU A 55 -0.67 -10.87 -4.39
N LYS A 56 0.07 -10.22 -3.51
CA LYS A 56 0.77 -10.88 -2.44
C LYS A 56 0.13 -10.55 -1.11
N ILE A 57 -0.48 -11.53 -0.48
CA ILE A 57 -1.14 -11.34 0.79
C ILE A 57 -0.13 -11.14 1.92
N ALA A 58 -0.02 -9.91 2.37
CA ALA A 58 0.78 -9.60 3.54
C ALA A 58 -0.11 -9.56 4.76
N HIS A 59 0.27 -10.25 5.80
CA HIS A 59 -0.52 -10.31 7.00
C HIS A 59 -0.04 -9.27 8.00
N ILE A 60 -0.75 -8.15 8.06
CA ILE A 60 -0.43 -7.10 9.01
C ILE A 60 -1.09 -7.41 10.35
N MET A 61 -0.30 -7.87 11.30
CA MET A 61 -0.82 -8.30 12.59
C MET A 61 -0.56 -7.27 13.68
N GLY A 62 -1.55 -7.10 14.55
CA GLY A 62 -1.43 -6.17 15.64
C GLY A 62 -2.79 -5.67 16.08
N PRO A 63 -2.86 -4.56 16.83
CA PRO A 63 -4.12 -3.92 17.18
C PRO A 63 -4.83 -3.41 15.93
N PRO A 64 -6.14 -3.70 15.82
CA PRO A 64 -6.93 -3.46 14.59
C PRO A 64 -6.83 -2.05 14.04
N ASP A 65 -6.70 -1.05 14.91
CA ASP A 65 -6.60 0.33 14.46
C ASP A 65 -5.21 0.60 13.89
N ARG A 66 -4.22 -0.12 14.40
CA ARG A 66 -2.87 -0.04 13.87
C ARG A 66 -2.79 -0.77 12.54
N CYS A 67 -3.59 -1.82 12.41
CA CYS A 67 -3.69 -2.55 11.15
C CYS A 67 -4.15 -1.60 10.05
N GLU A 68 -5.12 -0.75 10.38
CA GLU A 68 -5.61 0.26 9.45
C GLU A 68 -4.51 1.26 9.11
N HIS A 69 -3.81 1.71 10.15
CA HIS A 69 -2.73 2.67 9.99
C HIS A 69 -1.64 2.10 9.07
N ALA A 70 -1.31 0.84 9.30
CA ALA A 70 -0.32 0.14 8.52
C ALA A 70 -0.77 -0.02 7.07
N ALA A 71 -2.03 -0.41 6.89
CA ALA A 71 -2.61 -0.55 5.56
C ALA A 71 -2.60 0.79 4.82
N ARG A 72 -2.92 1.85 5.56
CA ARG A 72 -2.97 3.20 5.01
C ARG A 72 -1.62 3.58 4.42
N ILE A 73 -0.55 3.21 5.12
CA ILE A 73 0.81 3.53 4.67
C ILE A 73 1.13 2.82 3.36
N ILE A 74 0.86 1.52 3.30
CA ILE A 74 1.19 0.73 2.13
C ILE A 74 0.31 1.10 0.94
N ASN A 75 -0.99 1.26 1.20
CA ASN A 75 -1.96 1.61 0.17
C ASN A 75 -1.65 2.97 -0.46
N ASP A 76 -1.32 3.95 0.39
CA ASP A 76 -0.99 5.28 -0.09
C ASP A 76 0.37 5.27 -0.79
N LEU A 77 1.25 4.37 -0.33
CA LEU A 77 2.56 4.18 -0.94
C LEU A 77 2.41 3.63 -2.36
N LEU A 78 1.54 2.64 -2.52
CA LEU A 78 1.21 2.10 -3.84
C LEU A 78 0.66 3.21 -4.72
N GLN A 79 -0.17 4.04 -4.13
CA GLN A 79 -0.83 5.13 -4.81
C GLN A 79 0.19 6.20 -5.23
N SER A 80 1.26 6.32 -4.46
CA SER A 80 2.32 7.29 -4.75
C SER A 80 3.12 6.85 -5.97
N LEU A 81 3.06 5.55 -6.27
CA LEU A 81 3.72 5.01 -7.46
C LEU A 81 2.87 5.31 -8.68
N ARG A 82 1.57 5.35 -8.47
CA ARG A 82 0.62 5.60 -9.54
C ARG A 82 0.61 7.09 -9.88
N SER A 83 0.64 7.91 -8.84
CA SER A 83 0.71 9.34 -8.98
C SER A 83 1.24 9.96 -7.68
N GLY A 84 2.52 10.27 -7.67
CA GLY A 84 3.13 10.83 -6.47
C GLY A 84 2.77 12.28 -6.29
N PRO A 85 2.58 12.72 -5.04
CA PRO A 85 2.26 14.11 -4.73
C PRO A 85 3.47 15.02 -4.90
N PRO A 86 3.43 15.93 -5.90
CA PRO A 86 4.51 16.87 -6.17
C PRO A 86 4.50 18.05 -5.19
N GLY A 87 4.52 17.73 -3.91
CA GLY A 87 4.43 18.74 -2.89
C GLY A 87 3.80 18.17 -1.63
N PRO A 88 3.24 19.04 -0.77
CA PRO A 88 2.61 18.61 0.48
C PRO A 88 1.33 17.82 0.25
N PRO A 89 1.31 16.54 0.63
CA PRO A 89 0.14 15.69 0.49
C PRO A 89 -1.03 16.15 1.36
N GLY A 90 -2.09 16.60 0.72
CA GLY A 90 -3.26 17.06 1.45
C GLY A 90 -4.38 17.44 0.51
N GLY A 91 -4.82 18.69 0.60
CA GLY A 91 -5.90 19.15 -0.24
C GLY A 91 -7.03 19.73 0.59
N PRO A 92 -8.21 19.94 -0.03
CA PRO A 92 -9.37 20.53 0.66
C PRO A 92 -10.06 19.52 1.57
N GLY A 93 -9.36 19.11 2.62
CA GLY A 93 -9.92 18.15 3.56
C GLY A 93 -9.24 18.22 4.90
N MET A 94 -9.68 19.17 5.73
CA MET A 94 -9.14 19.31 7.07
C MET A 94 -10.14 18.77 8.09
N PRO A 95 -9.67 17.98 9.06
CA PRO A 95 -10.52 17.35 10.06
C PRO A 95 -10.87 18.30 11.22
N PRO A 96 -12.16 18.67 11.33
CA PRO A 96 -12.65 19.50 12.44
C PRO A 96 -12.68 18.71 13.73
N GLY A 97 -12.02 19.24 14.75
CA GLY A 97 -11.93 18.55 16.02
C GLY A 97 -10.69 18.95 16.79
N GLY A 98 -10.49 18.31 17.94
CA GLY A 98 -9.36 18.66 18.78
C GLY A 98 -9.80 18.99 20.18
N ARG A 99 -8.87 19.38 21.03
CA ARG A 99 -9.20 19.71 22.41
C ARG A 99 -8.24 20.77 22.95
N GLY A 100 -8.74 21.53 23.91
CA GLY A 100 -7.96 22.57 24.55
C GLY A 100 -8.85 23.40 25.43
N ARG A 101 -9.52 22.71 26.36
CA ARG A 101 -10.63 23.27 27.13
C ARG A 101 -11.85 23.46 26.22
N GLY A 102 -12.96 23.85 26.80
CA GLY A 102 -14.17 24.02 26.00
C GLY A 102 -15.28 24.67 26.80
N ARG A 103 -16.39 23.97 26.92
CA ARG A 103 -17.57 24.50 27.59
C ARG A 103 -18.33 23.41 28.33
N GLY A 104 -18.59 23.64 29.61
CA GLY A 104 -19.29 22.66 30.42
C GLY A 104 -20.61 23.19 30.91
N GLN A 105 -21.69 22.62 30.41
CA GLN A 105 -23.02 23.07 30.76
C GLN A 105 -23.59 22.21 31.90
N GLY A 106 -23.67 22.80 33.08
CA GLY A 106 -24.19 22.08 34.23
C GLY A 106 -25.08 22.96 35.09
N GLY A 1 -11.65 -9.03 24.21
CA GLY A 1 -12.83 -8.26 23.75
C GLY A 1 -14.10 -8.73 24.42
N ALA A 2 -15.12 -7.88 24.39
CA ALA A 2 -16.42 -8.23 24.99
C ALA A 2 -17.41 -8.61 23.89
N MET A 3 -17.87 -7.62 23.16
CA MET A 3 -18.78 -7.86 22.04
C MET A 3 -18.07 -7.54 20.73
N ALA A 4 -17.50 -8.57 20.12
CA ALA A 4 -16.78 -8.41 18.87
C ALA A 4 -17.61 -8.94 17.71
N TYR A 5 -18.12 -8.03 16.89
CA TYR A 5 -18.86 -8.41 15.70
C TYR A 5 -18.02 -8.15 14.46
N GLY A 6 -16.71 -8.06 14.66
CA GLY A 6 -15.80 -7.84 13.56
C GLY A 6 -14.76 -8.96 13.47
N SER A 7 -14.96 -9.87 12.54
CA SER A 7 -14.05 -10.99 12.37
C SER A 7 -12.92 -10.63 11.40
N ARG A 8 -13.11 -9.54 10.66
CA ARG A 8 -12.12 -9.10 9.69
C ARG A 8 -10.90 -8.52 10.38
N ILE A 9 -11.13 -7.53 11.25
CA ILE A 9 -10.05 -6.89 11.98
C ILE A 9 -9.85 -7.54 13.35
N GLY A 10 -9.16 -8.68 13.36
CA GLY A 10 -8.93 -9.40 14.60
C GLY A 10 -7.61 -9.05 15.24
N GLY A 11 -6.67 -9.97 15.22
CA GLY A 11 -5.34 -9.70 15.73
C GLY A 11 -4.41 -9.29 14.61
N GLY A 12 -5.01 -8.82 13.53
CA GLY A 12 -4.28 -8.45 12.35
C GLY A 12 -5.11 -8.68 11.10
N ILE A 13 -4.73 -8.06 10.00
CA ILE A 13 -5.45 -8.19 8.75
C ILE A 13 -4.48 -8.42 7.61
N ASP A 14 -4.82 -9.31 6.69
CA ASP A 14 -3.94 -9.58 5.56
C ASP A 14 -4.33 -8.73 4.36
N VAL A 15 -3.35 -7.98 3.88
CA VAL A 15 -3.56 -6.99 2.84
C VAL A 15 -2.92 -7.42 1.52
N PRO A 16 -3.63 -7.21 0.39
CA PRO A 16 -3.11 -7.49 -0.94
C PRO A 16 -2.23 -6.35 -1.47
N VAL A 17 -1.11 -6.71 -2.05
CA VAL A 17 -0.19 -5.74 -2.62
C VAL A 17 0.22 -6.19 -4.02
N PRO A 18 0.08 -5.32 -5.03
CA PRO A 18 0.50 -5.63 -6.40
C PRO A 18 1.92 -6.15 -6.45
N ARG A 19 2.10 -7.30 -7.09
CA ARG A 19 3.40 -7.94 -7.17
C ARG A 19 4.38 -7.10 -7.98
N HIS A 20 3.84 -6.15 -8.73
CA HIS A 20 4.65 -5.20 -9.47
C HIS A 20 5.19 -4.11 -8.53
N SER A 21 4.84 -4.21 -7.25
CA SER A 21 5.31 -3.24 -6.25
C SER A 21 5.62 -3.91 -4.90
N VAL A 22 5.77 -5.24 -4.91
CA VAL A 22 5.98 -5.96 -3.65
C VAL A 22 7.28 -5.53 -2.96
N GLY A 23 8.36 -5.44 -3.72
CA GLY A 23 9.62 -5.05 -3.13
C GLY A 23 9.67 -3.56 -2.86
N VAL A 24 9.02 -2.77 -3.70
CA VAL A 24 8.99 -1.31 -3.52
C VAL A 24 8.45 -0.91 -2.14
N VAL A 25 7.48 -1.67 -1.61
CA VAL A 25 6.89 -1.34 -0.33
C VAL A 25 7.75 -1.84 0.84
N ILE A 26 8.47 -2.93 0.65
CA ILE A 26 9.36 -3.45 1.68
C ILE A 26 10.69 -2.72 1.67
N GLY A 27 11.12 -2.28 0.50
CA GLY A 27 12.35 -1.55 0.38
C GLY A 27 13.39 -2.32 -0.41
N ARG A 28 14.65 -2.12 -0.06
CA ARG A 28 15.74 -2.84 -0.71
C ARG A 28 16.43 -3.72 0.30
N SER A 29 16.09 -3.50 1.56
CA SER A 29 16.65 -4.26 2.66
C SER A 29 15.56 -4.57 3.68
N GLY A 30 14.36 -4.07 3.41
CA GLY A 30 13.28 -4.22 4.36
C GLY A 30 13.17 -3.02 5.27
N GLU A 31 14.04 -2.03 5.04
CA GLU A 31 14.07 -0.82 5.84
C GLU A 31 12.76 -0.05 5.67
N MET A 32 12.17 -0.19 4.50
CA MET A 32 10.95 0.52 4.18
C MET A 32 9.76 -0.12 4.89
N ILE A 33 9.72 -1.44 4.98
CA ILE A 33 8.63 -2.11 5.66
C ILE A 33 8.85 -2.06 7.17
N LYS A 34 10.11 -1.97 7.61
CA LYS A 34 10.41 -1.76 9.02
C LYS A 34 9.87 -0.40 9.43
N LYS A 35 9.84 0.54 8.48
CA LYS A 35 9.26 1.85 8.72
C LYS A 35 7.76 1.76 8.82
N ILE A 36 7.15 0.95 7.96
CA ILE A 36 5.71 0.72 7.98
C ILE A 36 5.32 0.11 9.32
N GLN A 37 6.07 -0.90 9.75
CA GLN A 37 5.84 -1.54 11.05
C GLN A 37 6.08 -0.55 12.18
N ASN A 38 7.15 0.22 12.06
CA ASN A 38 7.52 1.21 13.08
C ASN A 38 6.45 2.29 13.23
N ASP A 39 6.04 2.87 12.10
CA ASP A 39 5.08 3.98 12.12
C ASP A 39 3.73 3.54 12.66
N ALA A 40 3.24 2.41 12.20
CA ALA A 40 1.91 1.95 12.58
C ALA A 40 1.93 1.16 13.89
N GLY A 41 3.09 0.63 14.23
CA GLY A 41 3.21 -0.18 15.44
C GLY A 41 2.70 -1.59 15.24
N VAL A 42 3.03 -2.18 14.10
CA VAL A 42 2.48 -3.48 13.71
C VAL A 42 3.58 -4.48 13.37
N ARG A 43 3.18 -5.69 13.05
CA ARG A 43 4.08 -6.75 12.61
C ARG A 43 3.54 -7.37 11.33
N ILE A 44 4.17 -7.05 10.21
CA ILE A 44 3.67 -7.49 8.91
C ILE A 44 4.43 -8.72 8.44
N GLN A 45 3.69 -9.74 8.01
CA GLN A 45 4.29 -10.97 7.51
C GLN A 45 3.52 -11.46 6.28
N PHE A 46 4.19 -11.49 5.12
CA PHE A 46 3.57 -12.00 3.89
C PHE A 46 3.14 -13.45 4.07
N LYS A 47 1.98 -13.80 3.50
CA LYS A 47 1.47 -15.16 3.62
C LYS A 47 2.11 -16.05 2.58
N GLN A 48 3.41 -16.33 2.79
CA GLN A 48 4.26 -17.18 1.93
C GLN A 48 4.26 -16.76 0.45
N ASP A 49 5.46 -16.53 -0.07
CA ASP A 49 5.62 -16.02 -1.42
C ASP A 49 5.45 -17.14 -2.45
N ASP A 50 4.21 -17.56 -2.65
CA ASP A 50 3.89 -18.58 -3.65
C ASP A 50 3.68 -17.94 -5.03
N GLY A 51 3.07 -16.77 -5.02
CA GLY A 51 2.86 -16.04 -6.27
C GLY A 51 1.54 -16.40 -6.93
N THR A 52 0.56 -16.76 -6.13
CA THR A 52 -0.75 -17.13 -6.64
C THR A 52 -1.60 -15.90 -6.94
N GLY A 53 -1.38 -15.31 -8.10
CA GLY A 53 -2.17 -14.16 -8.50
C GLY A 53 -1.31 -12.93 -8.77
N PRO A 54 -1.95 -11.78 -9.06
CA PRO A 54 -1.25 -10.52 -9.30
C PRO A 54 -0.90 -9.79 -7.99
N GLU A 55 -1.45 -10.26 -6.89
CA GLU A 55 -1.20 -9.65 -5.59
C GLU A 55 -0.43 -10.59 -4.70
N LYS A 56 0.30 -10.00 -3.78
CA LYS A 56 0.94 -10.72 -2.71
C LYS A 56 0.23 -10.34 -1.42
N ILE A 57 -0.07 -11.29 -0.58
CA ILE A 57 -0.81 -10.97 0.63
C ILE A 57 0.14 -10.85 1.81
N ALA A 58 -0.07 -9.81 2.58
CA ALA A 58 0.76 -9.53 3.74
C ALA A 58 -0.11 -9.39 4.98
N HIS A 59 0.04 -10.31 5.92
CA HIS A 59 -0.77 -10.29 7.12
C HIS A 59 -0.18 -9.32 8.13
N ILE A 60 -0.77 -8.13 8.19
CA ILE A 60 -0.36 -7.11 9.13
C ILE A 60 -0.99 -7.38 10.49
N MET A 61 -0.18 -7.79 11.46
CA MET A 61 -0.70 -8.21 12.75
C MET A 61 -0.52 -7.12 13.81
N GLY A 62 -1.40 -7.15 14.79
CA GLY A 62 -1.36 -6.20 15.88
C GLY A 62 -2.73 -5.64 16.16
N PRO A 63 -2.83 -4.54 16.91
CA PRO A 63 -4.12 -3.86 17.13
C PRO A 63 -4.72 -3.42 15.79
N PRO A 64 -6.01 -3.76 15.58
CA PRO A 64 -6.71 -3.61 14.29
C PRO A 64 -6.61 -2.21 13.71
N ASP A 65 -6.69 -1.19 14.56
CA ASP A 65 -6.60 0.19 14.10
C ASP A 65 -5.18 0.52 13.64
N ARG A 66 -4.19 -0.13 14.25
CA ARG A 66 -2.81 -0.01 13.80
C ARG A 66 -2.64 -0.71 12.47
N CYS A 67 -3.34 -1.81 12.30
CA CYS A 67 -3.28 -2.57 11.07
C CYS A 67 -3.88 -1.78 9.91
N GLU A 68 -4.97 -1.07 10.20
CA GLU A 68 -5.57 -0.17 9.21
C GLU A 68 -4.58 0.95 8.85
N HIS A 69 -3.94 1.50 9.88
CA HIS A 69 -2.90 2.50 9.71
C HIS A 69 -1.79 1.97 8.81
N ALA A 70 -1.32 0.78 9.14
CA ALA A 70 -0.27 0.11 8.39
C ALA A 70 -0.68 -0.14 6.95
N ALA A 71 -1.94 -0.56 6.77
CA ALA A 71 -2.49 -0.78 5.44
C ALA A 71 -2.43 0.51 4.62
N ARG A 72 -2.78 1.62 5.26
CA ARG A 72 -2.77 2.91 4.60
C ARG A 72 -1.36 3.26 4.11
N ILE A 73 -0.36 2.97 4.94
CA ILE A 73 1.03 3.26 4.60
C ILE A 73 1.43 2.55 3.32
N ILE A 74 1.01 1.30 3.18
CA ILE A 74 1.34 0.51 2.00
C ILE A 74 0.49 0.96 0.80
N ASN A 75 -0.80 1.11 1.02
CA ASN A 75 -1.73 1.48 -0.05
C ASN A 75 -1.42 2.87 -0.60
N ASP A 76 -1.21 3.83 0.29
CA ASP A 76 -0.88 5.19 -0.11
C ASP A 76 0.46 5.22 -0.83
N LEU A 77 1.39 4.38 -0.38
CA LEU A 77 2.67 4.22 -1.03
C LEU A 77 2.48 3.77 -2.49
N LEU A 78 1.71 2.70 -2.67
CA LEU A 78 1.38 2.20 -4.01
C LEU A 78 0.76 3.29 -4.85
N GLN A 79 -0.20 3.98 -4.25
CA GLN A 79 -0.97 5.01 -4.92
C GLN A 79 -0.09 6.17 -5.39
N SER A 80 0.90 6.52 -4.57
CA SER A 80 1.77 7.64 -4.87
C SER A 80 2.68 7.32 -6.05
N LEU A 81 2.97 6.03 -6.24
CA LEU A 81 3.80 5.59 -7.36
C LEU A 81 3.02 5.69 -8.66
N ARG A 82 1.71 5.58 -8.55
CA ARG A 82 0.83 5.60 -9.71
C ARG A 82 0.70 7.00 -10.27
N SER A 83 0.70 7.99 -9.39
CA SER A 83 0.53 9.37 -9.79
C SER A 83 1.86 10.13 -9.72
N GLY A 84 2.28 10.49 -8.52
CA GLY A 84 3.49 11.28 -8.37
C GLY A 84 3.20 12.76 -8.33
N PRO A 85 3.67 13.47 -7.28
CA PRO A 85 3.42 14.92 -7.12
C PRO A 85 3.74 15.76 -8.37
N PRO A 86 4.93 15.64 -8.97
CA PRO A 86 5.28 16.42 -10.17
C PRO A 86 4.90 15.69 -11.46
N GLY A 87 3.95 14.78 -11.37
CA GLY A 87 3.51 14.03 -12.53
C GLY A 87 2.24 14.59 -13.13
N PRO A 88 1.10 13.91 -12.94
CA PRO A 88 -0.19 14.35 -13.40
C PRO A 88 -1.00 15.05 -12.30
N PRO A 89 -0.99 16.38 -12.26
CA PRO A 89 -1.72 17.16 -11.28
C PRO A 89 -3.17 17.39 -11.69
N GLY A 90 -3.80 16.33 -12.18
CA GLY A 90 -5.19 16.42 -12.61
C GLY A 90 -6.13 16.68 -11.45
N GLY A 91 -5.94 15.94 -10.37
CA GLY A 91 -6.76 16.13 -9.19
C GLY A 91 -6.05 15.65 -7.94
N PRO A 92 -4.95 16.31 -7.53
CA PRO A 92 -4.19 15.93 -6.34
C PRO A 92 -4.93 16.36 -5.07
N GLY A 93 -5.50 15.38 -4.38
CA GLY A 93 -6.26 15.66 -3.18
C GLY A 93 -5.37 15.88 -1.97
N MET A 94 -4.42 16.78 -2.11
CA MET A 94 -3.52 17.12 -1.00
C MET A 94 -4.20 18.10 -0.04
N PRO A 95 -4.79 19.21 -0.53
CA PRO A 95 -5.58 20.11 0.32
C PRO A 95 -6.84 19.41 0.85
N PRO A 96 -6.92 19.20 2.17
CA PRO A 96 -8.03 18.49 2.80
C PRO A 96 -9.22 19.39 3.10
N GLY A 97 -9.08 20.67 2.81
CA GLY A 97 -10.14 21.62 3.08
C GLY A 97 -11.04 21.85 1.87
N GLY A 98 -12.07 21.03 1.74
CA GLY A 98 -13.01 21.16 0.66
C GLY A 98 -14.44 21.28 1.16
N ARG A 99 -14.78 20.47 2.15
CA ARG A 99 -16.10 20.51 2.75
C ARG A 99 -16.04 20.89 4.21
N GLY A 100 -17.06 21.59 4.66
CA GLY A 100 -17.16 21.98 6.04
C GLY A 100 -18.61 22.20 6.42
N ARG A 101 -18.90 23.33 7.04
CA ARG A 101 -20.27 23.68 7.35
C ARG A 101 -20.43 25.19 7.34
N GLY A 102 -21.40 25.68 6.58
CA GLY A 102 -21.60 27.10 6.44
C GLY A 102 -22.54 27.66 7.47
N ARG A 103 -22.22 28.83 8.00
CA ARG A 103 -23.06 29.47 8.99
C ARG A 103 -24.08 30.34 8.29
N GLY A 104 -25.34 29.92 8.33
CA GLY A 104 -26.38 30.61 7.62
C GLY A 104 -26.85 29.80 6.43
N GLN A 105 -27.03 28.49 6.66
CA GLN A 105 -27.45 27.53 5.63
C GLN A 105 -26.31 27.21 4.67
N GLY A 106 -26.12 25.92 4.42
CA GLY A 106 -25.07 25.48 3.51
C GLY A 106 -24.10 24.51 4.17
N GLY A 1 -7.22 -8.86 -6.51
CA GLY A 1 -8.50 -8.31 -7.04
C GLY A 1 -9.61 -8.44 -6.02
N ALA A 2 -10.74 -7.79 -6.30
CA ALA A 2 -11.87 -7.77 -5.37
C ALA A 2 -11.44 -7.28 -4.00
N MET A 3 -10.96 -6.04 -3.96
CA MET A 3 -10.39 -5.46 -2.76
C MET A 3 -11.40 -5.42 -1.62
N ALA A 4 -10.99 -5.96 -0.46
CA ALA A 4 -11.79 -5.93 0.77
C ALA A 4 -13.05 -6.78 0.67
N TYR A 5 -12.97 -8.02 1.15
CA TYR A 5 -14.12 -8.91 1.21
C TYR A 5 -14.90 -8.72 2.51
N GLY A 6 -14.60 -7.67 3.24
CA GLY A 6 -15.27 -7.40 4.49
C GLY A 6 -14.49 -6.45 5.36
N SER A 7 -14.89 -6.30 6.61
CA SER A 7 -14.21 -5.42 7.55
C SER A 7 -13.69 -6.20 8.76
N ARG A 8 -13.34 -7.47 8.55
CA ARG A 8 -12.80 -8.30 9.62
C ARG A 8 -11.32 -7.99 9.81
N ILE A 9 -11.01 -7.24 10.84
CA ILE A 9 -9.66 -6.75 11.07
C ILE A 9 -9.10 -7.26 12.41
N GLY A 10 -9.89 -8.08 13.09
CA GLY A 10 -9.50 -8.56 14.40
C GLY A 10 -8.45 -9.64 14.33
N GLY A 11 -7.26 -9.36 14.87
CA GLY A 11 -6.20 -10.34 14.91
C GLY A 11 -5.26 -10.20 13.74
N GLY A 12 -5.37 -9.09 13.03
CA GLY A 12 -4.51 -8.88 11.88
C GLY A 12 -5.32 -8.93 10.59
N ILE A 13 -4.76 -8.38 9.53
CA ILE A 13 -5.46 -8.33 8.25
C ILE A 13 -4.57 -8.84 7.14
N ASP A 14 -5.18 -9.34 6.08
CA ASP A 14 -4.45 -9.78 4.90
C ASP A 14 -4.58 -8.75 3.80
N VAL A 15 -3.50 -8.02 3.55
CA VAL A 15 -3.52 -6.95 2.58
C VAL A 15 -2.93 -7.41 1.24
N PRO A 16 -3.61 -7.07 0.14
CA PRO A 16 -3.17 -7.39 -1.21
C PRO A 16 -2.26 -6.32 -1.79
N VAL A 17 -0.97 -6.63 -1.88
CA VAL A 17 0.00 -5.71 -2.45
C VAL A 17 0.35 -6.14 -3.87
N PRO A 18 0.12 -5.26 -4.86
CA PRO A 18 0.46 -5.54 -6.27
C PRO A 18 1.83 -6.18 -6.40
N ARG A 19 1.89 -7.30 -7.12
CA ARG A 19 3.12 -8.08 -7.24
C ARG A 19 4.22 -7.29 -7.96
N HIS A 20 3.82 -6.23 -8.64
CA HIS A 20 4.78 -5.35 -9.31
C HIS A 20 5.26 -4.25 -8.36
N SER A 21 4.85 -4.33 -7.10
CA SER A 21 5.26 -3.36 -6.10
C SER A 21 5.63 -4.06 -4.79
N VAL A 22 5.84 -5.37 -4.84
CA VAL A 22 6.14 -6.15 -3.64
C VAL A 22 7.43 -5.68 -2.98
N GLY A 23 8.45 -5.44 -3.78
CA GLY A 23 9.72 -5.02 -3.23
C GLY A 23 9.73 -3.54 -2.92
N VAL A 24 8.99 -2.76 -3.69
CA VAL A 24 8.91 -1.31 -3.48
C VAL A 24 8.41 -0.96 -2.08
N VAL A 25 7.46 -1.73 -1.54
CA VAL A 25 6.89 -1.41 -0.25
C VAL A 25 7.77 -1.93 0.89
N ILE A 26 8.49 -3.02 0.65
CA ILE A 26 9.38 -3.57 1.66
C ILE A 26 10.72 -2.82 1.68
N GLY A 27 11.15 -2.36 0.52
CA GLY A 27 12.38 -1.60 0.41
C GLY A 27 13.54 -2.46 -0.01
N ARG A 28 14.54 -1.86 -0.64
CA ARG A 28 15.70 -2.59 -1.15
C ARG A 28 16.42 -3.38 -0.05
N SER A 29 16.29 -2.93 1.19
CA SER A 29 16.94 -3.59 2.30
C SER A 29 15.94 -3.88 3.41
N GLY A 30 14.66 -3.82 3.08
CA GLY A 30 13.62 -4.03 4.07
C GLY A 30 13.47 -2.86 5.02
N GLU A 31 14.36 -1.87 4.88
CA GLU A 31 14.32 -0.66 5.71
C GLU A 31 12.96 0.01 5.62
N MET A 32 12.30 -0.14 4.48
CA MET A 32 11.06 0.55 4.21
C MET A 32 9.90 -0.10 4.96
N ILE A 33 9.77 -1.43 4.86
CA ILE A 33 8.67 -2.11 5.54
C ILE A 33 8.87 -2.07 7.06
N LYS A 34 10.12 -2.05 7.49
CA LYS A 34 10.43 -1.93 8.91
C LYS A 34 9.99 -0.55 9.42
N LYS A 35 9.94 0.43 8.52
CA LYS A 35 9.44 1.74 8.86
C LYS A 35 7.92 1.69 8.94
N ILE A 36 7.32 0.96 8.01
CA ILE A 36 5.87 0.75 8.01
C ILE A 36 5.44 0.08 9.31
N GLN A 37 6.13 -1.00 9.66
CA GLN A 37 5.86 -1.72 10.90
C GLN A 37 6.12 -0.82 12.11
N ASN A 38 7.17 -0.02 12.04
CA ASN A 38 7.56 0.86 13.13
C ASN A 38 6.53 1.97 13.35
N ASP A 39 6.12 2.62 12.27
CA ASP A 39 5.17 3.72 12.34
C ASP A 39 3.79 3.23 12.77
N ALA A 40 3.39 2.08 12.27
CA ALA A 40 2.05 1.58 12.55
C ALA A 40 2.02 0.73 13.81
N GLY A 41 3.17 0.20 14.20
CA GLY A 41 3.25 -0.63 15.38
C GLY A 41 2.69 -2.03 15.15
N VAL A 42 3.07 -2.63 14.03
CA VAL A 42 2.54 -3.93 13.62
C VAL A 42 3.66 -4.84 13.13
N ARG A 43 3.31 -6.11 12.90
CA ARG A 43 4.22 -7.05 12.25
C ARG A 43 3.64 -7.48 10.92
N ILE A 44 4.38 -7.24 9.86
CA ILE A 44 3.91 -7.54 8.51
C ILE A 44 4.76 -8.64 7.88
N GLN A 45 4.13 -9.75 7.52
CA GLN A 45 4.83 -10.84 6.85
C GLN A 45 4.10 -11.23 5.58
N PHE A 46 4.86 -11.38 4.50
CA PHE A 46 4.30 -11.78 3.21
C PHE A 46 3.99 -13.27 3.21
N LYS A 47 2.84 -13.62 2.65
CA LYS A 47 2.38 -15.00 2.61
C LYS A 47 2.75 -15.64 1.26
N GLN A 48 2.47 -16.93 1.15
CA GLN A 48 2.85 -17.70 -0.03
C GLN A 48 1.62 -18.00 -0.89
N ASP A 49 0.74 -17.01 -1.00
CA ASP A 49 -0.49 -17.18 -1.79
C ASP A 49 -0.17 -17.42 -3.25
N ASP A 50 -0.47 -18.63 -3.71
CA ASP A 50 -0.06 -19.10 -5.03
C ASP A 50 -0.37 -18.12 -6.16
N GLY A 51 -1.63 -18.06 -6.54
CA GLY A 51 -2.05 -17.18 -7.62
C GLY A 51 -3.52 -16.84 -7.51
N THR A 52 -3.95 -16.51 -6.31
CA THR A 52 -5.33 -16.15 -6.05
C THR A 52 -5.64 -14.75 -6.57
N GLY A 53 -4.63 -14.08 -7.10
CA GLY A 53 -4.81 -12.78 -7.69
C GLY A 53 -3.50 -12.18 -8.15
N PRO A 54 -3.52 -11.03 -8.84
CA PRO A 54 -2.31 -10.34 -9.28
C PRO A 54 -1.59 -9.61 -8.14
N GLU A 55 -2.13 -9.75 -6.94
CA GLU A 55 -1.50 -9.18 -5.76
C GLU A 55 -0.84 -10.26 -4.92
N LYS A 56 -0.04 -9.83 -3.96
CA LYS A 56 0.58 -10.69 -2.99
C LYS A 56 -0.06 -10.40 -1.64
N ILE A 57 -0.44 -11.43 -0.91
CA ILE A 57 -1.07 -11.22 0.37
C ILE A 57 -0.02 -11.08 1.46
N ALA A 58 -0.16 -10.01 2.22
CA ALA A 58 0.71 -9.74 3.34
C ALA A 58 -0.12 -9.66 4.62
N HIS A 59 0.26 -10.42 5.62
CA HIS A 59 -0.52 -10.50 6.84
C HIS A 59 -0.01 -9.49 7.85
N ILE A 60 -0.70 -8.36 7.95
CA ILE A 60 -0.38 -7.32 8.93
C ILE A 60 -1.03 -7.67 10.26
N MET A 61 -0.22 -8.02 11.25
CA MET A 61 -0.73 -8.46 12.54
C MET A 61 -0.53 -7.41 13.61
N GLY A 62 -1.48 -7.35 14.53
CA GLY A 62 -1.39 -6.43 15.62
C GLY A 62 -2.76 -5.90 15.99
N PRO A 63 -2.85 -4.76 16.68
CA PRO A 63 -4.14 -4.12 16.95
C PRO A 63 -4.78 -3.67 15.64
N PRO A 64 -6.07 -4.01 15.48
CA PRO A 64 -6.85 -3.77 14.24
C PRO A 64 -6.73 -2.34 13.69
N ASP A 65 -6.67 -1.35 14.57
CA ASP A 65 -6.51 0.03 14.14
C ASP A 65 -5.13 0.24 13.54
N ARG A 66 -4.14 -0.38 14.16
CA ARG A 66 -2.76 -0.30 13.67
C ARG A 66 -2.63 -1.10 12.39
N CYS A 67 -3.45 -2.12 12.24
CA CYS A 67 -3.48 -2.91 11.02
C CYS A 67 -3.89 -2.04 9.85
N GLU A 68 -4.96 -1.26 10.03
CA GLU A 68 -5.43 -0.35 9.00
C GLU A 68 -4.46 0.83 8.84
N HIS A 69 -3.83 1.22 9.93
CA HIS A 69 -2.79 2.24 9.91
C HIS A 69 -1.65 1.79 9.00
N ALA A 70 -1.20 0.57 9.24
CA ALA A 70 -0.14 -0.05 8.45
C ALA A 70 -0.59 -0.23 7.01
N ALA A 71 -1.86 -0.58 6.84
CA ALA A 71 -2.46 -0.73 5.53
C ALA A 71 -2.35 0.56 4.73
N ARG A 72 -2.63 1.69 5.39
CA ARG A 72 -2.60 2.99 4.72
C ARG A 72 -1.21 3.30 4.20
N ILE A 73 -0.20 3.02 5.00
CA ILE A 73 1.19 3.30 4.64
C ILE A 73 1.56 2.57 3.34
N ILE A 74 1.20 1.30 3.26
CA ILE A 74 1.46 0.52 2.07
C ILE A 74 0.57 0.99 0.91
N ASN A 75 -0.69 1.26 1.22
CA ASN A 75 -1.66 1.72 0.21
C ASN A 75 -1.19 3.01 -0.47
N ASP A 76 -0.89 4.01 0.34
CA ASP A 76 -0.43 5.32 -0.18
C ASP A 76 0.84 5.17 -0.98
N LEU A 77 1.72 4.29 -0.53
CA LEU A 77 2.97 4.00 -1.22
C LEU A 77 2.70 3.48 -2.63
N LEU A 78 1.76 2.54 -2.76
CA LEU A 78 1.34 2.02 -4.05
C LEU A 78 0.64 3.13 -4.85
N GLN A 79 -0.25 3.82 -4.15
CA GLN A 79 -1.09 4.86 -4.72
C GLN A 79 -0.26 5.96 -5.38
N SER A 80 0.87 6.31 -4.79
CA SER A 80 1.70 7.40 -5.30
C SER A 80 2.53 6.95 -6.49
N LEU A 81 2.77 5.65 -6.60
CA LEU A 81 3.56 5.11 -7.72
C LEU A 81 2.67 4.90 -8.94
N ARG A 82 1.48 4.38 -8.71
CA ARG A 82 0.60 4.01 -9.80
C ARG A 82 0.01 5.25 -10.48
N SER A 83 -0.01 6.36 -9.76
CA SER A 83 -0.58 7.59 -10.28
C SER A 83 0.46 8.38 -11.08
N GLY A 84 -0.01 9.07 -12.12
CA GLY A 84 0.88 9.89 -12.92
C GLY A 84 0.27 11.24 -13.19
N PRO A 85 0.83 12.01 -14.14
CA PRO A 85 0.29 13.33 -14.49
C PRO A 85 -1.11 13.22 -15.11
N PRO A 86 -2.11 13.81 -14.44
CA PRO A 86 -3.50 13.80 -14.91
C PRO A 86 -3.62 14.26 -16.37
N GLY A 87 -4.26 13.43 -17.18
CA GLY A 87 -4.37 13.71 -18.59
C GLY A 87 -4.37 12.43 -19.38
N PRO A 88 -3.49 12.31 -20.38
CA PRO A 88 -3.35 11.07 -21.15
C PRO A 88 -3.06 9.83 -20.28
N PRO A 89 -2.00 9.84 -19.42
CA PRO A 89 -1.67 8.70 -18.58
C PRO A 89 -2.40 8.70 -17.24
N GLY A 90 -2.51 9.87 -16.61
CA GLY A 90 -3.12 9.96 -15.30
C GLY A 90 -4.63 10.08 -15.38
N GLY A 91 -5.31 8.98 -15.10
CA GLY A 91 -6.75 8.96 -15.14
C GLY A 91 -7.27 7.86 -16.05
N PRO A 92 -7.35 8.13 -17.36
CA PRO A 92 -7.82 7.15 -18.35
C PRO A 92 -6.95 5.89 -18.40
N GLY A 93 -7.56 4.78 -18.00
CA GLY A 93 -6.89 3.50 -18.08
C GLY A 93 -7.72 2.54 -18.89
N MET A 94 -7.08 1.64 -19.64
CA MET A 94 -7.81 0.74 -20.52
C MET A 94 -7.04 -0.53 -20.83
N PRO A 95 -7.70 -1.67 -20.74
CA PRO A 95 -7.20 -2.94 -21.25
C PRO A 95 -7.66 -3.15 -22.70
N PRO A 96 -6.75 -3.01 -23.67
CA PRO A 96 -7.09 -3.10 -25.10
C PRO A 96 -7.50 -4.50 -25.53
N GLY A 97 -8.69 -4.90 -25.12
CA GLY A 97 -9.25 -6.18 -25.51
C GLY A 97 -10.51 -6.02 -26.32
N GLY A 98 -10.61 -6.75 -27.42
CA GLY A 98 -11.78 -6.66 -28.27
C GLY A 98 -11.68 -5.51 -29.25
N ARG A 99 -11.62 -4.30 -28.72
CA ARG A 99 -11.51 -3.11 -29.56
C ARG A 99 -10.04 -2.73 -29.73
N GLY A 100 -9.67 -2.42 -30.97
CA GLY A 100 -8.32 -1.99 -31.26
C GLY A 100 -8.24 -0.50 -31.49
N ARG A 101 -7.17 -0.05 -32.11
CA ARG A 101 -6.99 1.38 -32.36
C ARG A 101 -7.71 1.78 -33.65
N GLY A 102 -7.96 0.78 -34.49
CA GLY A 102 -8.65 1.03 -35.75
C GLY A 102 -9.85 0.13 -35.91
N ARG A 103 -10.12 -0.28 -37.14
CA ARG A 103 -11.24 -1.16 -37.41
C ARG A 103 -10.84 -2.62 -37.19
N GLY A 104 -9.55 -2.90 -37.35
CA GLY A 104 -9.05 -4.24 -37.17
C GLY A 104 -8.20 -4.68 -38.34
N GLN A 105 -8.88 -5.10 -39.41
CA GLN A 105 -8.21 -5.53 -40.65
C GLN A 105 -7.33 -6.75 -40.42
N GLY A 106 -7.95 -7.92 -40.39
CA GLY A 106 -7.20 -9.15 -40.21
C GLY A 106 -7.18 -9.99 -41.48
N GLY A 1 -7.57 -19.20 3.13
CA GLY A 1 -8.73 -18.37 2.71
C GLY A 1 -8.91 -17.15 3.60
N ALA A 2 -8.46 -16.00 3.13
CA ALA A 2 -8.61 -14.76 3.85
C ALA A 2 -9.87 -14.05 3.40
N MET A 3 -10.99 -14.42 3.99
CA MET A 3 -12.29 -13.92 3.56
C MET A 3 -12.58 -12.53 4.12
N ALA A 4 -11.91 -11.54 3.55
CA ALA A 4 -12.19 -10.15 3.88
C ALA A 4 -13.42 -9.68 3.10
N TYR A 5 -14.59 -10.01 3.61
CA TYR A 5 -15.85 -9.75 2.91
C TYR A 5 -16.33 -8.31 3.11
N GLY A 6 -15.46 -7.44 3.55
CA GLY A 6 -15.83 -6.06 3.79
C GLY A 6 -14.64 -5.21 4.17
N SER A 7 -14.83 -4.36 5.18
CA SER A 7 -13.78 -3.48 5.66
C SER A 7 -12.60 -4.27 6.18
N ARG A 8 -11.40 -3.80 5.87
CA ARG A 8 -10.18 -4.49 6.23
C ARG A 8 -9.77 -4.16 7.66
N ILE A 9 -10.47 -4.76 8.62
CA ILE A 9 -10.19 -4.55 10.02
C ILE A 9 -10.19 -5.89 10.77
N GLY A 10 -9.26 -6.04 11.70
CA GLY A 10 -9.17 -7.27 12.46
C GLY A 10 -7.84 -7.39 13.15
N GLY A 11 -7.69 -8.39 14.03
CA GLY A 11 -6.44 -8.59 14.73
C GLY A 11 -5.41 -9.26 13.86
N GLY A 12 -4.90 -8.53 12.88
CA GLY A 12 -3.97 -9.08 11.92
C GLY A 12 -4.66 -9.32 10.60
N ILE A 13 -4.48 -8.39 9.68
CA ILE A 13 -5.22 -8.40 8.42
C ILE A 13 -4.32 -8.77 7.26
N ASP A 14 -4.88 -9.47 6.28
CA ASP A 14 -4.16 -9.82 5.07
C ASP A 14 -4.42 -8.80 3.99
N VAL A 15 -3.42 -7.98 3.69
CA VAL A 15 -3.56 -6.92 2.70
C VAL A 15 -2.93 -7.31 1.37
N PRO A 16 -3.65 -7.11 0.26
CA PRO A 16 -3.14 -7.42 -1.08
C PRO A 16 -2.30 -6.27 -1.65
N VAL A 17 -1.07 -6.60 -2.01
CA VAL A 17 -0.15 -5.63 -2.58
C VAL A 17 0.24 -6.04 -4.00
N PRO A 18 0.16 -5.10 -4.96
CA PRO A 18 0.57 -5.35 -6.34
C PRO A 18 1.95 -6.00 -6.42
N ARG A 19 2.05 -7.10 -7.14
CA ARG A 19 3.28 -7.87 -7.21
C ARG A 19 4.38 -7.11 -7.96
N HIS A 20 3.99 -6.07 -8.69
CA HIS A 20 4.96 -5.17 -9.30
C HIS A 20 5.35 -4.05 -8.33
N SER A 21 4.98 -4.21 -7.06
CA SER A 21 5.36 -3.25 -6.04
C SER A 21 5.60 -3.94 -4.69
N VAL A 22 5.78 -5.25 -4.74
CA VAL A 22 6.02 -6.01 -3.51
C VAL A 22 7.33 -5.59 -2.85
N GLY A 23 8.37 -5.46 -3.64
CA GLY A 23 9.65 -5.08 -3.10
C GLY A 23 9.74 -3.59 -2.86
N VAL A 24 9.07 -2.81 -3.71
CA VAL A 24 9.09 -1.35 -3.57
C VAL A 24 8.58 -0.90 -2.19
N VAL A 25 7.61 -1.60 -1.63
CA VAL A 25 7.07 -1.21 -0.33
C VAL A 25 7.93 -1.74 0.82
N ILE A 26 8.60 -2.88 0.61
CA ILE A 26 9.49 -3.42 1.64
C ILE A 26 10.86 -2.75 1.60
N GLY A 27 11.26 -2.30 0.41
CA GLY A 27 12.54 -1.66 0.24
C GLY A 27 13.52 -2.54 -0.48
N ARG A 28 14.79 -2.39 -0.19
CA ARG A 28 15.81 -3.26 -0.76
C ARG A 28 16.51 -4.00 0.36
N SER A 29 16.31 -3.50 1.58
CA SER A 29 16.87 -4.10 2.77
C SER A 29 15.74 -4.43 3.75
N GLY A 30 14.54 -4.01 3.40
CA GLY A 30 13.42 -4.13 4.30
C GLY A 30 13.31 -2.92 5.19
N GLU A 31 14.12 -1.91 4.85
CA GLU A 31 14.18 -0.68 5.61
C GLU A 31 12.86 0.08 5.47
N MET A 32 12.19 -0.14 4.35
CA MET A 32 10.97 0.58 4.03
C MET A 32 9.77 -0.09 4.68
N ILE A 33 9.76 -1.43 4.70
CA ILE A 33 8.67 -2.15 5.34
C ILE A 33 8.75 -1.99 6.86
N LYS A 34 9.97 -1.90 7.38
CA LYS A 34 10.17 -1.67 8.80
C LYS A 34 9.70 -0.28 9.19
N LYS A 35 9.72 0.63 8.22
CA LYS A 35 9.18 1.96 8.40
C LYS A 35 7.66 1.89 8.52
N ILE A 36 7.05 1.08 7.67
CA ILE A 36 5.61 0.86 7.71
C ILE A 36 5.22 0.20 9.03
N GLN A 37 5.98 -0.81 9.42
CA GLN A 37 5.76 -1.48 10.70
C GLN A 37 5.93 -0.51 11.85
N ASN A 38 6.98 0.30 11.79
CA ASN A 38 7.32 1.22 12.86
C ASN A 38 6.30 2.36 12.96
N ASP A 39 5.98 2.96 11.82
CA ASP A 39 5.04 4.09 11.80
C ASP A 39 3.69 3.70 12.37
N ALA A 40 3.23 2.49 12.07
CA ALA A 40 1.92 2.04 12.51
C ALA A 40 1.98 1.25 13.80
N GLY A 41 3.15 0.71 14.11
CA GLY A 41 3.30 -0.10 15.31
C GLY A 41 2.81 -1.52 15.10
N VAL A 42 3.00 -2.03 13.89
CA VAL A 42 2.49 -3.34 13.52
C VAL A 42 3.62 -4.30 13.21
N ARG A 43 3.25 -5.54 12.90
CA ARG A 43 4.19 -6.55 12.48
C ARG A 43 3.71 -7.16 11.16
N ILE A 44 4.34 -6.79 10.06
CA ILE A 44 3.89 -7.20 8.74
C ILE A 44 4.68 -8.40 8.24
N GLN A 45 3.96 -9.44 7.84
CA GLN A 45 4.58 -10.63 7.30
C GLN A 45 4.12 -10.88 5.87
N PHE A 46 5.01 -10.67 4.91
CA PHE A 46 4.71 -10.97 3.52
C PHE A 46 4.64 -12.47 3.32
N LYS A 47 3.49 -12.95 2.88
CA LYS A 47 3.22 -14.37 2.83
C LYS A 47 3.68 -14.98 1.52
N GLN A 48 3.53 -16.30 1.43
CA GLN A 48 3.89 -17.05 0.25
C GLN A 48 2.63 -17.55 -0.45
N ASP A 49 1.97 -16.64 -1.14
CA ASP A 49 0.69 -16.94 -1.78
C ASP A 49 0.81 -16.99 -3.30
N ASP A 50 -0.28 -17.38 -3.95
CA ASP A 50 -0.37 -17.38 -5.41
C ASP A 50 -1.83 -17.53 -5.83
N GLY A 51 -2.61 -18.21 -5.01
CA GLY A 51 -4.01 -18.41 -5.31
C GLY A 51 -4.90 -17.37 -4.64
N THR A 52 -4.64 -16.11 -4.91
CA THR A 52 -5.44 -15.03 -4.35
C THR A 52 -5.40 -13.81 -5.28
N GLY A 53 -5.30 -14.07 -6.57
CA GLY A 53 -5.24 -13.00 -7.55
C GLY A 53 -3.81 -12.68 -7.98
N PRO A 54 -3.62 -11.55 -8.67
CA PRO A 54 -2.30 -11.11 -9.16
C PRO A 54 -1.51 -10.35 -8.10
N GLU A 55 -2.03 -10.31 -6.89
CA GLU A 55 -1.40 -9.55 -5.83
C GLU A 55 -0.68 -10.49 -4.87
N LYS A 56 0.06 -9.90 -3.95
CA LYS A 56 0.74 -10.63 -2.90
C LYS A 56 0.05 -10.32 -1.60
N ILE A 57 -0.08 -11.29 -0.72
CA ILE A 57 -0.72 -11.03 0.54
C ILE A 57 0.29 -10.75 1.63
N ALA A 58 0.10 -9.61 2.27
CA ALA A 58 0.93 -9.19 3.39
C ALA A 58 0.10 -9.20 4.66
N HIS A 59 0.50 -10.03 5.61
CA HIS A 59 -0.25 -10.16 6.84
C HIS A 59 0.22 -9.13 7.84
N ILE A 60 -0.51 -8.03 7.95
CA ILE A 60 -0.23 -7.01 8.93
C ILE A 60 -0.84 -7.40 10.25
N MET A 61 -0.01 -7.86 11.17
CA MET A 61 -0.48 -8.37 12.44
C MET A 61 -0.30 -7.37 13.56
N GLY A 62 -1.20 -7.43 14.53
CA GLY A 62 -1.14 -6.51 15.65
C GLY A 62 -2.52 -5.98 15.97
N PRO A 63 -2.59 -4.86 16.70
CA PRO A 63 -3.87 -4.20 16.99
C PRO A 63 -4.56 -3.75 15.70
N PRO A 64 -5.86 -4.04 15.58
CA PRO A 64 -6.66 -3.79 14.37
C PRO A 64 -6.62 -2.33 13.93
N ASP A 65 -6.55 -1.43 14.90
CA ASP A 65 -6.44 0.00 14.63
C ASP A 65 -5.12 0.30 13.94
N ARG A 66 -4.06 -0.33 14.41
CA ARG A 66 -2.74 -0.18 13.82
C ARG A 66 -2.70 -0.84 12.46
N CYS A 67 -3.45 -1.92 12.32
CA CYS A 67 -3.54 -2.63 11.05
C CYS A 67 -4.08 -1.71 9.96
N GLU A 68 -5.06 -0.89 10.32
CA GLU A 68 -5.62 0.07 9.39
C GLU A 68 -4.66 1.22 9.13
N HIS A 69 -3.96 1.64 10.18
CA HIS A 69 -2.92 2.66 10.03
C HIS A 69 -1.87 2.18 9.03
N ALA A 70 -1.41 0.96 9.23
CA ALA A 70 -0.43 0.33 8.36
C ALA A 70 -0.98 0.11 6.96
N ALA A 71 -2.24 -0.29 6.88
CA ALA A 71 -2.92 -0.49 5.63
C ALA A 71 -2.88 0.79 4.78
N ARG A 72 -3.12 1.92 5.45
CA ARG A 72 -3.10 3.22 4.79
C ARG A 72 -1.70 3.58 4.29
N ILE A 73 -0.69 3.14 5.02
CA ILE A 73 0.70 3.42 4.65
C ILE A 73 1.06 2.75 3.33
N ILE A 74 0.76 1.46 3.23
CA ILE A 74 1.09 0.69 2.04
C ILE A 74 0.30 1.19 0.85
N ASN A 75 -1.00 1.41 1.07
CA ASN A 75 -1.88 1.87 0.00
C ASN A 75 -1.46 3.24 -0.54
N ASP A 76 -1.18 4.18 0.37
CA ASP A 76 -0.75 5.51 -0.02
C ASP A 76 0.64 5.46 -0.67
N LEU A 77 1.47 4.57 -0.16
CA LEU A 77 2.81 4.36 -0.71
C LEU A 77 2.73 3.88 -2.16
N LEU A 78 1.87 2.89 -2.40
CA LEU A 78 1.60 2.41 -3.76
C LEU A 78 1.15 3.57 -4.64
N GLN A 79 0.19 4.30 -4.13
CA GLN A 79 -0.42 5.42 -4.84
C GLN A 79 0.60 6.52 -5.15
N SER A 80 1.62 6.64 -4.29
CA SER A 80 2.66 7.65 -4.49
C SER A 80 3.53 7.28 -5.68
N LEU A 81 3.45 6.04 -6.11
CA LEU A 81 4.21 5.55 -7.25
C LEU A 81 3.36 5.58 -8.50
N ARG A 82 2.07 5.78 -8.31
CA ARG A 82 1.11 5.67 -9.41
C ARG A 82 1.00 6.98 -10.18
N SER A 83 2.13 7.60 -10.46
CA SER A 83 2.17 8.77 -11.30
C SER A 83 1.70 8.41 -12.71
N GLY A 84 0.56 8.94 -13.11
CA GLY A 84 -0.02 8.54 -14.37
C GLY A 84 -0.54 9.70 -15.19
N PRO A 85 -0.97 9.43 -16.43
CA PRO A 85 -1.53 10.44 -17.32
C PRO A 85 -2.97 10.79 -16.94
N PRO A 86 -3.30 12.08 -16.89
CA PRO A 86 -4.63 12.54 -16.53
C PRO A 86 -5.57 12.61 -17.74
N GLY A 87 -6.86 12.44 -17.48
CA GLY A 87 -7.85 12.60 -18.53
C GLY A 87 -9.17 13.12 -17.99
N PRO A 88 -9.16 14.29 -17.31
CA PRO A 88 -10.35 14.83 -16.67
C PRO A 88 -11.21 15.64 -17.64
N PRO A 89 -12.50 15.30 -17.76
CA PRO A 89 -13.43 16.05 -18.58
C PRO A 89 -14.00 17.26 -17.84
N GLY A 90 -14.19 18.36 -18.55
CA GLY A 90 -14.78 19.53 -17.94
C GLY A 90 -13.76 20.64 -17.74
N GLY A 91 -13.98 21.44 -16.72
CA GLY A 91 -13.09 22.55 -16.44
C GLY A 91 -13.53 23.30 -15.20
N PRO A 92 -13.77 24.63 -15.31
CA PRO A 92 -14.23 25.44 -14.18
C PRO A 92 -15.64 25.07 -13.76
N GLY A 93 -15.82 24.80 -12.47
CA GLY A 93 -17.13 24.43 -11.96
C GLY A 93 -17.43 25.12 -10.65
N MET A 94 -18.67 25.58 -10.49
CA MET A 94 -19.11 26.23 -9.26
C MET A 94 -20.43 25.62 -8.78
N PRO A 95 -20.36 24.46 -8.11
CA PRO A 95 -21.55 23.78 -7.61
C PRO A 95 -22.13 24.44 -6.37
N PRO A 96 -23.45 24.68 -6.36
CA PRO A 96 -24.14 25.27 -5.21
C PRO A 96 -24.01 24.41 -3.97
N GLY A 97 -23.59 25.02 -2.87
CA GLY A 97 -23.38 24.29 -1.64
C GLY A 97 -21.98 23.69 -1.57
N GLY A 98 -21.61 22.99 -2.64
CA GLY A 98 -20.30 22.38 -2.69
C GLY A 98 -20.17 21.22 -1.74
N ARG A 99 -19.16 21.27 -0.87
CA ARG A 99 -18.93 20.22 0.10
C ARG A 99 -19.06 20.76 1.52
N GLY A 100 -19.62 21.96 1.64
CA GLY A 100 -19.70 22.60 2.93
C GLY A 100 -21.12 22.95 3.33
N ARG A 101 -21.54 22.47 4.49
CA ARG A 101 -22.86 22.79 5.01
C ARG A 101 -22.82 24.10 5.78
N GLY A 102 -23.40 25.14 5.21
CA GLY A 102 -23.38 26.44 5.82
C GLY A 102 -22.09 27.16 5.55
N ARG A 103 -21.93 27.64 4.32
CA ARG A 103 -20.73 28.37 3.93
C ARG A 103 -20.82 29.80 4.42
N GLY A 104 -22.04 30.25 4.68
CA GLY A 104 -22.23 31.57 5.25
C GLY A 104 -21.92 31.59 6.73
N GLN A 105 -20.88 32.33 7.09
CA GLN A 105 -20.41 32.43 8.47
C GLN A 105 -19.83 31.11 8.96
N GLY A 106 -19.44 30.25 8.03
CA GLY A 106 -18.91 28.95 8.39
C GLY A 106 -18.18 28.29 7.24
N GLY A 1 -17.13 -0.89 3.55
CA GLY A 1 -16.27 0.05 2.80
C GLY A 1 -14.90 -0.52 2.52
N ALA A 2 -14.55 -0.62 1.24
CA ALA A 2 -13.25 -1.16 0.85
C ALA A 2 -12.17 -0.08 0.89
N MET A 3 -12.18 0.70 1.95
CA MET A 3 -11.23 1.79 2.14
C MET A 3 -11.09 2.08 3.61
N ALA A 4 -10.25 1.29 4.28
CA ALA A 4 -10.08 1.35 5.75
C ALA A 4 -11.36 0.87 6.44
N TYR A 5 -11.31 0.78 7.77
CA TYR A 5 -12.44 0.30 8.56
C TYR A 5 -12.86 -1.09 8.13
N GLY A 6 -11.89 -2.00 8.13
CA GLY A 6 -12.16 -3.38 7.76
C GLY A 6 -13.05 -4.07 8.77
N SER A 7 -13.86 -5.01 8.31
CA SER A 7 -14.78 -5.71 9.18
C SER A 7 -14.04 -6.70 10.06
N ARG A 8 -13.11 -7.45 9.47
CA ARG A 8 -12.32 -8.39 10.24
C ARG A 8 -10.93 -7.84 10.47
N ILE A 9 -10.71 -7.30 11.66
CA ILE A 9 -9.43 -6.69 12.01
C ILE A 9 -8.81 -7.37 13.22
N GLY A 10 -9.57 -8.24 13.87
CA GLY A 10 -9.10 -8.93 15.05
C GLY A 10 -7.98 -9.90 14.75
N GLY A 11 -6.80 -9.63 15.30
CA GLY A 11 -5.67 -10.52 15.11
C GLY A 11 -4.87 -10.15 13.88
N GLY A 12 -5.17 -9.01 13.29
CA GLY A 12 -4.48 -8.58 12.09
C GLY A 12 -5.36 -8.68 10.86
N ILE A 13 -4.93 -8.07 9.77
CA ILE A 13 -5.69 -8.07 8.52
C ILE A 13 -4.85 -8.60 7.37
N ASP A 14 -5.51 -9.00 6.30
CA ASP A 14 -4.83 -9.49 5.12
C ASP A 14 -4.93 -8.50 4.00
N VAL A 15 -3.80 -7.93 3.61
CA VAL A 15 -3.79 -6.87 2.62
C VAL A 15 -3.26 -7.35 1.27
N PRO A 16 -4.06 -7.19 0.21
CA PRO A 16 -3.65 -7.47 -1.16
C PRO A 16 -2.72 -6.38 -1.71
N VAL A 17 -1.51 -6.77 -2.06
CA VAL A 17 -0.51 -5.83 -2.55
C VAL A 17 0.06 -6.32 -3.90
N PRO A 18 0.06 -5.46 -4.93
CA PRO A 18 0.54 -5.83 -6.26
C PRO A 18 1.92 -6.51 -6.21
N ARG A 19 2.00 -7.70 -6.77
CA ARG A 19 3.21 -8.52 -6.71
C ARG A 19 4.38 -7.84 -7.43
N HIS A 20 4.09 -6.84 -8.26
CA HIS A 20 5.15 -6.07 -8.89
C HIS A 20 5.68 -5.01 -7.93
N SER A 21 4.85 -4.53 -7.03
CA SER A 21 5.23 -3.46 -6.13
C SER A 21 5.48 -3.98 -4.71
N VAL A 22 5.68 -5.29 -4.57
CA VAL A 22 5.99 -5.86 -3.27
C VAL A 22 7.36 -5.42 -2.78
N GLY A 23 8.34 -5.47 -3.68
CA GLY A 23 9.67 -5.06 -3.32
C GLY A 23 9.77 -3.57 -3.12
N VAL A 24 9.08 -2.83 -3.97
CA VAL A 24 9.05 -1.38 -3.90
C VAL A 24 8.53 -0.88 -2.53
N VAL A 25 7.55 -1.57 -1.94
CA VAL A 25 7.00 -1.15 -0.66
C VAL A 25 7.86 -1.64 0.51
N ILE A 26 8.56 -2.76 0.32
CA ILE A 26 9.45 -3.27 1.36
C ILE A 26 10.80 -2.56 1.32
N GLY A 27 11.15 -2.04 0.15
CA GLY A 27 12.35 -1.24 0.01
C GLY A 27 13.45 -1.97 -0.72
N ARG A 28 14.66 -1.44 -0.63
CA ARG A 28 15.81 -2.05 -1.30
C ARG A 28 16.48 -3.05 -0.35
N SER A 29 15.99 -3.09 0.88
CA SER A 29 16.60 -3.90 1.91
C SER A 29 15.60 -4.22 3.01
N GLY A 30 14.32 -4.10 2.69
CA GLY A 30 13.28 -4.36 3.67
C GLY A 30 13.17 -3.26 4.71
N GLU A 31 14.07 -2.28 4.65
CA GLU A 31 14.08 -1.17 5.59
C GLU A 31 12.80 -0.36 5.48
N MET A 32 12.27 -0.26 4.27
CA MET A 32 11.08 0.53 4.02
C MET A 32 9.86 -0.11 4.68
N ILE A 33 9.74 -1.44 4.63
CA ILE A 33 8.62 -2.09 5.29
C ILE A 33 8.84 -2.14 6.80
N LYS A 34 10.10 -2.09 7.21
CA LYS A 34 10.42 -1.98 8.63
C LYS A 34 9.99 -0.61 9.13
N LYS A 35 9.98 0.37 8.23
CA LYS A 35 9.45 1.69 8.53
C LYS A 35 7.94 1.63 8.62
N ILE A 36 7.32 0.87 7.71
CA ILE A 36 5.88 0.68 7.75
C ILE A 36 5.46 0.02 9.07
N GLN A 37 6.22 -1.00 9.45
CA GLN A 37 6.00 -1.69 10.73
C GLN A 37 6.30 -0.77 11.91
N ASN A 38 7.21 0.17 11.71
CA ASN A 38 7.63 1.08 12.78
C ASN A 38 6.60 2.19 12.96
N ASP A 39 6.16 2.75 11.84
CA ASP A 39 5.23 3.87 11.84
C ASP A 39 3.85 3.44 12.37
N ALA A 40 3.50 2.19 12.17
CA ALA A 40 2.20 1.69 12.59
C ALA A 40 2.29 0.77 13.82
N GLY A 41 3.46 0.19 14.03
CA GLY A 41 3.63 -0.72 15.16
C GLY A 41 2.97 -2.08 14.91
N VAL A 42 3.23 -2.66 13.74
CA VAL A 42 2.57 -3.91 13.35
C VAL A 42 3.59 -4.97 12.92
N ARG A 43 3.09 -6.17 12.65
CA ARG A 43 3.92 -7.25 12.13
C ARG A 43 3.36 -7.70 10.78
N ILE A 44 4.04 -7.30 9.71
CA ILE A 44 3.60 -7.61 8.37
C ILE A 44 4.41 -8.77 7.81
N GLN A 45 3.73 -9.81 7.33
CA GLN A 45 4.41 -10.93 6.71
C GLN A 45 3.65 -11.38 5.47
N PHE A 46 4.37 -11.51 4.37
CA PHE A 46 3.78 -11.98 3.12
C PHE A 46 3.52 -13.48 3.18
N LYS A 47 2.32 -13.89 2.84
CA LYS A 47 1.96 -15.30 2.89
C LYS A 47 2.36 -16.03 1.61
N GLN A 48 3.68 -16.15 1.41
CA GLN A 48 4.25 -16.87 0.27
C GLN A 48 3.95 -16.18 -1.06
N ASP A 49 4.45 -16.78 -2.13
CA ASP A 49 4.13 -16.34 -3.47
C ASP A 49 3.84 -17.55 -4.34
N ASP A 50 2.55 -17.78 -4.59
CA ASP A 50 2.11 -18.91 -5.39
C ASP A 50 2.65 -18.84 -6.82
N GLY A 51 2.43 -17.71 -7.46
CA GLY A 51 2.83 -17.54 -8.84
C GLY A 51 1.73 -16.92 -9.66
N THR A 52 0.50 -17.27 -9.33
CA THR A 52 -0.66 -16.68 -9.98
C THR A 52 -1.19 -15.51 -9.18
N GLY A 53 -2.02 -14.69 -9.80
CA GLY A 53 -2.60 -13.55 -9.12
C GLY A 53 -1.79 -12.29 -9.32
N PRO A 54 -2.45 -11.13 -9.32
CA PRO A 54 -1.77 -9.83 -9.46
C PRO A 54 -1.30 -9.29 -8.12
N GLU A 55 -1.97 -9.72 -7.05
CA GLU A 55 -1.67 -9.24 -5.72
C GLU A 55 -1.17 -10.36 -4.83
N LYS A 56 -0.47 -9.95 -3.79
CA LYS A 56 0.04 -10.84 -2.77
C LYS A 56 -0.72 -10.57 -1.49
N ILE A 57 -0.99 -11.61 -0.72
CA ILE A 57 -1.63 -11.41 0.56
C ILE A 57 -0.59 -11.27 1.65
N ALA A 58 -0.63 -10.12 2.29
CA ALA A 58 0.28 -9.81 3.38
C ALA A 58 -0.52 -9.70 4.66
N HIS A 59 -0.17 -10.52 5.64
CA HIS A 59 -0.90 -10.55 6.88
C HIS A 59 -0.30 -9.53 7.85
N ILE A 60 -0.92 -8.36 7.92
CA ILE A 60 -0.50 -7.33 8.86
C ILE A 60 -1.14 -7.58 10.21
N MET A 61 -0.34 -8.08 11.14
CA MET A 61 -0.86 -8.46 12.46
C MET A 61 -0.55 -7.40 13.49
N GLY A 62 -1.46 -7.27 14.45
CA GLY A 62 -1.27 -6.34 15.53
C GLY A 62 -2.58 -5.74 15.96
N PRO A 63 -2.56 -4.67 16.76
CA PRO A 63 -3.78 -3.98 17.15
C PRO A 63 -4.48 -3.41 15.92
N PRO A 64 -5.79 -3.67 15.80
CA PRO A 64 -6.58 -3.37 14.61
C PRO A 64 -6.34 -1.98 14.03
N ASP A 65 -6.40 -0.95 14.85
CA ASP A 65 -6.19 0.42 14.38
C ASP A 65 -4.80 0.59 13.77
N ARG A 66 -3.84 -0.17 14.27
CA ARG A 66 -2.47 -0.10 13.79
C ARG A 66 -2.34 -0.82 12.46
N CYS A 67 -3.07 -1.92 12.31
CA CYS A 67 -3.02 -2.67 11.06
C CYS A 67 -3.69 -1.86 9.95
N GLU A 68 -4.73 -1.12 10.33
CA GLU A 68 -5.38 -0.19 9.41
C GLU A 68 -4.41 0.93 9.03
N HIS A 69 -3.75 1.48 10.05
CA HIS A 69 -2.71 2.49 9.86
C HIS A 69 -1.65 1.98 8.88
N ALA A 70 -1.20 0.76 9.14
CA ALA A 70 -0.17 0.10 8.33
C ALA A 70 -0.65 -0.09 6.89
N ALA A 71 -1.87 -0.57 6.73
CA ALA A 71 -2.45 -0.78 5.42
C ALA A 71 -2.50 0.51 4.62
N ARG A 72 -2.84 1.60 5.29
CA ARG A 72 -2.90 2.92 4.67
C ARG A 72 -1.55 3.31 4.09
N ILE A 73 -0.50 3.06 4.86
CA ILE A 73 0.86 3.38 4.44
C ILE A 73 1.18 2.70 3.11
N ILE A 74 0.90 1.41 3.02
CA ILE A 74 1.19 0.64 1.82
C ILE A 74 0.29 1.07 0.66
N ASN A 75 -0.99 1.24 0.94
CA ASN A 75 -1.96 1.63 -0.08
C ASN A 75 -1.62 3.00 -0.68
N ASP A 76 -1.35 3.96 0.19
CA ASP A 76 -1.01 5.32 -0.25
C ASP A 76 0.35 5.35 -0.92
N LEU A 77 1.23 4.45 -0.50
CA LEU A 77 2.54 4.29 -1.12
C LEU A 77 2.38 3.89 -2.58
N LEU A 78 1.60 2.83 -2.81
CA LEU A 78 1.29 2.38 -4.17
C LEU A 78 0.68 3.51 -4.97
N GLN A 79 -0.26 4.21 -4.34
CA GLN A 79 -0.98 5.32 -4.95
C GLN A 79 -0.03 6.43 -5.41
N SER A 80 1.06 6.61 -4.70
CA SER A 80 2.03 7.64 -5.03
C SER A 80 2.93 7.17 -6.17
N LEU A 81 3.37 5.92 -6.10
CA LEU A 81 4.29 5.36 -7.09
C LEU A 81 3.65 5.33 -8.47
N ARG A 82 2.63 4.49 -8.60
CA ARG A 82 1.97 4.25 -9.88
C ARG A 82 2.95 3.69 -10.90
N SER A 83 3.28 2.42 -10.75
CA SER A 83 4.20 1.75 -11.66
C SER A 83 3.62 1.67 -13.06
N GLY A 84 4.13 2.52 -13.95
CA GLY A 84 3.64 2.58 -15.30
C GLY A 84 4.54 3.40 -16.21
N PRO A 85 4.76 4.69 -15.89
CA PRO A 85 5.67 5.55 -16.66
C PRO A 85 7.11 5.02 -16.67
N PRO A 86 7.88 5.37 -17.71
CA PRO A 86 9.27 4.93 -17.85
C PRO A 86 10.19 5.56 -16.81
N GLY A 87 10.25 4.93 -15.64
CA GLY A 87 11.10 5.41 -14.58
C GLY A 87 10.34 6.29 -13.61
N PRO A 88 10.88 7.45 -13.26
CA PRO A 88 10.23 8.39 -12.35
C PRO A 88 8.99 9.03 -12.96
N PRO A 89 7.94 9.25 -12.14
CA PRO A 89 6.69 9.84 -12.60
C PRO A 89 6.81 11.33 -12.92
N GLY A 90 8.00 11.87 -12.73
CA GLY A 90 8.24 13.27 -13.04
C GLY A 90 8.62 13.47 -14.48
N GLY A 91 8.23 14.61 -15.05
CA GLY A 91 8.52 14.87 -16.44
C GLY A 91 9.08 16.26 -16.65
N PRO A 92 9.94 16.44 -17.68
CA PRO A 92 10.56 17.73 -17.99
C PRO A 92 9.51 18.81 -18.29
N GLY A 93 8.69 18.57 -19.31
CA GLY A 93 7.62 19.48 -19.64
C GLY A 93 6.30 18.98 -19.11
N MET A 94 6.22 18.82 -17.81
CA MET A 94 5.04 18.24 -17.17
C MET A 94 3.93 19.28 -17.04
N PRO A 95 2.77 18.99 -17.67
CA PRO A 95 1.58 19.82 -17.50
C PRO A 95 0.91 19.54 -16.16
N PRO A 96 0.34 20.59 -15.53
CA PRO A 96 -0.33 20.46 -14.23
C PRO A 96 -1.50 19.48 -14.29
N GLY A 97 -1.34 18.34 -13.64
CA GLY A 97 -2.36 17.33 -13.66
C GLY A 97 -3.37 17.52 -12.55
N GLY A 98 -4.58 16.99 -12.77
CA GLY A 98 -5.62 17.09 -11.76
C GLY A 98 -5.41 16.10 -10.64
N ARG A 99 -4.48 16.43 -9.75
CA ARG A 99 -4.17 15.59 -8.60
C ARG A 99 -5.24 15.73 -7.50
N GLY A 100 -6.35 15.06 -7.71
CA GLY A 100 -7.44 15.10 -6.75
C GLY A 100 -7.38 13.94 -5.77
N ARG A 101 -7.61 14.23 -4.51
CA ARG A 101 -7.59 13.19 -3.48
C ARG A 101 -9.01 12.89 -3.01
N GLY A 102 -9.39 11.63 -3.08
CA GLY A 102 -10.72 11.24 -2.63
C GLY A 102 -11.69 11.09 -3.79
N ARG A 103 -11.39 10.17 -4.69
CA ARG A 103 -12.25 9.94 -5.84
C ARG A 103 -13.41 9.02 -5.48
N GLY A 104 -14.33 9.54 -4.67
CA GLY A 104 -15.52 8.80 -4.33
C GLY A 104 -16.73 9.30 -5.09
N GLN A 105 -16.85 10.62 -5.19
CA GLN A 105 -17.96 11.27 -5.90
C GLN A 105 -19.30 10.78 -5.36
N GLY A 106 -19.43 10.78 -4.04
CA GLY A 106 -20.65 10.33 -3.42
C GLY A 106 -20.41 9.81 -2.02
N GLY A 1 -15.91 -4.41 -4.36
CA GLY A 1 -15.76 -5.53 -3.41
C GLY A 1 -16.97 -6.45 -3.40
N ALA A 2 -17.30 -7.00 -4.57
CA ALA A 2 -18.45 -7.89 -4.70
C ALA A 2 -18.04 -9.34 -4.58
N MET A 3 -16.84 -9.67 -5.05
CA MET A 3 -16.34 -11.04 -5.01
C MET A 3 -15.25 -11.18 -3.96
N ALA A 4 -14.22 -10.36 -4.08
CA ALA A 4 -13.08 -10.43 -3.18
C ALA A 4 -13.26 -9.48 -2.01
N TYR A 5 -14.28 -9.73 -1.19
CA TYR A 5 -14.53 -8.91 -0.02
C TYR A 5 -14.16 -9.68 1.24
N GLY A 6 -13.43 -9.01 2.12
CA GLY A 6 -13.01 -9.63 3.37
C GLY A 6 -12.17 -8.69 4.20
N SER A 7 -12.60 -7.45 4.29
CA SER A 7 -11.85 -6.42 4.99
C SER A 7 -12.26 -6.37 6.47
N ARG A 8 -12.06 -7.48 7.16
CA ARG A 8 -12.40 -7.57 8.58
C ARG A 8 -11.20 -7.14 9.42
N ILE A 9 -11.43 -6.92 10.71
CA ILE A 9 -10.37 -6.48 11.60
C ILE A 9 -10.31 -7.34 12.86
N GLY A 10 -9.46 -8.36 12.83
CA GLY A 10 -9.29 -9.22 13.98
C GLY A 10 -7.98 -8.97 14.68
N GLY A 11 -7.12 -9.98 14.73
CA GLY A 11 -5.80 -9.81 15.30
C GLY A 11 -4.80 -9.42 14.25
N GLY A 12 -5.32 -8.90 13.15
CA GLY A 12 -4.51 -8.54 12.01
C GLY A 12 -5.35 -8.54 10.76
N ILE A 13 -4.84 -7.95 9.69
CA ILE A 13 -5.57 -7.88 8.44
C ILE A 13 -4.69 -8.35 7.29
N ASP A 14 -5.29 -9.01 6.32
CA ASP A 14 -4.54 -9.47 5.15
C ASP A 14 -4.70 -8.47 4.02
N VAL A 15 -3.63 -7.75 3.74
CA VAL A 15 -3.66 -6.72 2.71
C VAL A 15 -3.03 -7.22 1.42
N PRO A 16 -3.77 -7.11 0.30
CA PRO A 16 -3.27 -7.53 -1.01
C PRO A 16 -2.40 -6.47 -1.68
N VAL A 17 -1.17 -6.83 -1.95
CA VAL A 17 -0.23 -5.93 -2.61
C VAL A 17 0.19 -6.51 -3.95
N PRO A 18 0.01 -5.75 -5.04
CA PRO A 18 0.43 -6.18 -6.39
C PRO A 18 1.86 -6.70 -6.40
N ARG A 19 2.06 -7.88 -6.99
CA ARG A 19 3.38 -8.52 -7.00
C ARG A 19 4.40 -7.68 -7.76
N HIS A 20 3.91 -6.73 -8.53
CA HIS A 20 4.79 -5.81 -9.26
C HIS A 20 5.33 -4.73 -8.32
N SER A 21 4.81 -4.67 -7.11
CA SER A 21 5.23 -3.67 -6.13
C SER A 21 5.57 -4.31 -4.78
N VAL A 22 5.82 -5.61 -4.78
CA VAL A 22 6.12 -6.32 -3.53
C VAL A 22 7.43 -5.83 -2.91
N GLY A 23 8.47 -5.75 -3.73
CA GLY A 23 9.75 -5.31 -3.23
C GLY A 23 9.78 -3.82 -3.00
N VAL A 24 9.14 -3.08 -3.89
CA VAL A 24 9.09 -1.62 -3.79
C VAL A 24 8.55 -1.13 -2.45
N VAL A 25 7.58 -1.83 -1.85
CA VAL A 25 7.01 -1.38 -0.58
C VAL A 25 7.86 -1.83 0.61
N ILE A 26 8.53 -2.98 0.48
CA ILE A 26 9.40 -3.47 1.56
C ILE A 26 10.75 -2.78 1.54
N GLY A 27 11.18 -2.37 0.36
CA GLY A 27 12.44 -1.67 0.20
C GLY A 27 13.47 -2.53 -0.48
N ARG A 28 14.73 -2.32 -0.14
CA ARG A 28 15.80 -3.13 -0.71
C ARG A 28 16.57 -3.82 0.41
N SER A 29 16.36 -3.34 1.62
CA SER A 29 16.93 -3.95 2.80
C SER A 29 15.84 -4.20 3.82
N GLY A 30 14.60 -3.96 3.41
CA GLY A 30 13.48 -4.07 4.32
C GLY A 30 13.39 -2.87 5.23
N GLU A 31 14.24 -1.87 4.96
CA GLU A 31 14.28 -0.67 5.77
C GLU A 31 12.96 0.10 5.64
N MET A 32 12.35 -0.04 4.48
CA MET A 32 11.11 0.65 4.17
C MET A 32 9.92 -0.03 4.87
N ILE A 33 9.86 -1.36 4.79
CA ILE A 33 8.77 -2.09 5.41
C ILE A 33 8.84 -2.00 6.93
N LYS A 34 10.06 -1.88 7.47
CA LYS A 34 10.23 -1.73 8.90
C LYS A 34 9.73 -0.38 9.37
N LYS A 35 9.78 0.62 8.47
CA LYS A 35 9.21 1.93 8.78
C LYS A 35 7.70 1.83 8.85
N ILE A 36 7.13 1.01 7.96
CA ILE A 36 5.70 0.77 7.95
C ILE A 36 5.28 0.07 9.24
N GLN A 37 6.05 -0.94 9.62
CA GLN A 37 5.82 -1.66 10.86
C GLN A 37 6.01 -0.74 12.07
N ASN A 38 7.04 0.10 12.01
CA ASN A 38 7.38 1.00 13.11
C ASN A 38 6.34 2.10 13.29
N ASP A 39 6.00 2.77 12.20
CA ASP A 39 5.07 3.89 12.24
C ASP A 39 3.67 3.44 12.66
N ALA A 40 3.31 2.22 12.33
CA ALA A 40 1.98 1.72 12.66
C ALA A 40 1.98 0.85 13.92
N GLY A 41 3.14 0.31 14.25
CA GLY A 41 3.26 -0.55 15.42
C GLY A 41 2.72 -1.94 15.16
N VAL A 42 3.08 -2.51 14.02
CA VAL A 42 2.53 -3.79 13.58
C VAL A 42 3.62 -4.78 13.18
N ARG A 43 3.20 -6.00 12.91
CA ARG A 43 4.08 -7.04 12.38
C ARG A 43 3.56 -7.51 11.03
N ILE A 44 4.26 -7.17 9.96
CA ILE A 44 3.78 -7.46 8.61
C ILE A 44 4.49 -8.70 8.05
N GLN A 45 3.70 -9.68 7.65
CA GLN A 45 4.24 -10.91 7.08
C GLN A 45 3.76 -11.10 5.64
N PHE A 46 4.70 -11.06 4.71
CA PHE A 46 4.38 -11.31 3.30
C PHE A 46 4.22 -12.80 3.04
N LYS A 47 2.99 -13.24 2.87
CA LYS A 47 2.70 -14.63 2.59
C LYS A 47 3.09 -14.97 1.15
N GLN A 48 4.04 -15.87 0.99
CA GLN A 48 4.60 -16.18 -0.32
C GLN A 48 3.59 -16.94 -1.17
N ASP A 49 3.35 -16.45 -2.37
CA ASP A 49 2.38 -17.06 -3.28
C ASP A 49 3.04 -18.16 -4.10
N ASP A 50 2.24 -19.15 -4.45
CA ASP A 50 2.70 -20.22 -5.34
C ASP A 50 2.01 -20.07 -6.69
N GLY A 51 1.78 -18.81 -7.07
CA GLY A 51 0.95 -18.52 -8.22
C GLY A 51 -0.49 -18.39 -7.81
N THR A 52 -0.67 -18.19 -6.50
CA THR A 52 -1.98 -18.19 -5.87
C THR A 52 -2.81 -16.98 -6.28
N GLY A 53 -2.15 -15.95 -6.81
CA GLY A 53 -2.85 -14.76 -7.24
C GLY A 53 -1.89 -13.71 -7.76
N PRO A 54 -2.41 -12.64 -8.41
CA PRO A 54 -1.58 -11.56 -8.92
C PRO A 54 -1.10 -10.62 -7.82
N GLU A 55 -1.71 -10.77 -6.65
CA GLU A 55 -1.31 -10.00 -5.49
C GLU A 55 -0.59 -10.88 -4.49
N LYS A 56 0.11 -10.25 -3.57
CA LYS A 56 0.75 -10.92 -2.47
C LYS A 56 0.01 -10.55 -1.21
N ILE A 57 -0.41 -11.54 -0.45
CA ILE A 57 -1.13 -11.25 0.77
C ILE A 57 -0.17 -10.96 1.89
N ALA A 58 -0.25 -9.74 2.36
CA ALA A 58 0.58 -9.28 3.46
C ALA A 58 -0.23 -9.25 4.73
N HIS A 59 0.02 -10.21 5.59
CA HIS A 59 -0.72 -10.32 6.82
C HIS A 59 -0.16 -9.34 7.85
N ILE A 60 -0.80 -8.19 7.96
CA ILE A 60 -0.41 -7.20 8.95
C ILE A 60 -1.05 -7.55 10.28
N MET A 61 -0.26 -8.10 11.19
CA MET A 61 -0.79 -8.60 12.46
C MET A 61 -0.51 -7.64 13.59
N GLY A 62 -1.46 -7.58 14.53
CA GLY A 62 -1.32 -6.72 15.68
C GLY A 62 -2.65 -6.19 16.11
N PRO A 63 -2.67 -5.04 16.81
CA PRO A 63 -3.93 -4.37 17.15
C PRO A 63 -4.60 -3.85 15.88
N PRO A 64 -5.92 -4.05 15.78
CA PRO A 64 -6.70 -3.82 14.55
C PRO A 64 -6.57 -2.42 14.01
N ASP A 65 -6.52 -1.43 14.88
CA ASP A 65 -6.37 -0.04 14.47
C ASP A 65 -4.97 0.20 13.89
N ARG A 66 -3.99 -0.45 14.50
CA ARG A 66 -2.62 -0.37 14.05
C ARG A 66 -2.50 -0.95 12.66
N CYS A 67 -3.12 -2.11 12.49
CA CYS A 67 -3.17 -2.79 11.20
C CYS A 67 -3.76 -1.87 10.12
N GLU A 68 -4.81 -1.13 10.47
CA GLU A 68 -5.44 -0.19 9.55
C GLU A 68 -4.46 0.92 9.17
N HIS A 69 -3.79 1.47 10.17
CA HIS A 69 -2.77 2.49 9.96
C HIS A 69 -1.68 1.97 9.03
N ALA A 70 -1.23 0.76 9.31
CA ALA A 70 -0.18 0.11 8.54
C ALA A 70 -0.58 -0.06 7.08
N ALA A 71 -1.83 -0.46 6.87
CA ALA A 71 -2.37 -0.63 5.52
C ALA A 71 -2.30 0.68 4.74
N ARG A 72 -2.58 1.77 5.43
CA ARG A 72 -2.58 3.10 4.80
C ARG A 72 -1.18 3.49 4.33
N ILE A 73 -0.18 3.09 5.09
CA ILE A 73 1.21 3.38 4.73
C ILE A 73 1.58 2.69 3.43
N ILE A 74 1.21 1.42 3.31
CA ILE A 74 1.47 0.67 2.09
C ILE A 74 0.63 1.21 0.94
N ASN A 75 -0.64 1.52 1.23
CA ASN A 75 -1.55 2.06 0.23
C ASN A 75 -1.04 3.39 -0.34
N ASP A 76 -0.68 4.31 0.56
CA ASP A 76 -0.16 5.62 0.15
C ASP A 76 1.10 5.46 -0.67
N LEU A 77 1.95 4.52 -0.25
CA LEU A 77 3.18 4.22 -0.95
C LEU A 77 2.88 3.77 -2.38
N LEU A 78 2.03 2.75 -2.52
CA LEU A 78 1.59 2.26 -3.84
C LEU A 78 1.06 3.40 -4.69
N GLN A 79 0.20 4.20 -4.08
CA GLN A 79 -0.48 5.30 -4.74
C GLN A 79 0.52 6.34 -5.25
N SER A 80 1.63 6.50 -4.54
CA SER A 80 2.65 7.47 -4.91
C SER A 80 3.57 6.91 -5.99
N LEU A 81 3.72 5.59 -6.02
CA LEU A 81 4.60 4.93 -6.99
C LEU A 81 3.91 4.79 -8.33
N ARG A 82 2.87 3.95 -8.34
CA ARG A 82 2.20 3.53 -9.57
C ARG A 82 3.13 2.71 -10.47
N SER A 83 4.34 2.44 -9.96
CA SER A 83 5.37 1.69 -10.66
C SER A 83 5.62 2.27 -12.05
N GLY A 84 5.68 3.59 -12.13
CA GLY A 84 5.91 4.25 -13.40
C GLY A 84 7.32 4.80 -13.51
N PRO A 85 7.45 6.10 -13.83
CA PRO A 85 8.75 6.76 -13.95
C PRO A 85 9.46 6.88 -12.59
N PRO A 86 10.72 6.43 -12.51
CA PRO A 86 11.51 6.51 -11.28
C PRO A 86 11.72 7.96 -10.83
N GLY A 87 11.04 8.33 -9.76
CA GLY A 87 11.15 9.68 -9.25
C GLY A 87 11.93 9.75 -7.95
N PRO A 88 12.38 10.95 -7.55
CA PRO A 88 13.15 11.14 -6.32
C PRO A 88 12.27 11.19 -5.08
N PRO A 89 12.84 10.88 -3.91
CA PRO A 89 12.13 10.94 -2.63
C PRO A 89 11.95 12.38 -2.14
N GLY A 90 11.36 13.21 -3.00
CA GLY A 90 11.13 14.60 -2.65
C GLY A 90 9.67 14.99 -2.82
N GLY A 91 9.41 15.97 -3.67
CA GLY A 91 8.04 16.40 -3.89
C GLY A 91 7.96 17.69 -4.69
N PRO A 92 7.39 18.75 -4.09
CA PRO A 92 7.20 20.03 -4.75
C PRO A 92 8.51 20.80 -4.94
N GLY A 93 9.28 20.36 -5.92
CA GLY A 93 10.53 21.03 -6.23
C GLY A 93 10.58 21.47 -7.68
N MET A 94 11.80 21.64 -8.20
CA MET A 94 12.03 22.08 -9.57
C MET A 94 11.32 23.41 -9.84
N PRO A 95 11.76 24.50 -9.20
CA PRO A 95 11.14 25.82 -9.35
C PRO A 95 11.49 26.47 -10.69
N PRO A 96 10.48 26.73 -11.53
CA PRO A 96 10.67 27.37 -12.83
C PRO A 96 10.82 28.88 -12.73
N GLY A 97 12.05 29.32 -12.52
CA GLY A 97 12.32 30.74 -12.42
C GLY A 97 12.80 31.32 -13.73
N GLY A 98 13.23 30.45 -14.63
CA GLY A 98 13.72 30.89 -15.91
C GLY A 98 12.60 31.03 -16.93
N ARG A 99 12.58 30.12 -17.90
CA ARG A 99 11.58 30.17 -18.95
C ARG A 99 10.38 29.31 -18.57
N GLY A 100 9.88 29.55 -17.37
CA GLY A 100 8.70 28.87 -16.88
C GLY A 100 7.73 29.86 -16.28
N ARG A 101 7.80 31.07 -16.78
CA ARG A 101 7.03 32.19 -16.28
C ARG A 101 7.06 33.30 -17.32
N GLY A 102 5.89 33.76 -17.73
CA GLY A 102 5.81 34.72 -18.82
C GLY A 102 5.58 36.14 -18.33
N ARG A 103 4.94 36.94 -19.16
CA ARG A 103 4.66 38.32 -18.81
C ARG A 103 3.31 38.42 -18.10
N GLY A 104 3.33 38.99 -16.91
CA GLY A 104 2.09 39.29 -16.21
C GLY A 104 1.87 40.78 -16.14
N GLN A 105 1.37 41.25 -15.01
CA GLN A 105 1.24 42.69 -14.79
C GLN A 105 2.24 43.14 -13.74
N GLY A 106 3.07 42.20 -13.30
CA GLY A 106 4.10 42.49 -12.33
C GLY A 106 5.36 41.68 -12.59
N GLY A 1 -11.69 -2.20 28.09
CA GLY A 1 -11.16 -1.11 27.25
C GLY A 1 -11.66 0.24 27.71
N ALA A 2 -10.75 1.19 27.90
CA ALA A 2 -11.11 2.51 28.38
C ALA A 2 -11.00 3.54 27.26
N MET A 3 -12.15 4.15 26.93
CA MET A 3 -12.21 5.21 25.91
C MET A 3 -11.65 4.72 24.58
N ALA A 4 -12.05 3.52 24.19
CA ALA A 4 -11.63 2.95 22.92
C ALA A 4 -12.82 2.81 21.98
N TYR A 5 -13.92 2.27 22.51
CA TYR A 5 -15.16 2.10 21.76
C TYR A 5 -14.90 1.49 20.39
N GLY A 6 -14.32 0.29 20.38
CA GLY A 6 -13.97 -0.34 19.14
C GLY A 6 -12.53 -0.81 19.14
N SER A 7 -11.80 -0.45 18.08
CA SER A 7 -10.41 -0.86 17.92
C SER A 7 -10.34 -2.39 17.88
N ARG A 8 -11.17 -2.98 17.03
CA ARG A 8 -11.27 -4.44 16.96
C ARG A 8 -11.72 -4.88 15.56
N ILE A 9 -10.76 -4.96 14.66
CA ILE A 9 -10.98 -5.54 13.34
C ILE A 9 -10.49 -6.98 13.34
N GLY A 10 -9.53 -7.25 14.22
CA GLY A 10 -8.97 -8.58 14.34
C GLY A 10 -7.59 -8.53 14.97
N GLY A 11 -6.87 -9.64 14.90
CA GLY A 11 -5.52 -9.67 15.42
C GLY A 11 -4.51 -9.52 14.31
N GLY A 12 -5.03 -9.38 13.10
CA GLY A 12 -4.19 -9.24 11.92
C GLY A 12 -5.03 -9.32 10.67
N ILE A 13 -4.78 -8.43 9.72
CA ILE A 13 -5.56 -8.37 8.50
C ILE A 13 -4.72 -8.75 7.29
N ASP A 14 -5.38 -9.11 6.20
CA ASP A 14 -4.69 -9.43 4.97
C ASP A 14 -4.78 -8.27 3.99
N VAL A 15 -3.63 -7.76 3.57
CA VAL A 15 -3.57 -6.63 2.65
C VAL A 15 -2.94 -7.06 1.32
N PRO A 16 -3.56 -6.67 0.20
CA PRO A 16 -3.05 -6.98 -1.12
C PRO A 16 -2.03 -5.96 -1.62
N VAL A 17 -0.81 -6.42 -1.85
CA VAL A 17 0.21 -5.58 -2.44
C VAL A 17 0.53 -6.06 -3.86
N PRO A 18 0.28 -5.21 -4.86
CA PRO A 18 0.60 -5.52 -6.25
C PRO A 18 1.99 -6.13 -6.40
N ARG A 19 2.07 -7.25 -7.12
CA ARG A 19 3.33 -7.99 -7.25
C ARG A 19 4.39 -7.18 -7.98
N HIS A 20 3.96 -6.13 -8.68
CA HIS A 20 4.88 -5.24 -9.36
C HIS A 20 5.52 -4.26 -8.37
N SER A 21 5.02 -4.26 -7.15
CA SER A 21 5.48 -3.32 -6.14
C SER A 21 5.79 -4.02 -4.82
N VAL A 22 6.00 -5.32 -4.87
CA VAL A 22 6.29 -6.10 -3.67
C VAL A 22 7.57 -5.63 -2.97
N GLY A 23 8.62 -5.42 -3.75
CA GLY A 23 9.87 -4.98 -3.16
C GLY A 23 9.87 -3.51 -2.83
N VAL A 24 9.14 -2.71 -3.62
CA VAL A 24 9.06 -1.28 -3.39
C VAL A 24 8.48 -0.94 -2.01
N VAL A 25 7.53 -1.74 -1.53
CA VAL A 25 6.90 -1.45 -0.25
C VAL A 25 7.73 -1.96 0.92
N ILE A 26 8.49 -3.03 0.71
CA ILE A 26 9.36 -3.54 1.75
C ILE A 26 10.65 -2.74 1.81
N GLY A 27 11.06 -2.22 0.66
CA GLY A 27 12.20 -1.33 0.61
C GLY A 27 13.38 -1.95 -0.09
N ARG A 28 14.45 -1.18 -0.20
CA ARG A 28 15.66 -1.64 -0.86
C ARG A 28 16.35 -2.71 0.00
N SER A 29 16.06 -2.70 1.29
CA SER A 29 16.69 -3.62 2.21
C SER A 29 15.76 -4.01 3.34
N GLY A 30 14.48 -3.70 3.17
CA GLY A 30 13.49 -4.05 4.17
C GLY A 30 13.33 -2.96 5.22
N GLU A 31 14.21 -1.97 5.17
CA GLU A 31 14.15 -0.83 6.09
C GLU A 31 12.86 -0.05 5.91
N MET A 32 12.28 -0.16 4.72
CA MET A 32 11.05 0.53 4.39
C MET A 32 9.86 -0.13 5.10
N ILE A 33 9.75 -1.46 5.01
CA ILE A 33 8.66 -2.15 5.68
C ILE A 33 8.87 -2.14 7.19
N LYS A 34 10.12 -2.03 7.61
CA LYS A 34 10.42 -1.88 9.03
C LYS A 34 9.94 -0.52 9.51
N LYS A 35 9.84 0.44 8.60
CA LYS A 35 9.24 1.72 8.92
C LYS A 35 7.72 1.57 8.97
N ILE A 36 7.18 0.75 8.08
CA ILE A 36 5.75 0.47 8.09
C ILE A 36 5.35 -0.19 9.41
N GLN A 37 6.17 -1.15 9.84
CA GLN A 37 5.95 -1.84 11.12
C GLN A 37 6.17 -0.91 12.30
N ASN A 38 7.11 0.02 12.15
CA ASN A 38 7.46 0.95 13.23
C ASN A 38 6.41 2.05 13.36
N ASP A 39 6.20 2.76 12.27
CA ASP A 39 5.28 3.90 12.23
C ASP A 39 3.87 3.48 12.61
N ALA A 40 3.48 2.28 12.23
CA ALA A 40 2.14 1.80 12.52
C ALA A 40 2.10 0.98 13.81
N GLY A 41 3.25 0.42 14.19
CA GLY A 41 3.29 -0.42 15.37
C GLY A 41 2.66 -1.78 15.14
N VAL A 42 3.02 -2.41 14.04
CA VAL A 42 2.44 -3.70 13.65
C VAL A 42 3.54 -4.71 13.34
N ARG A 43 3.11 -5.92 12.99
CA ARG A 43 4.01 -6.98 12.57
C ARG A 43 3.51 -7.60 11.26
N ILE A 44 4.23 -7.35 10.19
CA ILE A 44 3.79 -7.75 8.85
C ILE A 44 4.60 -8.92 8.32
N GLN A 45 3.92 -9.91 7.77
CA GLN A 45 4.59 -11.01 7.09
C GLN A 45 3.87 -11.33 5.80
N PHE A 46 4.63 -11.43 4.71
CA PHE A 46 4.08 -11.72 3.40
C PHE A 46 3.65 -13.19 3.30
N LYS A 47 2.43 -13.39 2.84
CA LYS A 47 1.90 -14.73 2.61
C LYS A 47 2.14 -15.11 1.16
N GLN A 48 2.01 -16.38 0.84
CA GLN A 48 2.31 -16.85 -0.50
C GLN A 48 1.08 -16.78 -1.40
N ASP A 49 1.29 -16.33 -2.62
CA ASP A 49 0.23 -16.25 -3.61
C ASP A 49 0.41 -17.33 -4.66
N ASP A 50 -0.60 -18.15 -4.82
CA ASP A 50 -0.57 -19.22 -5.80
C ASP A 50 -1.69 -19.03 -6.80
N GLY A 51 -1.95 -17.78 -7.14
CA GLY A 51 -2.97 -17.46 -8.11
C GLY A 51 -4.24 -16.91 -7.47
N THR A 52 -4.07 -16.10 -6.45
CA THR A 52 -5.20 -15.50 -5.75
C THR A 52 -5.62 -14.20 -6.44
N GLY A 53 -4.72 -13.65 -7.23
CA GLY A 53 -4.98 -12.42 -7.95
C GLY A 53 -3.71 -11.86 -8.53
N PRO A 54 -3.68 -10.55 -8.82
CA PRO A 54 -2.48 -9.88 -9.29
C PRO A 54 -1.63 -9.34 -8.14
N GLU A 55 -2.09 -9.58 -6.93
CA GLU A 55 -1.44 -9.03 -5.75
C GLU A 55 -0.81 -10.12 -4.90
N LYS A 56 -0.03 -9.68 -3.93
CA LYS A 56 0.54 -10.55 -2.93
C LYS A 56 -0.13 -10.23 -1.60
N ILE A 57 -0.66 -11.24 -0.93
CA ILE A 57 -1.32 -10.99 0.34
C ILE A 57 -0.32 -10.93 1.48
N ALA A 58 -0.37 -9.83 2.19
CA ALA A 58 0.51 -9.61 3.33
C ALA A 58 -0.31 -9.56 4.60
N HIS A 59 0.11 -10.29 5.61
CA HIS A 59 -0.65 -10.41 6.83
C HIS A 59 -0.12 -9.43 7.88
N ILE A 60 -0.79 -8.29 8.00
CA ILE A 60 -0.42 -7.28 8.97
C ILE A 60 -1.09 -7.55 10.32
N MET A 61 -0.30 -7.93 11.30
CA MET A 61 -0.83 -8.25 12.63
C MET A 61 -0.52 -7.16 13.63
N GLY A 62 -1.38 -7.05 14.64
CA GLY A 62 -1.22 -6.06 15.68
C GLY A 62 -2.54 -5.46 16.07
N PRO A 63 -2.56 -4.27 16.68
CA PRO A 63 -3.81 -3.57 16.97
C PRO A 63 -4.49 -3.15 15.66
N PRO A 64 -5.79 -3.41 15.58
CA PRO A 64 -6.58 -3.30 14.34
C PRO A 64 -6.47 -1.94 13.65
N ASP A 65 -6.45 -0.87 14.43
CA ASP A 65 -6.34 0.47 13.86
C ASP A 65 -4.95 0.69 13.28
N ARG A 66 -3.96 0.05 13.90
CA ARG A 66 -2.59 0.13 13.46
C ARG A 66 -2.39 -0.73 12.22
N CYS A 67 -3.17 -1.79 12.13
CA CYS A 67 -3.19 -2.62 10.93
C CYS A 67 -3.70 -1.78 9.75
N GLU A 68 -4.71 -0.96 10.03
CA GLU A 68 -5.22 -0.02 9.04
C GLU A 68 -4.16 1.01 8.67
N HIS A 69 -3.54 1.58 9.71
CA HIS A 69 -2.47 2.55 9.54
C HIS A 69 -1.36 1.98 8.67
N ALA A 70 -0.97 0.76 8.97
CA ALA A 70 0.07 0.06 8.23
C ALA A 70 -0.34 -0.14 6.77
N ALA A 71 -1.60 -0.53 6.57
CA ALA A 71 -2.14 -0.71 5.22
C ALA A 71 -2.11 0.59 4.45
N ARG A 72 -2.43 1.69 5.13
CA ARG A 72 -2.41 3.01 4.52
C ARG A 72 -1.02 3.33 3.96
N ILE A 73 0.00 3.09 4.77
CA ILE A 73 1.38 3.35 4.38
C ILE A 73 1.73 2.61 3.08
N ILE A 74 1.32 1.34 3.01
CA ILE A 74 1.63 0.51 1.85
C ILE A 74 0.78 0.93 0.65
N ASN A 75 -0.50 1.12 0.86
CA ASN A 75 -1.44 1.45 -0.22
C ASN A 75 -1.18 2.84 -0.80
N ASP A 76 -0.95 3.81 0.07
CA ASP A 76 -0.63 5.16 -0.35
C ASP A 76 0.66 5.16 -1.16
N LEU A 77 1.60 4.34 -0.72
CA LEU A 77 2.84 4.12 -1.46
C LEU A 77 2.56 3.64 -2.88
N LEU A 78 1.79 2.55 -2.99
CA LEU A 78 1.40 2.00 -4.28
C LEU A 78 0.72 3.05 -5.14
N GLN A 79 -0.23 3.74 -4.53
CA GLN A 79 -1.02 4.78 -5.19
C GLN A 79 -0.13 5.88 -5.77
N SER A 80 0.96 6.17 -5.09
CA SER A 80 1.84 7.25 -5.49
C SER A 80 2.80 6.82 -6.61
N LEU A 81 2.98 5.52 -6.78
CA LEU A 81 3.92 5.00 -7.78
C LEU A 81 3.37 5.11 -9.17
N ARG A 82 2.11 4.72 -9.32
CA ARG A 82 1.50 4.63 -10.63
C ARG A 82 1.29 6.02 -11.24
N SER A 83 1.57 6.13 -12.53
CA SER A 83 1.39 7.38 -13.24
C SER A 83 -0.10 7.62 -13.49
N GLY A 84 -0.66 8.60 -12.78
CA GLY A 84 -2.07 8.86 -12.89
C GLY A 84 -2.41 9.77 -14.06
N PRO A 85 -3.69 10.11 -14.24
CA PRO A 85 -4.13 11.00 -15.31
C PRO A 85 -3.77 12.45 -15.04
N PRO A 86 -3.08 13.10 -15.99
CA PRO A 86 -2.75 14.52 -15.89
C PRO A 86 -4.00 15.39 -16.01
N GLY A 87 -4.21 16.25 -15.04
CA GLY A 87 -5.39 17.09 -15.03
C GLY A 87 -5.49 17.91 -13.76
N PRO A 88 -5.43 19.25 -13.87
CA PRO A 88 -5.51 20.14 -12.71
C PRO A 88 -6.90 20.18 -12.11
N PRO A 89 -7.01 20.04 -10.77
CA PRO A 89 -8.27 20.13 -10.06
C PRO A 89 -8.79 21.57 -10.01
N GLY A 90 -7.87 22.51 -10.17
CA GLY A 90 -8.23 23.91 -10.19
C GLY A 90 -7.39 24.69 -11.19
N GLY A 91 -7.97 24.94 -12.35
CA GLY A 91 -7.25 25.66 -13.39
C GLY A 91 -8.08 26.77 -14.00
N PRO A 92 -7.43 27.78 -14.60
CA PRO A 92 -8.13 28.90 -15.23
C PRO A 92 -9.00 28.45 -16.40
N GLY A 93 -10.21 28.96 -16.45
CA GLY A 93 -11.13 28.59 -17.51
C GLY A 93 -12.17 27.60 -17.03
N MET A 94 -11.88 26.93 -15.93
CA MET A 94 -12.83 25.99 -15.34
C MET A 94 -13.94 26.73 -14.59
N PRO A 95 -13.62 27.68 -13.69
CA PRO A 95 -14.62 28.53 -13.07
C PRO A 95 -15.24 29.50 -14.07
N PRO A 96 -16.58 29.63 -14.06
CA PRO A 96 -17.31 30.49 -15.00
C PRO A 96 -17.11 31.98 -14.70
N GLY A 97 -15.89 32.46 -14.86
CA GLY A 97 -15.59 33.85 -14.59
C GLY A 97 -15.85 34.75 -15.78
N GLY A 98 -17.07 34.68 -16.30
CA GLY A 98 -17.45 35.53 -17.41
C GLY A 98 -18.64 36.38 -17.05
N ARG A 99 -18.39 37.48 -16.34
CA ARG A 99 -19.47 38.32 -15.81
C ARG A 99 -19.98 39.29 -16.87
N GLY A 100 -20.44 38.74 -17.99
CA GLY A 100 -20.97 39.56 -19.05
C GLY A 100 -21.30 38.73 -20.27
N ARG A 101 -21.89 39.37 -21.28
CA ARG A 101 -22.22 38.69 -22.52
C ARG A 101 -21.07 38.80 -23.53
N GLY A 102 -20.28 39.86 -23.37
CA GLY A 102 -19.13 40.06 -24.23
C GLY A 102 -19.51 40.46 -25.65
N ARG A 103 -19.25 39.57 -26.59
CA ARG A 103 -19.53 39.83 -28.00
C ARG A 103 -20.83 39.14 -28.40
N GLY A 104 -21.24 38.16 -27.61
CA GLY A 104 -22.46 37.42 -27.89
C GLY A 104 -23.68 38.16 -27.41
N GLN A 105 -24.68 38.27 -28.27
CA GLN A 105 -25.90 39.00 -27.94
C GLN A 105 -26.91 38.07 -27.31
N GLY A 106 -26.95 36.83 -27.79
CA GLY A 106 -27.90 35.86 -27.28
C GLY A 106 -28.13 34.73 -28.26
N GLY A 1 -7.46 -16.40 -1.67
CA GLY A 1 -8.27 -15.17 -1.77
C GLY A 1 -9.75 -15.48 -1.75
N ALA A 2 -10.35 -15.41 -0.57
CA ALA A 2 -11.77 -15.69 -0.40
C ALA A 2 -12.36 -14.78 0.66
N MET A 3 -11.93 -13.53 0.65
CA MET A 3 -12.36 -12.55 1.64
C MET A 3 -13.68 -11.90 1.24
N ALA A 4 -14.64 -12.73 0.85
CA ALA A 4 -15.97 -12.27 0.48
C ALA A 4 -16.94 -12.45 1.63
N TYR A 5 -16.61 -13.38 2.53
CA TYR A 5 -17.43 -13.67 3.69
C TYR A 5 -16.57 -14.33 4.76
N GLY A 6 -16.77 -13.91 6.01
CA GLY A 6 -15.97 -14.43 7.10
C GLY A 6 -14.73 -13.60 7.35
N SER A 7 -14.52 -12.63 6.47
CA SER A 7 -13.36 -11.77 6.54
C SER A 7 -13.55 -10.68 7.60
N ARG A 8 -12.66 -10.66 8.57
CA ARG A 8 -12.73 -9.69 9.65
C ARG A 8 -11.43 -8.91 9.78
N ILE A 9 -11.54 -7.62 9.99
CA ILE A 9 -10.37 -6.75 10.17
C ILE A 9 -10.08 -6.52 11.64
N GLY A 10 -10.70 -7.32 12.50
CA GLY A 10 -10.51 -7.19 13.93
C GLY A 10 -9.25 -7.87 14.42
N GLY A 11 -8.11 -7.37 13.98
CA GLY A 11 -6.83 -7.93 14.39
C GLY A 11 -5.85 -7.94 13.25
N GLY A 12 -5.10 -9.02 13.13
CA GLY A 12 -4.20 -9.16 12.00
C GLY A 12 -4.95 -9.27 10.69
N ILE A 13 -4.65 -8.37 9.77
CA ILE A 13 -5.37 -8.32 8.51
C ILE A 13 -4.47 -8.77 7.36
N ASP A 14 -5.05 -9.52 6.44
CA ASP A 14 -4.31 -10.01 5.29
C ASP A 14 -4.53 -9.08 4.11
N VAL A 15 -3.50 -8.31 3.77
CA VAL A 15 -3.61 -7.31 2.72
C VAL A 15 -2.96 -7.78 1.43
N PRO A 16 -3.68 -7.70 0.30
CA PRO A 16 -3.16 -8.06 -1.01
C PRO A 16 -2.41 -6.90 -1.68
N VAL A 17 -1.09 -7.01 -1.74
CA VAL A 17 -0.25 -5.99 -2.36
C VAL A 17 0.23 -6.46 -3.73
N PRO A 18 -0.03 -5.65 -4.78
CA PRO A 18 0.30 -6.00 -6.17
C PRO A 18 1.73 -6.54 -6.33
N ARG A 19 1.87 -7.62 -7.09
CA ARG A 19 3.17 -8.26 -7.32
C ARG A 19 4.12 -7.31 -8.03
N HIS A 20 3.59 -6.26 -8.62
CA HIS A 20 4.40 -5.27 -9.31
C HIS A 20 4.89 -4.20 -8.33
N SER A 21 4.46 -4.31 -7.08
CA SER A 21 4.90 -3.35 -6.06
C SER A 21 5.20 -4.05 -4.73
N VAL A 22 5.40 -5.37 -4.78
CA VAL A 22 5.73 -6.12 -3.57
C VAL A 22 7.07 -5.68 -3.00
N GLY A 23 8.03 -5.45 -3.87
CA GLY A 23 9.34 -5.02 -3.43
C GLY A 23 9.35 -3.54 -3.06
N VAL A 24 8.64 -2.73 -3.83
CA VAL A 24 8.58 -1.29 -3.58
C VAL A 24 8.10 -0.97 -2.17
N VAL A 25 7.18 -1.77 -1.62
CA VAL A 25 6.65 -1.47 -0.30
C VAL A 25 7.57 -1.98 0.82
N ILE A 26 8.32 -3.04 0.55
CA ILE A 26 9.26 -3.56 1.53
C ILE A 26 10.56 -2.78 1.50
N GLY A 27 10.98 -2.38 0.32
CA GLY A 27 12.17 -1.58 0.16
C GLY A 27 13.30 -2.35 -0.51
N ARG A 28 14.49 -1.77 -0.53
CA ARG A 28 15.64 -2.42 -1.12
C ARG A 28 16.33 -3.30 -0.09
N SER A 29 16.18 -2.92 1.17
CA SER A 29 16.80 -3.61 2.27
C SER A 29 15.75 -4.07 3.27
N GLY A 30 14.50 -3.77 2.95
CA GLY A 30 13.42 -4.06 3.86
C GLY A 30 13.22 -2.94 4.86
N GLU A 31 13.99 -1.87 4.69
CA GLU A 31 13.94 -0.73 5.60
C GLU A 31 12.61 -0.01 5.48
N MET A 32 11.99 -0.16 4.31
CA MET A 32 10.75 0.53 4.03
C MET A 32 9.58 -0.13 4.76
N ILE A 33 9.51 -1.45 4.70
CA ILE A 33 8.43 -2.15 5.40
C ILE A 33 8.64 -2.08 6.91
N LYS A 34 9.91 -1.98 7.32
CA LYS A 34 10.22 -1.81 8.73
C LYS A 34 9.74 -0.44 9.20
N LYS A 35 9.73 0.53 8.29
CA LYS A 35 9.17 1.83 8.59
C LYS A 35 7.66 1.73 8.70
N ILE A 36 7.05 0.95 7.83
CA ILE A 36 5.61 0.72 7.89
C ILE A 36 5.24 0.09 9.23
N GLN A 37 6.01 -0.91 9.63
CA GLN A 37 5.82 -1.57 10.91
C GLN A 37 6.06 -0.61 12.06
N ASN A 38 7.10 0.21 11.93
CA ASN A 38 7.48 1.16 12.98
C ASN A 38 6.45 2.27 13.15
N ASP A 39 6.07 2.90 12.03
CA ASP A 39 5.16 4.03 12.06
C ASP A 39 3.77 3.63 12.55
N ALA A 40 3.34 2.42 12.23
CA ALA A 40 2.01 1.98 12.60
C ALA A 40 2.01 1.14 13.88
N GLY A 41 3.15 0.54 14.19
CA GLY A 41 3.25 -0.31 15.37
C GLY A 41 2.71 -1.70 15.12
N VAL A 42 2.97 -2.23 13.93
CA VAL A 42 2.44 -3.53 13.52
C VAL A 42 3.56 -4.50 13.17
N ARG A 43 3.17 -5.72 12.85
CA ARG A 43 4.11 -6.72 12.35
C ARG A 43 3.60 -7.27 11.03
N ILE A 44 4.28 -6.96 9.95
CA ILE A 44 3.84 -7.37 8.62
C ILE A 44 4.71 -8.48 8.09
N GLN A 45 4.12 -9.63 7.83
CA GLN A 45 4.83 -10.77 7.27
C GLN A 45 4.05 -11.36 6.11
N PHE A 46 4.71 -11.51 4.96
CA PHE A 46 4.08 -12.08 3.79
C PHE A 46 3.84 -13.57 3.99
N LYS A 47 2.66 -14.04 3.60
CA LYS A 47 2.31 -15.44 3.73
C LYS A 47 3.03 -16.25 2.66
N GLN A 48 3.87 -17.19 3.11
CA GLN A 48 4.65 -18.08 2.24
C GLN A 48 5.28 -17.34 1.06
N ASP A 49 5.52 -18.06 -0.02
CA ASP A 49 6.05 -17.46 -1.24
C ASP A 49 5.01 -17.58 -2.35
N ASP A 50 3.77 -17.21 -2.01
CA ASP A 50 2.64 -17.39 -2.91
C ASP A 50 2.75 -16.52 -4.14
N GLY A 51 2.40 -17.09 -5.28
CA GLY A 51 2.34 -16.35 -6.52
C GLY A 51 1.13 -16.74 -7.33
N THR A 52 0.04 -17.07 -6.63
CA THR A 52 -1.17 -17.53 -7.30
C THR A 52 -2.10 -16.36 -7.58
N GLY A 53 -2.18 -15.43 -6.64
CA GLY A 53 -2.98 -14.25 -6.83
C GLY A 53 -2.19 -13.15 -7.51
N PRO A 54 -2.86 -12.12 -8.04
CA PRO A 54 -2.18 -11.00 -8.71
C PRO A 54 -1.49 -10.12 -7.68
N GLU A 55 -1.94 -10.25 -6.45
CA GLU A 55 -1.37 -9.54 -5.33
C GLU A 55 -0.74 -10.54 -4.36
N LYS A 56 0.01 -10.03 -3.42
CA LYS A 56 0.65 -10.85 -2.41
C LYS A 56 -0.02 -10.60 -1.07
N ILE A 57 -0.53 -11.65 -0.46
CA ILE A 57 -1.16 -11.54 0.84
C ILE A 57 -0.14 -11.35 1.95
N ALA A 58 -0.06 -10.12 2.43
CA ALA A 58 0.80 -9.78 3.55
C ALA A 58 -0.03 -9.72 4.82
N HIS A 59 0.40 -10.44 5.83
CA HIS A 59 -0.36 -10.51 7.07
C HIS A 59 0.10 -9.43 8.04
N ILE A 60 -0.63 -8.32 8.08
CA ILE A 60 -0.34 -7.24 9.01
C ILE A 60 -0.98 -7.54 10.36
N MET A 61 -0.18 -7.95 11.33
CA MET A 61 -0.69 -8.39 12.61
C MET A 61 -0.55 -7.32 13.68
N GLY A 62 -1.60 -7.18 14.49
CA GLY A 62 -1.57 -6.25 15.60
C GLY A 62 -2.93 -5.68 15.87
N PRO A 63 -3.02 -4.60 16.65
CA PRO A 63 -4.28 -3.89 16.87
C PRO A 63 -4.80 -3.31 15.55
N PRO A 64 -6.11 -3.51 15.29
CA PRO A 64 -6.74 -3.19 14.00
C PRO A 64 -6.54 -1.73 13.58
N ASP A 65 -6.51 -0.83 14.56
CA ASP A 65 -6.23 0.58 14.28
C ASP A 65 -4.85 0.74 13.67
N ARG A 66 -3.89 0.00 14.21
CA ARG A 66 -2.53 0.03 13.71
C ARG A 66 -2.46 -0.68 12.37
N CYS A 67 -3.23 -1.75 12.23
CA CYS A 67 -3.28 -2.50 10.98
C CYS A 67 -3.77 -1.63 9.84
N GLU A 68 -4.81 -0.85 10.09
CA GLU A 68 -5.33 0.05 9.08
C GLU A 68 -4.40 1.24 8.87
N HIS A 69 -3.71 1.64 9.93
CA HIS A 69 -2.66 2.64 9.84
C HIS A 69 -1.58 2.15 8.87
N ALA A 70 -1.14 0.92 9.09
CA ALA A 70 -0.13 0.28 8.26
C ALA A 70 -0.63 0.10 6.83
N ALA A 71 -1.89 -0.29 6.71
CA ALA A 71 -2.54 -0.44 5.42
C ALA A 71 -2.45 0.86 4.62
N ARG A 72 -2.73 1.97 5.29
CA ARG A 72 -2.69 3.28 4.66
C ARG A 72 -1.29 3.60 4.12
N ILE A 73 -0.27 3.26 4.90
CA ILE A 73 1.11 3.50 4.51
C ILE A 73 1.45 2.78 3.22
N ILE A 74 1.07 1.51 3.15
CA ILE A 74 1.33 0.69 1.97
C ILE A 74 0.50 1.19 0.79
N ASN A 75 -0.78 1.47 1.05
CA ASN A 75 -1.69 1.96 0.02
C ASN A 75 -1.19 3.26 -0.61
N ASP A 76 -0.76 4.20 0.23
CA ASP A 76 -0.21 5.47 -0.24
C ASP A 76 1.06 5.24 -1.05
N LEU A 77 1.87 4.28 -0.63
CA LEU A 77 3.13 3.97 -1.29
C LEU A 77 2.88 3.39 -2.69
N LEU A 78 1.79 2.64 -2.82
CA LEU A 78 1.39 2.11 -4.12
C LEU A 78 0.90 3.24 -5.02
N GLN A 79 0.30 4.23 -4.38
CA GLN A 79 -0.37 5.30 -5.07
C GLN A 79 0.60 6.40 -5.48
N SER A 80 1.70 6.54 -4.76
CA SER A 80 2.68 7.58 -5.05
C SER A 80 3.48 7.24 -6.29
N LEU A 81 3.63 5.94 -6.56
CA LEU A 81 4.35 5.47 -7.74
C LEU A 81 3.56 5.78 -9.01
N ARG A 82 2.25 5.82 -8.86
CA ARG A 82 1.37 6.02 -9.99
C ARG A 82 1.42 7.46 -10.48
N SER A 83 1.78 7.64 -11.74
CA SER A 83 1.87 8.98 -12.32
C SER A 83 1.21 9.00 -13.70
N GLY A 84 -0.07 9.34 -13.73
CA GLY A 84 -0.81 9.40 -14.97
C GLY A 84 -2.26 9.78 -14.75
N PRO A 85 -3.09 9.74 -15.80
CA PRO A 85 -4.52 10.06 -15.70
C PRO A 85 -5.29 9.00 -14.91
N PRO A 86 -6.06 9.42 -13.89
CA PRO A 86 -6.83 8.51 -13.04
C PRO A 86 -8.11 8.03 -13.73
N GLY A 87 -7.95 7.53 -14.96
CA GLY A 87 -9.08 7.07 -15.72
C GLY A 87 -8.82 7.17 -17.20
N PRO A 88 -9.66 7.93 -17.93
CA PRO A 88 -9.51 8.12 -19.38
C PRO A 88 -8.28 8.97 -19.72
N PRO A 89 -7.63 8.66 -20.86
CA PRO A 89 -6.45 9.41 -21.32
C PRO A 89 -6.81 10.81 -21.80
N GLY A 90 -8.11 11.10 -21.84
CA GLY A 90 -8.57 12.43 -22.20
C GLY A 90 -8.67 13.34 -21.01
N GLY A 91 -8.24 12.84 -19.85
CA GLY A 91 -8.23 13.64 -18.65
C GLY A 91 -6.83 13.95 -18.20
N PRO A 92 -6.64 15.06 -17.47
CA PRO A 92 -5.34 15.48 -16.97
C PRO A 92 -4.92 14.70 -15.72
N GLY A 93 -3.81 13.99 -15.81
CA GLY A 93 -3.30 13.26 -14.67
C GLY A 93 -2.23 14.05 -13.95
N MET A 94 -1.20 14.43 -14.69
CA MET A 94 -0.14 15.27 -14.17
C MET A 94 -0.02 16.54 -15.00
N PRO A 95 -0.90 17.52 -14.75
CA PRO A 95 -0.97 18.74 -15.57
C PRO A 95 0.30 19.59 -15.50
N PRO A 96 0.92 19.81 -16.66
CA PRO A 96 2.13 20.64 -16.77
C PRO A 96 1.79 22.14 -16.77
N GLY A 97 2.82 22.98 -16.80
CA GLY A 97 2.60 24.40 -16.83
C GLY A 97 2.98 25.08 -15.52
N GLY A 98 3.11 24.29 -14.47
CA GLY A 98 3.51 24.81 -13.18
C GLY A 98 5.01 25.07 -13.11
N ARG A 99 5.46 26.10 -13.80
CA ARG A 99 6.87 26.43 -13.84
C ARG A 99 7.19 27.53 -12.84
N GLY A 100 8.11 27.26 -11.94
CA GLY A 100 8.51 28.24 -10.95
C GLY A 100 9.27 27.61 -9.80
N ARG A 101 9.53 28.38 -8.76
CA ARG A 101 10.24 27.88 -7.59
C ARG A 101 9.24 27.28 -6.60
N GLY A 102 9.07 25.98 -6.67
CA GLY A 102 8.11 25.32 -5.81
C GLY A 102 6.79 25.11 -6.52
N ARG A 103 6.68 25.70 -7.71
CA ARG A 103 5.49 25.62 -8.56
C ARG A 103 4.31 26.37 -7.95
N GLY A 104 3.75 25.83 -6.88
CA GLY A 104 2.59 26.43 -6.26
C GLY A 104 2.08 25.61 -5.10
N GLN A 105 0.87 25.95 -4.64
CA GLN A 105 0.27 25.27 -3.50
C GLN A 105 -0.42 23.97 -3.93
N GLY A 106 0.35 23.07 -4.52
CA GLY A 106 -0.20 21.81 -4.96
C GLY A 106 0.79 20.67 -4.84
N GLY A 1 -14.62 10.36 15.98
CA GLY A 1 -13.16 10.56 15.94
C GLY A 1 -12.40 9.25 16.00
N ALA A 2 -11.26 9.19 15.32
CA ALA A 2 -10.46 7.98 15.27
C ALA A 2 -9.62 7.83 16.52
N MET A 3 -10.24 7.34 17.59
CA MET A 3 -9.55 7.10 18.85
C MET A 3 -9.28 5.62 19.02
N ALA A 4 -10.28 4.81 18.68
CA ALA A 4 -10.18 3.37 18.71
C ALA A 4 -11.31 2.78 17.88
N TYR A 5 -11.15 2.83 16.58
CA TYR A 5 -12.25 2.50 15.67
C TYR A 5 -12.00 1.17 14.98
N GLY A 6 -11.80 0.13 15.78
CA GLY A 6 -11.59 -1.20 15.25
C GLY A 6 -12.89 -1.92 14.94
N SER A 7 -13.68 -1.33 14.05
CA SER A 7 -14.92 -1.95 13.61
C SER A 7 -14.65 -2.93 12.47
N ARG A 8 -14.97 -4.20 12.70
CA ARG A 8 -14.70 -5.29 11.76
C ARG A 8 -13.20 -5.61 11.71
N ILE A 9 -12.38 -4.58 11.58
CA ILE A 9 -10.93 -4.72 11.69
C ILE A 9 -10.55 -5.16 13.10
N GLY A 10 -10.06 -6.39 13.23
CA GLY A 10 -9.69 -6.90 14.52
C GLY A 10 -8.52 -7.85 14.44
N GLY A 11 -7.41 -7.46 15.04
CA GLY A 11 -6.23 -8.29 15.02
C GLY A 11 -5.47 -8.15 13.72
N GLY A 12 -4.87 -9.23 13.25
CA GLY A 12 -4.14 -9.21 12.00
C GLY A 12 -5.05 -9.31 10.79
N ILE A 13 -4.69 -8.64 9.71
CA ILE A 13 -5.48 -8.66 8.49
C ILE A 13 -4.61 -8.93 7.27
N ASP A 14 -5.25 -9.30 6.17
CA ASP A 14 -4.55 -9.58 4.92
C ASP A 14 -4.66 -8.41 3.97
N VAL A 15 -3.52 -7.87 3.57
CA VAL A 15 -3.48 -6.75 2.64
C VAL A 15 -2.80 -7.16 1.33
N PRO A 16 -3.46 -6.90 0.18
CA PRO A 16 -2.95 -7.27 -1.14
C PRO A 16 -2.07 -6.19 -1.76
N VAL A 17 -0.82 -6.54 -2.03
CA VAL A 17 0.12 -5.62 -2.65
C VAL A 17 0.52 -6.12 -4.04
N PRO A 18 0.34 -5.30 -5.08
CA PRO A 18 0.69 -5.66 -6.46
C PRO A 18 2.10 -6.25 -6.56
N ARG A 19 2.24 -7.31 -7.37
CA ARG A 19 3.50 -8.02 -7.52
C ARG A 19 4.60 -7.13 -8.08
N HIS A 20 4.22 -6.09 -8.79
CA HIS A 20 5.18 -5.14 -9.32
C HIS A 20 5.47 -4.04 -8.30
N SER A 21 5.01 -4.25 -7.07
CA SER A 21 5.27 -3.33 -5.98
C SER A 21 5.52 -4.08 -4.68
N VAL A 22 5.69 -5.40 -4.77
CA VAL A 22 5.93 -6.20 -3.58
C VAL A 22 7.24 -5.83 -2.91
N GLY A 23 8.27 -5.62 -3.71
CA GLY A 23 9.56 -5.25 -3.16
C GLY A 23 9.63 -3.76 -2.85
N VAL A 24 8.90 -2.96 -3.61
CA VAL A 24 8.88 -1.50 -3.40
C VAL A 24 8.38 -1.14 -1.99
N VAL A 25 7.41 -1.89 -1.46
CA VAL A 25 6.86 -1.55 -0.15
C VAL A 25 7.73 -2.11 0.98
N ILE A 26 8.43 -3.21 0.72
CA ILE A 26 9.34 -3.76 1.72
C ILE A 26 10.68 -3.05 1.66
N GLY A 27 11.07 -2.62 0.48
CA GLY A 27 12.29 -1.85 0.32
C GLY A 27 13.44 -2.69 -0.18
N ARG A 28 14.45 -2.02 -0.71
CA ARG A 28 15.66 -2.66 -1.24
C ARG A 28 16.29 -3.60 -0.20
N SER A 29 16.12 -3.27 1.07
CA SER A 29 16.78 -3.98 2.13
C SER A 29 15.83 -4.25 3.29
N GLY A 30 14.53 -4.22 3.00
CA GLY A 30 13.54 -4.40 4.05
C GLY A 30 13.40 -3.18 4.94
N GLU A 31 14.25 -2.18 4.71
CA GLU A 31 14.21 -0.92 5.46
C GLU A 31 12.83 -0.29 5.41
N MET A 32 12.20 -0.39 4.25
CA MET A 32 10.96 0.29 3.98
C MET A 32 9.80 -0.36 4.75
N ILE A 33 9.76 -1.69 4.77
CA ILE A 33 8.70 -2.39 5.48
C ILE A 33 8.91 -2.24 7.00
N LYS A 34 10.18 -2.12 7.41
CA LYS A 34 10.48 -1.87 8.81
C LYS A 34 9.96 -0.49 9.21
N LYS A 35 10.01 0.44 8.26
CA LYS A 35 9.51 1.78 8.48
C LYS A 35 7.99 1.74 8.61
N ILE A 36 7.36 0.91 7.79
CA ILE A 36 5.91 0.73 7.86
C ILE A 36 5.52 0.08 9.19
N GLN A 37 6.28 -0.94 9.60
CA GLN A 37 6.06 -1.61 10.88
C GLN A 37 6.30 -0.65 12.05
N ASN A 38 7.26 0.25 11.89
CA ASN A 38 7.60 1.20 12.94
C ASN A 38 6.58 2.32 13.01
N ASP A 39 6.31 2.94 11.86
CA ASP A 39 5.39 4.07 11.76
C ASP A 39 4.02 3.72 12.31
N ALA A 40 3.56 2.49 12.05
CA ALA A 40 2.22 2.08 12.47
C ALA A 40 2.25 1.25 13.75
N GLY A 41 3.39 0.65 14.05
CA GLY A 41 3.52 -0.17 15.25
C GLY A 41 2.89 -1.54 15.10
N VAL A 42 3.11 -2.17 13.94
CA VAL A 42 2.53 -3.46 13.65
C VAL A 42 3.60 -4.46 13.22
N ARG A 43 3.23 -5.73 13.12
CA ARG A 43 4.10 -6.75 12.57
C ARG A 43 3.56 -7.22 11.24
N ILE A 44 4.29 -6.95 10.16
CA ILE A 44 3.85 -7.31 8.83
C ILE A 44 4.63 -8.52 8.34
N GLN A 45 3.93 -9.62 8.09
CA GLN A 45 4.55 -10.81 7.55
C GLN A 45 3.90 -11.20 6.23
N PHE A 46 4.68 -11.16 5.16
CA PHE A 46 4.17 -11.49 3.84
C PHE A 46 3.90 -12.98 3.70
N LYS A 47 2.76 -13.30 3.10
CA LYS A 47 2.46 -14.65 2.72
C LYS A 47 3.10 -14.92 1.36
N GLN A 48 4.31 -15.45 1.36
CA GLN A 48 5.02 -15.73 0.12
C GLN A 48 4.47 -16.99 -0.53
N ASP A 49 3.23 -16.89 -0.97
CA ASP A 49 2.59 -17.90 -1.77
C ASP A 49 2.58 -17.43 -3.22
N ASP A 50 3.62 -17.77 -3.95
CA ASP A 50 3.84 -17.20 -5.27
C ASP A 50 2.83 -17.75 -6.26
N GLY A 51 2.18 -16.83 -6.98
CA GLY A 51 1.17 -17.23 -7.94
C GLY A 51 -0.23 -17.09 -7.39
N THR A 52 -0.36 -16.39 -6.26
CA THR A 52 -1.65 -16.23 -5.60
C THR A 52 -2.43 -15.03 -6.19
N GLY A 53 -2.18 -14.72 -7.44
CA GLY A 53 -2.86 -13.63 -8.09
C GLY A 53 -1.90 -12.53 -8.49
N PRO A 54 -2.42 -11.35 -8.91
CA PRO A 54 -1.58 -10.22 -9.30
C PRO A 54 -1.05 -9.46 -8.09
N GLU A 55 -1.53 -9.83 -6.93
CA GLU A 55 -1.08 -9.24 -5.69
C GLU A 55 -0.48 -10.30 -4.77
N LYS A 56 0.26 -9.82 -3.79
CA LYS A 56 0.80 -10.65 -2.74
C LYS A 56 0.08 -10.30 -1.45
N ILE A 57 -0.30 -11.30 -0.69
CA ILE A 57 -0.98 -11.04 0.56
C ILE A 57 0.03 -10.86 1.68
N ALA A 58 -0.14 -9.76 2.40
CA ALA A 58 0.69 -9.48 3.54
C ALA A 58 -0.18 -9.49 4.79
N HIS A 59 0.25 -10.22 5.81
CA HIS A 59 -0.56 -10.33 7.00
C HIS A 59 -0.06 -9.35 8.06
N ILE A 60 -0.73 -8.21 8.15
CA ILE A 60 -0.41 -7.19 9.14
C ILE A 60 -1.08 -7.50 10.47
N MET A 61 -0.28 -7.82 11.48
CA MET A 61 -0.81 -8.16 12.80
C MET A 61 -0.53 -7.06 13.81
N GLY A 62 -1.52 -6.80 14.66
CA GLY A 62 -1.34 -5.84 15.73
C GLY A 62 -2.66 -5.30 16.18
N PRO A 63 -2.67 -4.20 16.94
CA PRO A 63 -3.91 -3.50 17.30
C PRO A 63 -4.59 -2.92 16.07
N PRO A 64 -5.88 -3.23 15.87
CA PRO A 64 -6.65 -2.88 14.67
C PRO A 64 -6.37 -1.48 14.12
N ASP A 65 -6.43 -0.46 14.98
CA ASP A 65 -6.19 0.92 14.57
C ASP A 65 -4.79 1.11 13.98
N ARG A 66 -3.84 0.30 14.44
CA ARG A 66 -2.49 0.33 13.91
C ARG A 66 -2.44 -0.44 12.59
N CYS A 67 -3.21 -1.53 12.51
CA CYS A 67 -3.27 -2.35 11.31
C CYS A 67 -3.74 -1.54 10.12
N GLU A 68 -4.73 -0.72 10.36
CA GLU A 68 -5.28 0.13 9.34
C GLU A 68 -4.31 1.23 8.97
N HIS A 69 -3.70 1.84 9.98
CA HIS A 69 -2.67 2.85 9.76
C HIS A 69 -1.56 2.27 8.88
N ALA A 70 -1.12 1.07 9.22
CA ALA A 70 -0.10 0.37 8.47
C ALA A 70 -0.52 0.15 7.03
N ALA A 71 -1.77 -0.29 6.85
CA ALA A 71 -2.32 -0.55 5.52
C ALA A 71 -2.32 0.72 4.68
N ARG A 72 -2.64 1.86 5.29
CA ARG A 72 -2.70 3.12 4.56
C ARG A 72 -1.33 3.56 4.12
N ILE A 73 -0.32 3.17 4.88
CA ILE A 73 1.05 3.49 4.54
C ILE A 73 1.46 2.76 3.27
N ILE A 74 1.07 1.49 3.17
CA ILE A 74 1.35 0.71 1.98
C ILE A 74 0.46 1.17 0.82
N ASN A 75 -0.82 1.39 1.11
CA ASN A 75 -1.78 1.83 0.12
C ASN A 75 -1.39 3.17 -0.49
N ASP A 76 -1.19 4.17 0.37
CA ASP A 76 -0.78 5.51 -0.07
C ASP A 76 0.54 5.43 -0.85
N LEU A 77 1.44 4.56 -0.40
CA LEU A 77 2.71 4.33 -1.08
C LEU A 77 2.46 3.91 -2.52
N LEU A 78 1.70 2.83 -2.69
CA LEU A 78 1.37 2.31 -4.01
C LEU A 78 0.76 3.39 -4.88
N GLN A 79 -0.18 4.13 -4.28
CA GLN A 79 -0.94 5.15 -4.97
C GLN A 79 -0.03 6.29 -5.46
N SER A 80 1.00 6.60 -4.69
CA SER A 80 1.88 7.70 -5.02
C SER A 80 2.80 7.35 -6.19
N LEU A 81 3.12 6.06 -6.32
CA LEU A 81 3.98 5.58 -7.39
C LEU A 81 3.26 5.67 -8.71
N ARG A 82 1.94 5.58 -8.65
CA ARG A 82 1.10 5.56 -9.83
C ARG A 82 1.09 6.92 -10.52
N SER A 83 1.79 7.00 -11.64
CA SER A 83 1.86 8.24 -12.40
C SER A 83 1.25 8.02 -13.78
N GLY A 84 0.02 8.48 -13.97
CA GLY A 84 -0.65 8.33 -15.23
C GLY A 84 -0.89 9.65 -15.92
N PRO A 85 -1.98 9.74 -16.71
CA PRO A 85 -2.32 10.96 -17.45
C PRO A 85 -2.68 12.12 -16.53
N PRO A 86 -2.14 13.32 -16.80
CA PRO A 86 -2.44 14.52 -16.04
C PRO A 86 -3.87 15.01 -16.31
N GLY A 87 -4.73 14.85 -15.30
CA GLY A 87 -6.11 15.27 -15.44
C GLY A 87 -6.92 14.86 -14.23
N PRO A 88 -6.97 15.72 -13.20
CA PRO A 88 -7.67 15.41 -11.94
C PRO A 88 -9.16 15.17 -12.13
N PRO A 89 -9.64 13.96 -11.81
CA PRO A 89 -11.04 13.60 -11.93
C PRO A 89 -11.83 14.03 -10.70
N GLY A 90 -11.95 15.33 -10.50
CA GLY A 90 -12.74 15.85 -9.40
C GLY A 90 -14.21 15.54 -9.55
N GLY A 91 -14.67 14.52 -8.84
CA GLY A 91 -16.03 14.07 -9.00
C GLY A 91 -16.14 13.00 -10.07
N PRO A 92 -15.87 11.73 -9.72
CA PRO A 92 -15.84 10.63 -10.70
C PRO A 92 -17.23 10.20 -11.16
N GLY A 93 -18.26 10.81 -10.59
CA GLY A 93 -19.63 10.47 -10.95
C GLY A 93 -20.06 11.11 -12.25
N MET A 94 -19.41 10.69 -13.34
CA MET A 94 -19.65 11.24 -14.67
C MET A 94 -19.26 12.71 -14.76
N PRO A 95 -17.98 12.98 -15.07
CA PRO A 95 -17.49 14.34 -15.26
C PRO A 95 -17.90 14.90 -16.62
N PRO A 96 -18.39 16.14 -16.65
CA PRO A 96 -18.83 16.79 -17.89
C PRO A 96 -17.68 16.97 -18.88
N GLY A 97 -17.78 16.28 -20.01
CA GLY A 97 -16.75 16.36 -21.03
C GLY A 97 -17.33 16.55 -22.41
N GLY A 98 -16.48 16.49 -23.42
CA GLY A 98 -16.93 16.68 -24.78
C GLY A 98 -16.64 18.08 -25.29
N ARG A 99 -16.57 18.22 -26.60
CA ARG A 99 -16.30 19.51 -27.24
C ARG A 99 -14.98 20.09 -26.75
N GLY A 100 -13.89 19.36 -26.99
CA GLY A 100 -12.58 19.81 -26.57
C GLY A 100 -12.00 20.85 -27.52
N ARG A 101 -12.82 21.81 -27.90
CA ARG A 101 -12.43 22.85 -28.82
C ARG A 101 -12.23 24.16 -28.06
N GLY A 102 -11.00 24.66 -28.05
CA GLY A 102 -10.71 25.86 -27.28
C GLY A 102 -10.51 25.56 -25.81
N ARG A 103 -11.51 24.97 -25.20
CA ARG A 103 -11.44 24.54 -23.81
C ARG A 103 -10.96 23.09 -23.74
N GLY A 104 -10.85 22.57 -22.53
CA GLY A 104 -10.38 21.21 -22.36
C GLY A 104 -8.93 21.18 -21.93
N GLN A 105 -8.04 20.89 -22.87
CA GLN A 105 -6.61 20.93 -22.57
C GLN A 105 -5.99 22.19 -23.19
N GLY A 106 -6.63 22.72 -24.22
CA GLY A 106 -6.17 23.94 -24.83
C GLY A 106 -6.55 24.03 -26.29
N GLY A 1 -29.62 -10.22 5.82
CA GLY A 1 -28.34 -9.50 5.57
C GLY A 1 -28.52 -8.01 5.71
N ALA A 2 -27.97 -7.26 4.76
CA ALA A 2 -28.06 -5.80 4.73
C ALA A 2 -27.23 -5.15 5.84
N MET A 3 -27.59 -5.42 7.08
CA MET A 3 -26.94 -4.82 8.22
C MET A 3 -26.32 -5.88 9.12
N ALA A 4 -25.14 -6.37 8.73
CA ALA A 4 -24.39 -7.27 9.59
C ALA A 4 -23.69 -6.46 10.66
N TYR A 5 -24.41 -6.18 11.73
CA TYR A 5 -23.93 -5.33 12.81
C TYR A 5 -22.73 -5.98 13.50
N GLY A 6 -21.56 -5.42 13.28
CA GLY A 6 -20.34 -5.94 13.85
C GLY A 6 -19.22 -4.92 13.81
N SER A 7 -17.99 -5.40 13.77
CA SER A 7 -16.83 -4.51 13.76
C SER A 7 -15.95 -4.81 12.56
N ARG A 8 -15.59 -3.77 11.83
CA ARG A 8 -14.74 -3.91 10.65
C ARG A 8 -13.28 -3.79 11.04
N ILE A 9 -12.42 -4.52 10.32
CA ILE A 9 -10.98 -4.56 10.57
C ILE A 9 -10.65 -5.25 11.90
N GLY A 10 -10.15 -6.47 11.81
CA GLY A 10 -9.79 -7.21 13.01
C GLY A 10 -8.35 -6.98 13.41
N GLY A 11 -7.96 -7.57 14.54
CA GLY A 11 -6.60 -7.46 15.02
C GLY A 11 -5.65 -8.34 14.23
N GLY A 12 -5.39 -7.95 12.99
CA GLY A 12 -4.59 -8.74 12.11
C GLY A 12 -5.32 -9.01 10.82
N ILE A 13 -4.91 -8.34 9.75
CA ILE A 13 -5.63 -8.37 8.50
C ILE A 13 -4.73 -8.84 7.36
N ASP A 14 -5.34 -9.40 6.32
CA ASP A 14 -4.61 -9.81 5.13
C ASP A 14 -4.72 -8.73 4.08
N VAL A 15 -3.59 -8.12 3.73
CA VAL A 15 -3.58 -7.05 2.75
C VAL A 15 -2.99 -7.54 1.43
N PRO A 16 -3.72 -7.31 0.32
CA PRO A 16 -3.28 -7.65 -1.02
C PRO A 16 -2.40 -6.56 -1.63
N VAL A 17 -1.14 -6.87 -1.85
CA VAL A 17 -0.22 -5.92 -2.46
C VAL A 17 0.14 -6.37 -3.88
N PRO A 18 -0.02 -5.48 -4.86
CA PRO A 18 0.30 -5.78 -6.26
C PRO A 18 1.70 -6.34 -6.42
N ARG A 19 1.83 -7.42 -7.20
CA ARG A 19 3.10 -8.10 -7.39
C ARG A 19 4.08 -7.21 -8.14
N HIS A 20 3.54 -6.20 -8.81
CA HIS A 20 4.37 -5.26 -9.56
C HIS A 20 4.92 -4.17 -8.62
N SER A 21 4.69 -4.34 -7.33
CA SER A 21 5.20 -3.39 -6.33
C SER A 21 5.49 -4.08 -5.00
N VAL A 22 5.64 -5.41 -5.02
CA VAL A 22 5.89 -6.16 -3.79
C VAL A 22 7.19 -5.75 -3.12
N GLY A 23 8.25 -5.63 -3.90
CA GLY A 23 9.53 -5.27 -3.32
C GLY A 23 9.59 -3.78 -3.02
N VAL A 24 8.93 -2.98 -3.83
CA VAL A 24 8.91 -1.53 -3.62
C VAL A 24 8.35 -1.16 -2.25
N VAL A 25 7.38 -1.93 -1.73
CA VAL A 25 6.78 -1.60 -0.45
C VAL A 25 7.62 -2.11 0.72
N ILE A 26 8.36 -3.20 0.51
CA ILE A 26 9.26 -3.70 1.54
C ILE A 26 10.57 -2.93 1.55
N GLY A 27 11.00 -2.50 0.38
CA GLY A 27 12.23 -1.74 0.26
C GLY A 27 13.31 -2.55 -0.42
N ARG A 28 14.54 -2.07 -0.35
CA ARG A 28 15.66 -2.79 -0.94
C ARG A 28 16.26 -3.74 0.07
N SER A 29 16.24 -3.32 1.32
CA SER A 29 16.79 -4.09 2.41
C SER A 29 15.69 -4.44 3.40
N GLY A 30 14.50 -3.97 3.12
CA GLY A 30 13.39 -4.15 4.02
C GLY A 30 13.24 -3.01 4.99
N GLU A 31 14.05 -1.97 4.80
CA GLU A 31 14.02 -0.80 5.68
C GLU A 31 12.66 -0.13 5.58
N MET A 32 12.12 -0.18 4.38
CA MET A 32 10.86 0.44 4.07
C MET A 32 9.72 -0.21 4.82
N ILE A 33 9.67 -1.54 4.81
CA ILE A 33 8.60 -2.25 5.53
C ILE A 33 8.85 -2.20 7.03
N LYS A 34 10.12 -2.07 7.43
CA LYS A 34 10.43 -1.90 8.84
C LYS A 34 9.85 -0.58 9.33
N LYS A 35 9.83 0.42 8.45
CA LYS A 35 9.18 1.68 8.77
C LYS A 35 7.66 1.50 8.83
N ILE A 36 7.12 0.71 7.91
CA ILE A 36 5.69 0.44 7.92
C ILE A 36 5.29 -0.21 9.25
N GLN A 37 6.10 -1.18 9.69
CA GLN A 37 5.87 -1.84 10.97
C GLN A 37 6.04 -0.87 12.13
N ASN A 38 7.12 -0.09 12.09
CA ASN A 38 7.45 0.85 13.16
C ASN A 38 6.42 1.98 13.28
N ASP A 39 6.18 2.65 12.17
CA ASP A 39 5.31 3.83 12.13
C ASP A 39 3.87 3.47 12.50
N ALA A 40 3.42 2.30 12.06
CA ALA A 40 2.06 1.87 12.34
C ALA A 40 1.96 1.10 13.64
N GLY A 41 3.08 0.55 14.09
CA GLY A 41 3.11 -0.24 15.31
C GLY A 41 2.58 -1.64 15.11
N VAL A 42 2.86 -2.23 13.95
CA VAL A 42 2.32 -3.54 13.60
C VAL A 42 3.44 -4.53 13.29
N ARG A 43 3.05 -5.76 13.00
CA ARG A 43 3.98 -6.79 12.54
C ARG A 43 3.48 -7.35 11.20
N ILE A 44 4.28 -7.21 10.17
CA ILE A 44 3.87 -7.62 8.84
C ILE A 44 4.71 -8.79 8.34
N GLN A 45 4.04 -9.87 7.97
CA GLN A 45 4.72 -11.01 7.37
C GLN A 45 4.07 -11.34 6.04
N PHE A 46 4.86 -11.36 4.99
CA PHE A 46 4.38 -11.74 3.66
C PHE A 46 4.14 -13.24 3.59
N LYS A 47 2.89 -13.62 3.37
CA LYS A 47 2.53 -15.02 3.24
C LYS A 47 3.07 -15.54 1.91
N GLN A 48 3.88 -16.59 1.98
CA GLN A 48 4.58 -17.09 0.81
C GLN A 48 3.62 -17.38 -0.33
N ASP A 49 4.01 -16.98 -1.53
CA ASP A 49 3.10 -16.97 -2.67
C ASP A 49 2.60 -18.37 -3.01
N ASP A 50 3.45 -19.16 -3.67
CA ASP A 50 3.08 -20.50 -4.11
C ASP A 50 1.93 -20.46 -5.12
N GLY A 51 1.71 -19.29 -5.70
CA GLY A 51 0.66 -19.13 -6.69
C GLY A 51 -0.66 -18.74 -6.06
N THR A 52 -0.63 -17.74 -5.20
CA THR A 52 -1.82 -17.26 -4.51
C THR A 52 -2.79 -16.60 -5.48
N GLY A 53 -2.31 -15.59 -6.18
CA GLY A 53 -3.14 -14.86 -7.12
C GLY A 53 -2.38 -13.73 -7.77
N PRO A 54 -3.09 -12.66 -8.18
CA PRO A 54 -2.46 -11.51 -8.86
C PRO A 54 -1.76 -10.58 -7.88
N GLU A 55 -2.15 -10.68 -6.63
CA GLU A 55 -1.55 -9.90 -5.57
C GLU A 55 -0.78 -10.80 -4.62
N LYS A 56 -0.03 -10.20 -3.72
CA LYS A 56 0.68 -10.92 -2.68
C LYS A 56 0.01 -10.62 -1.36
N ILE A 57 -0.40 -11.64 -0.64
CA ILE A 57 -1.09 -11.42 0.62
C ILE A 57 -0.10 -11.28 1.75
N ALA A 58 -0.22 -10.17 2.45
CA ALA A 58 0.62 -9.88 3.60
C ALA A 58 -0.23 -9.81 4.85
N HIS A 59 0.18 -10.51 5.90
CA HIS A 59 -0.61 -10.54 7.10
C HIS A 59 -0.12 -9.49 8.09
N ILE A 60 -0.80 -8.36 8.11
CA ILE A 60 -0.48 -7.29 9.04
C ILE A 60 -1.17 -7.54 10.38
N MET A 61 -0.40 -7.84 11.40
CA MET A 61 -0.95 -8.20 12.70
C MET A 61 -0.72 -7.09 13.70
N GLY A 62 -1.65 -6.98 14.64
CA GLY A 62 -1.53 -6.00 15.69
C GLY A 62 -2.87 -5.41 16.05
N PRO A 63 -2.90 -4.31 16.81
CA PRO A 63 -4.15 -3.59 17.10
C PRO A 63 -4.82 -3.11 15.82
N PRO A 64 -6.10 -3.42 15.64
CA PRO A 64 -6.81 -3.23 14.36
C PRO A 64 -6.60 -1.85 13.73
N ASP A 65 -6.68 -0.80 14.54
CA ASP A 65 -6.51 0.56 14.05
C ASP A 65 -5.09 0.79 13.52
N ARG A 66 -4.13 0.05 14.07
CA ARG A 66 -2.76 0.08 13.57
C ARG A 66 -2.66 -0.66 12.25
N CYS A 67 -3.47 -1.70 12.10
CA CYS A 67 -3.50 -2.46 10.86
C CYS A 67 -3.96 -1.56 9.72
N GLU A 68 -4.93 -0.71 10.02
CA GLU A 68 -5.40 0.29 9.06
C GLU A 68 -4.26 1.24 8.71
N HIS A 69 -3.63 1.80 9.74
CA HIS A 69 -2.49 2.69 9.60
C HIS A 69 -1.43 2.05 8.68
N ALA A 70 -1.10 0.80 8.98
CA ALA A 70 -0.11 0.05 8.23
C ALA A 70 -0.54 -0.12 6.77
N ALA A 71 -1.79 -0.52 6.57
CA ALA A 71 -2.33 -0.68 5.22
C ALA A 71 -2.28 0.63 4.44
N ARG A 72 -2.55 1.73 5.15
CA ARG A 72 -2.55 3.05 4.54
C ARG A 72 -1.16 3.46 4.09
N ILE A 73 -0.14 3.05 4.83
CA ILE A 73 1.24 3.34 4.46
C ILE A 73 1.60 2.62 3.16
N ILE A 74 1.24 1.35 3.07
CA ILE A 74 1.51 0.57 1.87
C ILE A 74 0.69 1.11 0.69
N ASN A 75 -0.58 1.39 0.94
CA ASN A 75 -1.47 1.92 -0.10
C ASN A 75 -1.00 3.28 -0.59
N ASP A 76 -0.47 4.10 0.30
CA ASP A 76 0.06 5.42 -0.08
C ASP A 76 1.31 5.26 -0.94
N LEU A 77 2.12 4.28 -0.59
CA LEU A 77 3.34 3.99 -1.34
C LEU A 77 3.02 3.55 -2.76
N LEU A 78 1.99 2.72 -2.90
CA LEU A 78 1.52 2.30 -4.22
C LEU A 78 0.99 3.51 -4.99
N GLN A 79 0.40 4.43 -4.25
CA GLN A 79 -0.30 5.56 -4.82
C GLN A 79 0.68 6.63 -5.31
N SER A 80 1.83 6.73 -4.66
CA SER A 80 2.81 7.77 -5.01
C SER A 80 3.61 7.38 -6.24
N LEU A 81 3.65 6.09 -6.55
CA LEU A 81 4.38 5.63 -7.73
C LEU A 81 3.57 5.87 -8.99
N ARG A 82 2.26 5.86 -8.84
CA ARG A 82 1.38 6.00 -9.98
C ARG A 82 0.95 7.45 -10.17
N SER A 83 0.76 7.82 -11.44
CA SER A 83 0.33 9.18 -11.82
C SER A 83 1.42 10.21 -11.54
N GLY A 84 2.60 9.74 -11.18
CA GLY A 84 3.71 10.63 -10.89
C GLY A 84 4.94 9.88 -10.46
N PRO A 85 5.64 9.22 -11.40
CA PRO A 85 6.86 8.47 -11.08
C PRO A 85 7.95 9.38 -10.52
N PRO A 86 8.48 9.02 -9.34
CA PRO A 86 9.51 9.84 -8.64
C PRO A 86 10.88 9.78 -9.33
N GLY A 87 10.91 10.12 -10.60
CA GLY A 87 12.16 10.19 -11.34
C GLY A 87 12.39 11.59 -11.88
N PRO A 88 11.77 11.93 -13.02
CA PRO A 88 11.81 13.29 -13.56
C PRO A 88 11.31 14.35 -12.55
N PRO A 89 10.11 14.20 -11.95
CA PRO A 89 9.63 15.11 -10.91
C PRO A 89 10.29 14.82 -9.56
N GLY A 90 11.58 15.09 -9.47
CA GLY A 90 12.30 14.87 -8.25
C GLY A 90 13.43 15.87 -8.07
N GLY A 91 14.42 15.50 -7.28
CA GLY A 91 15.55 16.36 -7.06
C GLY A 91 16.47 15.81 -5.99
N PRO A 92 17.79 15.78 -6.24
CA PRO A 92 18.77 15.22 -5.31
C PRO A 92 19.17 16.22 -4.21
N GLY A 93 18.27 17.15 -3.91
CA GLY A 93 18.55 18.14 -2.91
C GLY A 93 18.90 19.48 -3.52
N MET A 94 19.99 20.07 -3.06
CA MET A 94 20.42 21.37 -3.55
C MET A 94 21.94 21.42 -3.67
N PRO A 95 22.45 21.50 -4.90
CA PRO A 95 23.88 21.68 -5.16
C PRO A 95 24.25 23.16 -5.29
N PRO A 96 24.84 23.74 -4.23
CA PRO A 96 25.26 25.14 -4.23
C PRO A 96 26.61 25.32 -4.93
N GLY A 97 26.56 25.54 -6.23
CA GLY A 97 27.78 25.71 -7.00
C GLY A 97 28.32 27.12 -6.91
N GLY A 98 27.49 28.09 -7.28
CA GLY A 98 27.92 29.47 -7.23
C GLY A 98 26.96 30.40 -7.95
N ARG A 99 25.81 30.65 -7.34
CA ARG A 99 24.85 31.59 -7.90
C ARG A 99 24.85 32.86 -7.07
N GLY A 100 25.22 33.97 -7.70
CA GLY A 100 25.31 35.23 -7.00
C GLY A 100 26.50 35.28 -6.05
N ARG A 101 27.69 35.35 -6.62
CA ARG A 101 28.91 35.37 -5.82
C ARG A 101 29.40 36.80 -5.61
N GLY A 102 29.14 37.33 -4.43
CA GLY A 102 29.66 38.63 -4.07
C GLY A 102 28.84 39.77 -4.62
N ARG A 103 29.43 40.95 -4.65
CA ARG A 103 28.77 42.15 -5.12
C ARG A 103 29.54 42.75 -6.29
N GLY A 104 30.86 42.74 -6.18
CA GLY A 104 31.69 43.28 -7.24
C GLY A 104 32.88 44.01 -6.67
N GLN A 105 33.19 45.17 -7.23
CA GLN A 105 34.29 45.98 -6.74
C GLN A 105 33.77 46.98 -5.71
N GLY A 106 33.51 46.49 -4.52
CA GLY A 106 32.98 47.34 -3.46
C GLY A 106 31.59 46.93 -3.05
N GLY A 1 -25.86 -9.46 19.58
CA GLY A 1 -26.41 -10.21 20.73
C GLY A 1 -27.01 -11.53 20.33
N ALA A 2 -26.43 -12.62 20.82
CA ALA A 2 -26.91 -13.97 20.54
C ALA A 2 -27.05 -14.24 19.04
N MET A 3 -25.95 -14.05 18.31
CA MET A 3 -25.98 -14.24 16.86
C MET A 3 -24.69 -14.88 16.36
N ALA A 4 -23.65 -14.08 16.15
CA ALA A 4 -22.39 -14.59 15.62
C ALA A 4 -21.26 -13.58 15.77
N TYR A 5 -20.03 -14.08 15.75
CA TYR A 5 -18.85 -13.23 15.78
C TYR A 5 -17.87 -13.63 14.68
N GLY A 6 -17.58 -12.68 13.80
CA GLY A 6 -16.66 -12.95 12.71
C GLY A 6 -15.31 -12.27 12.91
N SER A 7 -14.24 -12.98 12.61
CA SER A 7 -12.90 -12.45 12.72
C SER A 7 -12.45 -11.88 11.38
N ARG A 8 -12.67 -10.59 11.17
CA ARG A 8 -12.32 -9.95 9.90
C ARG A 8 -10.98 -9.24 10.04
N ILE A 9 -10.92 -8.29 10.96
CA ILE A 9 -9.71 -7.49 11.16
C ILE A 9 -9.10 -7.75 12.54
N GLY A 10 -9.66 -8.73 13.24
CA GLY A 10 -9.20 -9.03 14.59
C GLY A 10 -7.86 -9.74 14.60
N GLY A 11 -6.86 -9.10 15.20
CA GLY A 11 -5.55 -9.70 15.30
C GLY A 11 -4.64 -9.30 14.16
N GLY A 12 -5.20 -8.62 13.19
CA GLY A 12 -4.44 -8.23 12.02
C GLY A 12 -5.27 -8.40 10.76
N ILE A 13 -4.76 -7.91 9.65
CA ILE A 13 -5.48 -7.98 8.39
C ILE A 13 -4.59 -8.52 7.28
N ASP A 14 -5.21 -9.20 6.33
CA ASP A 14 -4.52 -9.67 5.15
C ASP A 14 -4.68 -8.67 4.02
N VAL A 15 -3.62 -7.96 3.70
CA VAL A 15 -3.67 -6.95 2.67
C VAL A 15 -3.06 -7.44 1.36
N PRO A 16 -3.84 -7.39 0.28
CA PRO A 16 -3.37 -7.76 -1.05
C PRO A 16 -2.46 -6.70 -1.65
N VAL A 17 -1.18 -7.02 -1.76
CA VAL A 17 -0.21 -6.07 -2.30
C VAL A 17 0.17 -6.47 -3.72
N PRO A 18 0.01 -5.56 -4.68
CA PRO A 18 0.36 -5.82 -6.08
C PRO A 18 1.74 -6.44 -6.24
N ARG A 19 1.80 -7.57 -6.92
CA ARG A 19 3.06 -8.27 -7.16
C ARG A 19 4.00 -7.39 -7.98
N HIS A 20 3.46 -6.36 -8.59
CA HIS A 20 4.25 -5.39 -9.35
C HIS A 20 4.92 -4.38 -8.41
N SER A 21 4.65 -4.48 -7.11
CA SER A 21 5.19 -3.54 -6.15
C SER A 21 5.49 -4.20 -4.79
N VAL A 22 5.65 -5.52 -4.79
CA VAL A 22 5.90 -6.24 -3.54
C VAL A 22 7.21 -5.83 -2.89
N GLY A 23 8.28 -5.72 -3.69
CA GLY A 23 9.56 -5.37 -3.13
C GLY A 23 9.68 -3.87 -2.91
N VAL A 24 8.98 -3.09 -3.74
CA VAL A 24 9.01 -1.64 -3.63
C VAL A 24 8.52 -1.15 -2.26
N VAL A 25 7.51 -1.82 -1.69
CA VAL A 25 6.97 -1.38 -0.41
C VAL A 25 7.81 -1.89 0.77
N ILE A 26 8.50 -3.01 0.58
CA ILE A 26 9.38 -3.51 1.64
C ILE A 26 10.72 -2.78 1.61
N GLY A 27 11.12 -2.35 0.43
CA GLY A 27 12.30 -1.52 0.31
C GLY A 27 13.46 -2.24 -0.34
N ARG A 28 14.58 -1.54 -0.47
CA ARG A 28 15.76 -2.09 -1.11
C ARG A 28 16.47 -3.05 -0.16
N SER A 29 16.12 -3.00 1.11
CA SER A 29 16.75 -3.85 2.12
C SER A 29 15.78 -4.20 3.24
N GLY A 30 14.50 -3.92 3.04
CA GLY A 30 13.51 -4.22 4.05
C GLY A 30 13.39 -3.13 5.09
N GLU A 31 14.25 -2.11 4.99
CA GLU A 31 14.21 -0.99 5.91
C GLU A 31 12.90 -0.22 5.77
N MET A 32 12.37 -0.25 4.56
CA MET A 32 11.17 0.50 4.24
C MET A 32 9.94 -0.11 4.92
N ILE A 33 9.81 -1.44 4.86
CA ILE A 33 8.67 -2.10 5.47
C ILE A 33 8.77 -2.01 6.99
N LYS A 34 9.99 -1.96 7.51
CA LYS A 34 10.20 -1.84 8.95
C LYS A 34 9.77 -0.46 9.43
N LYS A 35 9.83 0.53 8.55
CA LYS A 35 9.35 1.86 8.89
C LYS A 35 7.82 1.88 8.90
N ILE A 36 7.23 1.10 8.01
CA ILE A 36 5.78 0.94 7.99
C ILE A 36 5.32 0.22 9.25
N GLN A 37 6.07 -0.80 9.65
CA GLN A 37 5.83 -1.51 10.90
C GLN A 37 6.02 -0.58 12.08
N ASN A 38 7.09 0.22 12.03
CA ASN A 38 7.41 1.15 13.12
C ASN A 38 6.38 2.25 13.25
N ASP A 39 6.00 2.86 12.13
CA ASP A 39 5.08 3.99 12.12
C ASP A 39 3.73 3.61 12.72
N ALA A 40 3.22 2.45 12.35
CA ALA A 40 1.92 2.02 12.83
C ALA A 40 2.02 1.22 14.13
N GLY A 41 3.18 0.61 14.36
CA GLY A 41 3.36 -0.21 15.54
C GLY A 41 2.86 -1.62 15.33
N VAL A 42 3.07 -2.14 14.12
CA VAL A 42 2.56 -3.46 13.73
C VAL A 42 3.68 -4.36 13.26
N ARG A 43 3.32 -5.57 12.85
CA ARG A 43 4.27 -6.46 12.20
C ARG A 43 3.66 -6.99 10.92
N ILE A 44 4.34 -6.77 9.81
CA ILE A 44 3.84 -7.16 8.51
C ILE A 44 4.62 -8.35 7.98
N GLN A 45 3.93 -9.41 7.62
CA GLN A 45 4.58 -10.60 7.11
C GLN A 45 4.04 -10.94 5.71
N PHE A 46 4.90 -10.81 4.72
CA PHE A 46 4.55 -11.16 3.35
C PHE A 46 4.54 -12.66 3.17
N LYS A 47 3.37 -13.21 2.90
CA LYS A 47 3.22 -14.65 2.69
C LYS A 47 3.73 -15.01 1.30
N GLN A 48 4.86 -15.73 1.26
CA GLN A 48 5.53 -16.00 0.00
C GLN A 48 5.03 -17.30 -0.64
N ASP A 49 3.88 -17.77 -0.20
CA ASP A 49 3.24 -18.92 -0.81
C ASP A 49 1.84 -18.54 -1.23
N ASP A 50 1.77 -17.54 -2.09
CA ASP A 50 0.50 -16.93 -2.43
C ASP A 50 0.20 -17.02 -3.91
N GLY A 51 -0.87 -17.72 -4.23
CA GLY A 51 -1.38 -17.72 -5.58
C GLY A 51 -2.57 -16.79 -5.71
N THR A 52 -2.48 -15.65 -5.03
CA THR A 52 -3.58 -14.69 -4.96
C THR A 52 -3.60 -13.79 -6.20
N GLY A 53 -3.58 -14.42 -7.37
CA GLY A 53 -3.65 -13.70 -8.62
C GLY A 53 -2.52 -12.71 -8.79
N PRO A 54 -2.85 -11.42 -8.95
CA PRO A 54 -1.87 -10.37 -9.20
C PRO A 54 -1.32 -9.76 -7.91
N GLU A 55 -1.82 -10.19 -6.77
CA GLU A 55 -1.37 -9.66 -5.50
C GLU A 55 -0.76 -10.74 -4.61
N LYS A 56 0.02 -10.26 -3.66
CA LYS A 56 0.59 -11.09 -2.61
C LYS A 56 -0.09 -10.70 -1.31
N ILE A 57 -0.56 -11.65 -0.53
CA ILE A 57 -1.15 -11.32 0.74
C ILE A 57 -0.08 -11.02 1.78
N ALA A 58 -0.19 -9.84 2.35
CA ALA A 58 0.70 -9.43 3.41
C ALA A 58 -0.08 -9.38 4.71
N HIS A 59 0.34 -10.16 5.68
CA HIS A 59 -0.37 -10.25 6.93
C HIS A 59 0.10 -9.15 7.88
N ILE A 60 -0.63 -8.05 7.93
CA ILE A 60 -0.33 -6.98 8.87
C ILE A 60 -0.99 -7.29 10.20
N MET A 61 -0.19 -7.74 11.15
CA MET A 61 -0.71 -8.20 12.43
C MET A 61 -0.48 -7.18 13.53
N GLY A 62 -1.43 -7.14 14.46
CA GLY A 62 -1.33 -6.23 15.57
C GLY A 62 -2.69 -5.70 15.97
N PRO A 63 -2.75 -4.55 16.65
CA PRO A 63 -4.02 -3.91 16.98
C PRO A 63 -4.70 -3.36 15.74
N PRO A 64 -5.97 -3.71 15.51
CA PRO A 64 -6.69 -3.41 14.26
C PRO A 64 -6.50 -1.98 13.75
N ASP A 65 -6.60 -1.01 14.65
CA ASP A 65 -6.44 0.40 14.28
C ASP A 65 -5.05 0.66 13.72
N ARG A 66 -4.06 -0.08 14.21
CA ARG A 66 -2.69 0.07 13.76
C ARG A 66 -2.47 -0.68 12.45
N CYS A 67 -3.12 -1.82 12.29
CA CYS A 67 -2.95 -2.62 11.08
C CYS A 67 -3.55 -1.90 9.89
N GLU A 68 -4.60 -1.15 10.15
CA GLU A 68 -5.23 -0.33 9.12
C GLU A 68 -4.39 0.90 8.84
N HIS A 69 -3.80 1.46 9.88
CA HIS A 69 -2.83 2.55 9.72
C HIS A 69 -1.69 2.09 8.83
N ALA A 70 -1.15 0.93 9.18
CA ALA A 70 -0.07 0.31 8.43
C ALA A 70 -0.50 0.03 6.99
N ALA A 71 -1.72 -0.47 6.84
CA ALA A 71 -2.30 -0.73 5.53
C ALA A 71 -2.32 0.53 4.67
N ARG A 72 -2.66 1.64 5.30
CA ARG A 72 -2.79 2.93 4.61
C ARG A 72 -1.42 3.42 4.12
N ILE A 73 -0.38 3.12 4.88
CA ILE A 73 0.98 3.51 4.51
C ILE A 73 1.41 2.79 3.24
N ILE A 74 1.10 1.51 3.16
CA ILE A 74 1.41 0.73 1.97
C ILE A 74 0.54 1.18 0.79
N ASN A 75 -0.73 1.45 1.07
CA ASN A 75 -1.66 1.95 0.06
C ASN A 75 -1.16 3.23 -0.59
N ASP A 76 -0.79 4.21 0.23
CA ASP A 76 -0.29 5.49 -0.26
C ASP A 76 1.01 5.29 -1.05
N LEU A 77 1.81 4.34 -0.59
CA LEU A 77 3.08 4.02 -1.21
C LEU A 77 2.85 3.52 -2.64
N LEU A 78 1.86 2.65 -2.81
CA LEU A 78 1.46 2.15 -4.13
C LEU A 78 0.95 3.30 -4.99
N GLN A 79 0.11 4.12 -4.37
CA GLN A 79 -0.54 5.24 -5.06
C GLN A 79 0.48 6.25 -5.56
N SER A 80 1.59 6.37 -4.87
CA SER A 80 2.65 7.30 -5.25
C SER A 80 3.42 6.78 -6.48
N LEU A 81 3.29 5.49 -6.75
CA LEU A 81 3.96 4.87 -7.87
C LEU A 81 3.10 4.95 -9.12
N ARG A 82 1.90 4.37 -9.01
CA ARG A 82 0.97 4.25 -10.14
C ARG A 82 1.50 3.26 -11.18
N SER A 83 0.79 2.14 -11.31
CA SER A 83 1.20 1.06 -12.20
C SER A 83 0.77 1.37 -13.63
N GLY A 84 1.52 2.26 -14.27
CA GLY A 84 1.22 2.64 -15.64
C GLY A 84 2.37 3.43 -16.24
N PRO A 85 2.07 4.56 -16.90
CA PRO A 85 3.10 5.44 -17.46
C PRO A 85 3.92 6.09 -16.35
N PRO A 86 5.24 5.85 -16.36
CA PRO A 86 6.15 6.38 -15.33
C PRO A 86 6.36 7.89 -15.48
N GLY A 87 5.34 8.65 -15.16
CA GLY A 87 5.40 10.09 -15.30
C GLY A 87 4.88 10.54 -16.64
N PRO A 88 5.71 11.26 -17.42
CA PRO A 88 5.33 11.75 -18.74
C PRO A 88 5.44 10.66 -19.82
N PRO A 89 4.34 10.42 -20.56
CA PRO A 89 4.35 9.51 -21.71
C PRO A 89 5.29 10.02 -22.79
N GLY A 90 5.98 9.10 -23.47
CA GLY A 90 6.99 9.48 -24.43
C GLY A 90 8.26 9.96 -23.74
N GLY A 91 8.21 11.19 -23.22
CA GLY A 91 9.34 11.73 -22.49
C GLY A 91 9.88 12.99 -23.14
N PRO A 92 9.62 14.16 -22.54
CA PRO A 92 10.12 15.44 -23.05
C PRO A 92 11.65 15.48 -23.07
N GLY A 93 12.21 15.77 -24.23
CA GLY A 93 13.65 15.82 -24.37
C GLY A 93 14.17 17.24 -24.40
N MET A 94 14.92 17.63 -23.38
CA MET A 94 15.46 18.97 -23.30
C MET A 94 16.93 18.99 -23.72
N PRO A 95 17.26 19.80 -24.74
CA PRO A 95 18.63 19.94 -25.24
C PRO A 95 19.47 20.88 -24.37
N PRO A 96 20.72 20.50 -24.07
CA PRO A 96 21.62 21.31 -23.24
C PRO A 96 22.39 22.35 -24.05
N GLY A 97 21.82 22.75 -25.18
CA GLY A 97 22.46 23.72 -26.03
C GLY A 97 22.08 23.55 -27.48
N GLY A 98 22.12 24.64 -28.24
CA GLY A 98 21.78 24.57 -29.64
C GLY A 98 23.01 24.37 -30.51
N ARG A 99 22.89 23.55 -31.54
CA ARG A 99 24.03 23.22 -32.39
C ARG A 99 24.14 24.22 -33.54
N GLY A 100 24.21 25.50 -33.18
CA GLY A 100 24.40 26.54 -34.17
C GLY A 100 25.54 27.46 -33.78
N ARG A 101 26.73 27.09 -34.20
CA ARG A 101 27.94 27.82 -33.82
C ARG A 101 28.58 28.47 -35.04
N GLY A 102 28.70 29.78 -35.01
CA GLY A 102 29.26 30.52 -36.14
C GLY A 102 29.03 32.00 -36.01
N ARG A 103 27.76 32.38 -36.05
CA ARG A 103 27.37 33.75 -35.73
C ARG A 103 27.44 33.93 -34.22
N GLY A 104 26.91 32.93 -33.52
CA GLY A 104 27.02 32.86 -32.09
C GLY A 104 27.27 31.44 -31.65
N GLN A 105 26.41 30.93 -30.77
CA GLN A 105 26.50 29.54 -30.33
C GLN A 105 25.22 29.12 -29.62
N GLY A 106 24.32 28.50 -30.35
CA GLY A 106 23.08 28.04 -29.77
C GLY A 106 21.94 29.02 -29.97
N GLY A 1 -8.64 15.69 2.66
CA GLY A 1 -7.33 15.13 2.25
C GLY A 1 -7.43 13.65 1.97
N ALA A 2 -6.64 12.86 2.69
CA ALA A 2 -6.62 11.43 2.51
C ALA A 2 -7.37 10.73 3.63
N MET A 3 -8.28 9.83 3.27
CA MET A 3 -9.07 9.10 4.25
C MET A 3 -8.75 7.61 4.18
N ALA A 4 -8.63 6.99 5.34
CA ALA A 4 -8.37 5.56 5.41
C ALA A 4 -9.67 4.79 5.52
N TYR A 5 -10.08 4.17 4.43
CA TYR A 5 -11.31 3.39 4.42
C TYR A 5 -11.08 2.02 5.02
N GLY A 6 -11.31 1.91 6.33
CA GLY A 6 -11.13 0.64 7.02
C GLY A 6 -12.29 -0.31 6.78
N SER A 7 -12.36 -0.83 5.56
CA SER A 7 -13.39 -1.79 5.18
C SER A 7 -13.20 -3.11 5.94
N ARG A 8 -11.95 -3.46 6.15
CA ARG A 8 -11.60 -4.68 6.87
C ARG A 8 -10.90 -4.33 8.18
N ILE A 9 -11.67 -4.27 9.25
CA ILE A 9 -11.14 -3.91 10.55
C ILE A 9 -11.18 -5.11 11.51
N GLY A 10 -10.00 -5.53 11.95
CA GLY A 10 -9.90 -6.64 12.87
C GLY A 10 -8.48 -6.82 13.37
N GLY A 11 -8.32 -7.57 14.45
CA GLY A 11 -7.01 -7.80 15.00
C GLY A 11 -6.17 -8.70 14.11
N GLY A 12 -5.44 -8.09 13.19
CA GLY A 12 -4.65 -8.85 12.25
C GLY A 12 -5.41 -9.07 10.95
N ILE A 13 -4.98 -8.39 9.90
CA ILE A 13 -5.67 -8.42 8.62
C ILE A 13 -4.70 -8.81 7.51
N ASP A 14 -5.23 -9.38 6.44
CA ASP A 14 -4.45 -9.70 5.27
C ASP A 14 -4.64 -8.62 4.22
N VAL A 15 -3.54 -8.01 3.80
CA VAL A 15 -3.60 -6.94 2.81
C VAL A 15 -2.97 -7.38 1.49
N PRO A 16 -3.75 -7.27 0.40
CA PRO A 16 -3.27 -7.59 -0.95
C PRO A 16 -2.25 -6.56 -1.44
N VAL A 17 -1.12 -7.04 -1.91
CA VAL A 17 -0.07 -6.17 -2.42
C VAL A 17 0.37 -6.63 -3.81
N PRO A 18 0.18 -5.78 -4.82
CA PRO A 18 0.54 -6.11 -6.21
C PRO A 18 1.94 -6.68 -6.32
N ARG A 19 2.07 -7.78 -7.07
CA ARG A 19 3.35 -8.44 -7.29
C ARG A 19 4.28 -7.54 -8.08
N HIS A 20 3.71 -6.53 -8.72
CA HIS A 20 4.48 -5.52 -9.44
C HIS A 20 5.01 -4.47 -8.45
N SER A 21 4.69 -4.63 -7.17
CA SER A 21 5.13 -3.67 -6.16
C SER A 21 5.44 -4.34 -4.82
N VAL A 22 5.71 -5.64 -4.83
CA VAL A 22 5.99 -6.36 -3.59
C VAL A 22 7.26 -5.86 -2.91
N GLY A 23 8.34 -5.73 -3.67
CA GLY A 23 9.58 -5.29 -3.09
C GLY A 23 9.63 -3.78 -2.93
N VAL A 24 8.89 -3.08 -3.78
CA VAL A 24 8.83 -1.62 -3.70
C VAL A 24 8.32 -1.14 -2.33
N VAL A 25 7.33 -1.84 -1.75
CA VAL A 25 6.77 -1.40 -0.47
C VAL A 25 7.64 -1.84 0.71
N ILE A 26 8.38 -2.93 0.54
CA ILE A 26 9.29 -3.38 1.58
C ILE A 26 10.59 -2.60 1.54
N GLY A 27 10.92 -2.10 0.36
CA GLY A 27 12.12 -1.32 0.19
C GLY A 27 13.26 -2.17 -0.32
N ARG A 28 14.32 -1.54 -0.80
CA ARG A 28 15.44 -2.28 -1.37
C ARG A 28 16.16 -3.12 -0.31
N SER A 29 15.92 -2.80 0.96
CA SER A 29 16.61 -3.46 2.05
C SER A 29 15.66 -3.75 3.21
N GLY A 30 14.38 -3.68 2.94
CA GLY A 30 13.39 -3.92 3.98
C GLY A 30 13.26 -2.74 4.94
N GLU A 31 14.14 -1.76 4.80
CA GLU A 31 14.10 -0.56 5.63
C GLU A 31 12.73 0.11 5.55
N MET A 32 12.09 -0.02 4.40
CA MET A 32 10.83 0.67 4.16
C MET A 32 9.68 0.00 4.90
N ILE A 33 9.62 -1.34 4.88
CA ILE A 33 8.54 -2.04 5.55
C ILE A 33 8.74 -2.03 7.07
N LYS A 34 10.00 -1.96 7.49
CA LYS A 34 10.29 -1.82 8.91
C LYS A 34 9.79 -0.47 9.41
N LYS A 35 9.80 0.51 8.52
CA LYS A 35 9.21 1.81 8.79
C LYS A 35 7.70 1.69 8.85
N ILE A 36 7.13 0.89 7.96
CA ILE A 36 5.69 0.66 7.94
C ILE A 36 5.26 0.01 9.26
N GLN A 37 5.99 -1.02 9.67
CA GLN A 37 5.74 -1.67 10.95
C GLN A 37 5.95 -0.70 12.10
N ASN A 38 6.98 0.12 11.99
CA ASN A 38 7.33 1.09 13.02
C ASN A 38 6.25 2.15 13.18
N ASP A 39 5.92 2.83 12.10
CA ASP A 39 4.96 3.94 12.13
C ASP A 39 3.56 3.44 12.52
N ALA A 40 3.22 2.23 12.12
CA ALA A 40 1.88 1.69 12.40
C ALA A 40 1.85 0.89 13.70
N GLY A 41 2.99 0.42 14.14
CA GLY A 41 3.08 -0.36 15.38
C GLY A 41 2.57 -1.77 15.20
N VAL A 42 2.81 -2.34 14.02
CA VAL A 42 2.27 -3.66 13.67
C VAL A 42 3.36 -4.65 13.31
N ARG A 43 2.95 -5.88 13.08
CA ARG A 43 3.83 -6.93 12.59
C ARG A 43 3.38 -7.35 11.20
N ILE A 44 4.17 -7.01 10.19
CA ILE A 44 3.80 -7.28 8.81
C ILE A 44 4.76 -8.29 8.20
N GLN A 45 4.23 -9.40 7.72
CA GLN A 45 5.05 -10.38 7.03
C GLN A 45 4.44 -10.75 5.68
N PHE A 46 5.27 -10.75 4.66
CA PHE A 46 4.85 -11.08 3.31
C PHE A 46 4.83 -12.58 3.11
N LYS A 47 3.70 -13.09 2.66
CA LYS A 47 3.57 -14.50 2.38
C LYS A 47 4.20 -14.82 1.04
N GLN A 48 4.23 -16.10 0.71
CA GLN A 48 4.64 -16.55 -0.60
C GLN A 48 3.71 -17.68 -1.02
N ASP A 49 2.45 -17.31 -1.18
CA ASP A 49 1.41 -18.25 -1.55
C ASP A 49 1.81 -19.04 -2.77
N ASP A 50 1.70 -20.34 -2.68
CA ASP A 50 2.03 -21.22 -3.79
C ASP A 50 0.94 -21.13 -4.84
N GLY A 51 1.09 -20.17 -5.74
CA GLY A 51 0.06 -19.91 -6.73
C GLY A 51 -0.49 -18.51 -6.56
N THR A 52 0.34 -17.52 -6.85
CA THR A 52 -0.04 -16.13 -6.68
C THR A 52 -0.49 -15.51 -8.00
N GLY A 53 -1.61 -14.80 -7.96
CA GLY A 53 -2.12 -14.14 -9.14
C GLY A 53 -1.50 -12.78 -9.35
N PRO A 54 -2.27 -11.69 -9.22
CA PRO A 54 -1.76 -10.34 -9.39
C PRO A 54 -1.13 -9.81 -8.10
N GLU A 55 -1.68 -10.23 -6.97
CA GLU A 55 -1.29 -9.72 -5.67
C GLU A 55 -0.62 -10.78 -4.83
N LYS A 56 0.07 -10.32 -3.81
CA LYS A 56 0.60 -11.15 -2.76
C LYS A 56 -0.17 -10.82 -1.49
N ILE A 57 -0.25 -11.73 -0.55
CA ILE A 57 -0.89 -11.43 0.70
C ILE A 57 0.14 -11.08 1.76
N ALA A 58 -0.06 -9.92 2.36
CA ALA A 58 0.77 -9.46 3.45
C ALA A 58 -0.04 -9.48 4.74
N HIS A 59 0.43 -10.21 5.72
CA HIS A 59 -0.34 -10.40 6.94
C HIS A 59 0.06 -9.36 7.99
N ILE A 60 -0.73 -8.31 8.09
CA ILE A 60 -0.53 -7.28 9.10
C ILE A 60 -1.21 -7.69 10.41
N MET A 61 -0.42 -8.09 11.39
CA MET A 61 -0.96 -8.56 12.66
C MET A 61 -0.79 -7.53 13.75
N GLY A 62 -1.85 -7.34 14.53
CA GLY A 62 -1.77 -6.45 15.68
C GLY A 62 -3.11 -5.80 15.95
N PRO A 63 -3.12 -4.71 16.74
CA PRO A 63 -4.35 -3.96 17.02
C PRO A 63 -4.98 -3.45 15.72
N PRO A 64 -6.30 -3.61 15.61
CA PRO A 64 -7.06 -3.32 14.38
C PRO A 64 -6.87 -1.90 13.86
N ASP A 65 -6.72 -0.94 14.77
CA ASP A 65 -6.46 0.44 14.37
C ASP A 65 -5.08 0.56 13.75
N ARG A 66 -4.13 -0.14 14.34
CA ARG A 66 -2.78 -0.15 13.82
C ARG A 66 -2.74 -0.84 12.47
N CYS A 67 -3.64 -1.80 12.30
CA CYS A 67 -3.78 -2.50 11.02
C CYS A 67 -4.25 -1.54 9.94
N GLU A 68 -5.23 -0.71 10.27
CA GLU A 68 -5.72 0.31 9.34
C GLU A 68 -4.61 1.30 9.01
N HIS A 69 -3.90 1.72 10.05
CA HIS A 69 -2.74 2.60 9.91
C HIS A 69 -1.71 1.98 8.97
N ALA A 70 -1.42 0.71 9.20
CA ALA A 70 -0.43 -0.02 8.41
C ALA A 70 -0.88 -0.17 6.96
N ALA A 71 -2.15 -0.47 6.78
CA ALA A 71 -2.73 -0.60 5.44
C ALA A 71 -2.58 0.70 4.66
N ARG A 72 -2.81 1.82 5.34
CA ARG A 72 -2.70 3.14 4.72
C ARG A 72 -1.29 3.35 4.16
N ILE A 73 -0.28 3.03 4.97
CA ILE A 73 1.10 3.24 4.58
C ILE A 73 1.45 2.49 3.30
N ILE A 74 1.21 1.19 3.29
CA ILE A 74 1.52 0.36 2.13
C ILE A 74 0.74 0.80 0.90
N ASN A 75 -0.54 1.03 1.09
CA ASN A 75 -1.43 1.31 -0.02
C ASN A 75 -1.17 2.69 -0.63
N ASP A 76 -1.02 3.69 0.21
CA ASP A 76 -0.73 5.03 -0.26
C ASP A 76 0.65 5.08 -0.90
N LEU A 77 1.54 4.21 -0.43
CA LEU A 77 2.86 4.05 -1.02
C LEU A 77 2.71 3.57 -2.47
N LEU A 78 1.87 2.57 -2.67
CA LEU A 78 1.54 2.08 -4.00
C LEU A 78 0.97 3.20 -4.86
N GLN A 79 0.07 3.95 -4.26
CA GLN A 79 -0.64 5.03 -4.93
C GLN A 79 0.31 6.14 -5.38
N SER A 80 1.28 6.47 -4.54
CA SER A 80 2.18 7.59 -4.81
C SER A 80 3.24 7.21 -5.86
N LEU A 81 3.40 5.92 -6.11
CA LEU A 81 4.33 5.45 -7.13
C LEU A 81 3.77 5.74 -8.51
N ARG A 82 2.45 5.88 -8.58
CA ARG A 82 1.79 6.05 -9.84
C ARG A 82 1.85 7.51 -10.27
N SER A 83 2.90 7.86 -11.02
CA SER A 83 3.10 9.22 -11.46
C SER A 83 2.03 9.66 -12.46
N GLY A 84 1.82 8.85 -13.48
CA GLY A 84 0.80 9.15 -14.46
C GLY A 84 1.21 8.78 -15.87
N PRO A 85 1.15 9.75 -16.80
CA PRO A 85 1.46 9.51 -18.22
C PRO A 85 2.92 9.13 -18.45
N PRO A 86 3.17 7.94 -19.02
CA PRO A 86 4.51 7.43 -19.29
C PRO A 86 5.06 7.94 -20.62
N GLY A 87 5.02 9.25 -20.79
CA GLY A 87 5.56 9.86 -22.00
C GLY A 87 6.94 10.40 -21.77
N PRO A 88 7.46 11.23 -22.70
CA PRO A 88 8.79 11.84 -22.58
C PRO A 88 8.88 12.75 -21.36
N PRO A 89 9.69 12.35 -20.36
CA PRO A 89 9.84 13.10 -19.10
C PRO A 89 10.97 14.11 -19.16
N GLY A 90 10.89 15.04 -20.10
CA GLY A 90 11.94 16.04 -20.25
C GLY A 90 13.08 15.53 -21.08
N GLY A 91 12.76 14.66 -22.02
CA GLY A 91 13.76 14.03 -22.84
C GLY A 91 13.46 12.56 -23.07
N PRO A 92 13.04 12.20 -24.29
CA PRO A 92 12.74 10.80 -24.64
C PRO A 92 14.02 9.95 -24.74
N GLY A 93 14.54 9.55 -23.58
CA GLY A 93 15.77 8.80 -23.54
C GLY A 93 15.59 7.32 -23.88
N MET A 94 15.36 7.05 -25.16
CA MET A 94 15.28 5.68 -25.65
C MET A 94 15.60 5.63 -27.15
N PRO A 95 16.84 6.02 -27.53
CA PRO A 95 17.27 6.02 -28.93
C PRO A 95 17.22 4.64 -29.61
N PRO A 96 17.91 3.60 -29.08
CA PRO A 96 17.93 2.28 -29.71
C PRO A 96 16.72 1.44 -29.33
N GLY A 97 15.55 1.90 -29.72
CA GLY A 97 14.33 1.16 -29.43
C GLY A 97 13.72 1.53 -28.10
N GLY A 98 13.96 0.70 -27.10
CA GLY A 98 13.43 0.95 -25.78
C GLY A 98 12.76 -0.26 -25.18
N ARG A 99 11.46 -0.16 -24.93
CA ARG A 99 10.72 -1.25 -24.32
C ARG A 99 9.26 -1.21 -24.77
N GLY A 100 8.87 -2.18 -25.59
CA GLY A 100 7.51 -2.20 -26.11
C GLY A 100 6.97 -3.60 -26.24
N ARG A 101 5.67 -3.70 -26.47
CA ARG A 101 5.01 -4.98 -26.62
C ARG A 101 4.80 -5.29 -28.10
N GLY A 102 5.90 -5.60 -28.77
CA GLY A 102 5.88 -5.77 -30.21
C GLY A 102 5.36 -7.11 -30.67
N ARG A 103 4.05 -7.29 -30.62
CA ARG A 103 3.40 -8.47 -31.20
C ARG A 103 1.90 -8.22 -31.33
N GLY A 104 1.40 -8.29 -32.55
CA GLY A 104 0.00 -8.05 -32.79
C GLY A 104 -0.22 -7.28 -34.06
N GLN A 105 -0.12 -7.97 -35.19
CA GLN A 105 -0.22 -7.35 -36.51
C GLN A 105 -0.63 -8.39 -37.55
N GLY A 106 -1.55 -8.01 -38.41
CA GLY A 106 -2.02 -8.93 -39.44
C GLY A 106 -2.72 -8.22 -40.57
N GLY A 1 -20.94 4.48 6.85
CA GLY A 1 -21.50 3.72 5.71
C GLY A 1 -21.46 2.24 5.94
N ALA A 2 -21.98 1.46 5.00
CA ALA A 2 -21.98 0.01 5.12
C ALA A 2 -20.62 -0.57 4.77
N MET A 3 -20.24 -0.47 3.51
CA MET A 3 -18.98 -1.01 3.03
C MET A 3 -18.03 0.11 2.66
N ALA A 4 -16.86 0.13 3.28
CA ALA A 4 -15.85 1.15 3.03
C ALA A 4 -14.48 0.65 3.41
N TYR A 5 -14.32 0.31 4.68
CA TYR A 5 -13.05 -0.21 5.19
C TYR A 5 -13.31 -1.05 6.44
N GLY A 6 -12.34 -1.87 6.81
CA GLY A 6 -12.48 -2.69 7.99
C GLY A 6 -13.27 -3.96 7.72
N SER A 7 -12.77 -4.77 6.81
CA SER A 7 -13.43 -6.02 6.43
C SER A 7 -13.16 -7.12 7.45
N ARG A 8 -11.94 -7.15 7.97
CA ARG A 8 -11.53 -8.19 8.91
C ARG A 8 -10.49 -7.65 9.88
N ILE A 9 -10.79 -6.50 10.47
CA ILE A 9 -9.88 -5.87 11.43
C ILE A 9 -9.99 -6.51 12.82
N GLY A 10 -9.54 -7.77 12.91
CA GLY A 10 -9.61 -8.49 14.17
C GLY A 10 -8.28 -9.09 14.57
N GLY A 11 -7.35 -8.25 14.99
CA GLY A 11 -6.06 -8.74 15.45
C GLY A 11 -5.03 -8.82 14.33
N GLY A 12 -5.48 -8.56 13.12
CA GLY A 12 -4.59 -8.58 11.97
C GLY A 12 -5.36 -8.65 10.68
N ILE A 13 -4.87 -7.96 9.67
CA ILE A 13 -5.52 -7.94 8.37
C ILE A 13 -4.53 -8.32 7.29
N ASP A 14 -4.99 -9.07 6.30
CA ASP A 14 -4.13 -9.43 5.18
C ASP A 14 -4.33 -8.46 4.03
N VAL A 15 -3.23 -7.90 3.57
CA VAL A 15 -3.26 -6.90 2.53
C VAL A 15 -2.68 -7.44 1.23
N PRO A 16 -3.38 -7.20 0.11
CA PRO A 16 -2.94 -7.61 -1.21
C PRO A 16 -2.06 -6.55 -1.87
N VAL A 17 -0.76 -6.79 -1.89
CA VAL A 17 0.17 -5.86 -2.52
C VAL A 17 0.56 -6.36 -3.91
N PRO A 18 0.28 -5.55 -4.95
CA PRO A 18 0.61 -5.90 -6.34
C PRO A 18 2.00 -6.51 -6.47
N ARG A 19 2.09 -7.64 -7.18
CA ARG A 19 3.32 -8.42 -7.26
C ARG A 19 4.40 -7.65 -8.02
N HIS A 20 4.01 -6.63 -8.77
CA HIS A 20 4.98 -5.78 -9.45
C HIS A 20 5.38 -4.60 -8.56
N SER A 21 4.94 -4.63 -7.32
CA SER A 21 5.29 -3.59 -6.35
C SER A 21 5.64 -4.19 -5.00
N VAL A 22 5.93 -5.49 -4.99
CA VAL A 22 6.25 -6.18 -3.76
C VAL A 22 7.54 -5.63 -3.12
N GLY A 23 8.56 -5.42 -3.94
CA GLY A 23 9.81 -4.91 -3.44
C GLY A 23 9.74 -3.41 -3.16
N VAL A 24 8.95 -2.70 -3.96
CA VAL A 24 8.79 -1.25 -3.79
C VAL A 24 8.26 -0.92 -2.38
N VAL A 25 7.35 -1.72 -1.85
CA VAL A 25 6.77 -1.42 -0.55
C VAL A 25 7.65 -1.89 0.60
N ILE A 26 8.42 -2.96 0.38
CA ILE A 26 9.33 -3.44 1.41
C ILE A 26 10.63 -2.65 1.40
N GLY A 27 10.95 -2.06 0.25
CA GLY A 27 12.09 -1.17 0.16
C GLY A 27 13.28 -1.80 -0.52
N ARG A 28 14.38 -1.06 -0.58
CA ARG A 28 15.60 -1.55 -1.21
C ARG A 28 16.18 -2.72 -0.40
N SER A 29 15.87 -2.78 0.88
CA SER A 29 16.47 -3.74 1.77
C SER A 29 15.54 -4.08 2.93
N GLY A 30 14.25 -3.94 2.72
CA GLY A 30 13.29 -4.21 3.78
C GLY A 30 13.23 -3.12 4.83
N GLU A 31 14.17 -2.17 4.74
CA GLU A 31 14.23 -1.04 5.67
C GLU A 31 12.94 -0.23 5.61
N MET A 32 12.23 -0.35 4.50
CA MET A 32 11.03 0.42 4.26
C MET A 32 9.82 -0.22 4.93
N ILE A 33 9.67 -1.54 4.79
CA ILE A 33 8.54 -2.22 5.42
C ILE A 33 8.71 -2.25 6.93
N LYS A 34 9.97 -2.19 7.39
CA LYS A 34 10.24 -2.08 8.81
C LYS A 34 9.73 -0.75 9.33
N LYS A 35 9.74 0.27 8.48
CA LYS A 35 9.18 1.56 8.82
C LYS A 35 7.67 1.47 8.86
N ILE A 36 7.10 0.73 7.92
CA ILE A 36 5.66 0.51 7.90
C ILE A 36 5.23 -0.17 9.20
N GLN A 37 6.03 -1.17 9.61
CA GLN A 37 5.80 -1.87 10.86
C GLN A 37 5.96 -0.94 12.07
N ASN A 38 7.06 -0.19 12.08
CA ASN A 38 7.39 0.65 13.23
C ASN A 38 6.43 1.84 13.35
N ASP A 39 6.18 2.49 12.22
CA ASP A 39 5.34 3.69 12.19
C ASP A 39 3.91 3.38 12.61
N ALA A 40 3.44 2.19 12.24
CA ALA A 40 2.08 1.80 12.57
C ALA A 40 2.03 0.96 13.84
N GLY A 41 3.16 0.35 14.21
CA GLY A 41 3.22 -0.49 15.38
C GLY A 41 2.63 -1.86 15.14
N VAL A 42 2.94 -2.45 13.98
CA VAL A 42 2.34 -3.71 13.56
C VAL A 42 3.38 -4.75 13.21
N ARG A 43 2.90 -5.96 12.95
CA ARG A 43 3.76 -7.08 12.54
C ARG A 43 3.36 -7.54 11.15
N ILE A 44 4.16 -7.17 10.15
CA ILE A 44 3.81 -7.49 8.77
C ILE A 44 4.68 -8.61 8.23
N GLN A 45 4.05 -9.71 7.86
CA GLN A 45 4.76 -10.83 7.28
C GLN A 45 3.97 -11.40 6.11
N PHE A 46 4.63 -11.55 4.97
CA PHE A 46 4.00 -12.15 3.80
C PHE A 46 3.60 -13.59 4.11
N LYS A 47 2.37 -13.93 3.80
CA LYS A 47 1.84 -15.26 4.05
C LYS A 47 2.49 -16.27 3.12
N GLN A 48 2.22 -16.11 1.82
CA GLN A 48 2.78 -17.00 0.82
C GLN A 48 2.57 -16.38 -0.55
N ASP A 49 3.36 -16.81 -1.53
CA ASP A 49 3.22 -16.32 -2.89
C ASP A 49 2.21 -17.18 -3.66
N ASP A 50 0.96 -17.11 -3.24
CA ASP A 50 -0.10 -17.87 -3.88
C ASP A 50 -0.49 -17.20 -5.20
N GLY A 51 -0.71 -18.02 -6.21
CA GLY A 51 -1.07 -17.50 -7.52
C GLY A 51 -2.56 -17.41 -7.70
N THR A 52 -3.27 -17.16 -6.62
CA THR A 52 -4.72 -17.09 -6.66
C THR A 52 -5.17 -15.70 -7.10
N GLY A 53 -4.25 -14.75 -7.04
CA GLY A 53 -4.53 -13.39 -7.46
C GLY A 53 -3.26 -12.68 -7.91
N PRO A 54 -3.37 -11.51 -8.55
CA PRO A 54 -2.22 -10.76 -9.03
C PRO A 54 -1.54 -9.96 -7.92
N GLU A 55 -1.99 -10.14 -6.69
CA GLU A 55 -1.38 -9.47 -5.55
C GLU A 55 -0.69 -10.48 -4.64
N LYS A 56 0.13 -9.96 -3.73
CA LYS A 56 0.82 -10.77 -2.76
C LYS A 56 0.25 -10.47 -1.38
N ILE A 57 -0.35 -11.48 -0.76
CA ILE A 57 -1.00 -11.29 0.52
C ILE A 57 0.00 -11.25 1.68
N ALA A 58 0.19 -10.06 2.23
CA ALA A 58 1.01 -9.88 3.41
C ALA A 58 0.10 -9.68 4.62
N HIS A 59 0.36 -10.40 5.69
CA HIS A 59 -0.51 -10.35 6.86
C HIS A 59 -0.01 -9.32 7.87
N ILE A 60 -0.69 -8.18 7.91
CA ILE A 60 -0.39 -7.14 8.88
C ILE A 60 -1.11 -7.45 10.20
N MET A 61 -0.35 -7.92 11.18
CA MET A 61 -0.93 -8.34 12.45
C MET A 61 -0.74 -7.30 13.52
N GLY A 62 -1.66 -7.25 14.47
CA GLY A 62 -1.56 -6.32 15.56
C GLY A 62 -2.89 -5.66 15.85
N PRO A 63 -2.88 -4.55 16.60
CA PRO A 63 -4.11 -3.79 16.87
C PRO A 63 -4.74 -3.31 15.57
N PRO A 64 -6.05 -3.54 15.40
CA PRO A 64 -6.78 -3.27 14.16
C PRO A 64 -6.64 -1.83 13.67
N ASP A 65 -6.57 -0.89 14.60
CA ASP A 65 -6.41 0.52 14.24
C ASP A 65 -5.01 0.77 13.70
N ARG A 66 -4.04 0.02 14.23
CA ARG A 66 -2.67 0.09 13.74
C ARG A 66 -2.58 -0.59 12.38
N CYS A 67 -3.37 -1.63 12.21
CA CYS A 67 -3.44 -2.34 10.94
C CYS A 67 -3.91 -1.39 9.83
N GLU A 68 -4.87 -0.54 10.18
CA GLU A 68 -5.34 0.49 9.27
C GLU A 68 -4.21 1.44 8.90
N HIS A 69 -3.51 1.93 9.93
CA HIS A 69 -2.38 2.83 9.74
C HIS A 69 -1.37 2.17 8.81
N ALA A 70 -1.05 0.93 9.11
CA ALA A 70 -0.08 0.16 8.33
C ALA A 70 -0.53 -0.01 6.89
N ALA A 71 -1.80 -0.34 6.70
CA ALA A 71 -2.38 -0.50 5.37
C ALA A 71 -2.28 0.79 4.57
N ARG A 72 -2.57 1.90 5.24
CA ARG A 72 -2.55 3.21 4.60
C ARG A 72 -1.15 3.56 4.10
N ILE A 73 -0.13 3.13 4.83
CA ILE A 73 1.26 3.38 4.43
C ILE A 73 1.59 2.63 3.15
N ILE A 74 1.18 1.37 3.08
CA ILE A 74 1.43 0.55 1.90
C ILE A 74 0.59 1.05 0.72
N ASN A 75 -0.67 1.35 1.00
CA ASN A 75 -1.57 1.88 -0.03
C ASN A 75 -1.03 3.16 -0.64
N ASP A 76 -0.68 4.13 0.21
CA ASP A 76 -0.10 5.39 -0.23
C ASP A 76 1.16 5.17 -1.07
N LEU A 77 1.97 4.19 -0.68
CA LEU A 77 3.19 3.87 -1.39
C LEU A 77 2.87 3.32 -2.78
N LEU A 78 1.92 2.40 -2.85
CA LEU A 78 1.43 1.88 -4.13
C LEU A 78 0.82 3.00 -4.95
N GLN A 79 0.06 3.84 -4.26
CA GLN A 79 -0.66 4.94 -4.87
C GLN A 79 0.30 5.97 -5.46
N SER A 80 1.54 5.95 -4.99
CA SER A 80 2.57 6.84 -5.51
C SER A 80 3.00 6.38 -6.90
N LEU A 81 2.66 5.13 -7.23
CA LEU A 81 2.99 4.57 -8.54
C LEU A 81 1.75 4.58 -9.43
N ARG A 82 0.61 4.92 -8.84
CA ARG A 82 -0.64 4.97 -9.56
C ARG A 82 -0.62 6.10 -10.59
N SER A 83 -0.03 7.22 -10.19
CA SER A 83 0.09 8.38 -11.07
C SER A 83 1.51 8.93 -11.00
N GLY A 84 2.02 9.39 -12.12
CA GLY A 84 3.36 9.92 -12.17
C GLY A 84 3.88 10.00 -13.59
N PRO A 85 5.00 10.69 -13.82
CA PRO A 85 5.61 10.84 -15.15
C PRO A 85 5.83 9.51 -15.89
N PRO A 86 6.43 8.48 -15.25
CA PRO A 86 6.60 7.16 -15.87
C PRO A 86 5.34 6.29 -15.74
N GLY A 87 4.20 6.95 -15.62
CA GLY A 87 2.94 6.25 -15.53
C GLY A 87 1.90 6.84 -16.47
N PRO A 88 0.62 6.50 -16.28
CA PRO A 88 -0.46 7.00 -17.12
C PRO A 88 -0.94 8.39 -16.70
N PRO A 89 -0.92 9.35 -17.64
CA PRO A 89 -1.45 10.71 -17.41
C PRO A 89 -2.96 10.71 -17.28
N GLY A 90 -3.61 9.72 -17.89
CA GLY A 90 -5.05 9.59 -17.78
C GLY A 90 -5.44 8.29 -17.11
N GLY A 91 -6.73 8.03 -17.03
CA GLY A 91 -7.19 6.81 -16.42
C GLY A 91 -8.59 6.93 -15.87
N PRO A 92 -9.19 5.80 -15.44
CA PRO A 92 -10.55 5.77 -14.90
C PRO A 92 -10.61 6.31 -13.47
N GLY A 93 -10.25 7.58 -13.32
CA GLY A 93 -10.27 8.20 -12.01
C GLY A 93 -9.86 9.65 -12.06
N MET A 94 -10.69 10.47 -12.68
CA MET A 94 -10.42 11.91 -12.75
C MET A 94 -11.73 12.69 -12.73
N PRO A 95 -12.20 13.03 -11.51
CA PRO A 95 -13.41 13.84 -11.31
C PRO A 95 -13.46 15.11 -12.18
N PRO A 96 -12.38 15.93 -12.25
CA PRO A 96 -12.34 17.07 -13.16
C PRO A 96 -12.11 16.65 -14.61
N GLY A 97 -13.07 15.93 -15.16
CA GLY A 97 -12.98 15.45 -16.52
C GLY A 97 -12.94 16.59 -17.52
N GLY A 98 -11.97 16.55 -18.42
CA GLY A 98 -11.81 17.60 -19.39
C GLY A 98 -10.91 18.70 -18.89
N ARG A 99 -10.52 18.63 -17.63
CA ARG A 99 -9.64 19.62 -17.04
C ARG A 99 -8.32 18.99 -16.63
N GLY A 100 -8.39 17.75 -16.17
CA GLY A 100 -7.19 17.01 -15.82
C GLY A 100 -6.72 17.32 -14.41
N ARG A 101 -5.42 17.40 -14.24
CA ARG A 101 -4.86 17.73 -12.93
C ARG A 101 -4.50 19.20 -12.87
N GLY A 102 -5.02 19.87 -11.85
CA GLY A 102 -4.70 21.27 -11.64
C GLY A 102 -3.39 21.43 -10.89
N ARG A 103 -2.87 20.33 -10.40
CA ARG A 103 -1.60 20.34 -9.67
C ARG A 103 -0.63 19.36 -10.31
N GLY A 104 0.34 19.89 -11.04
CA GLY A 104 1.36 19.08 -11.65
C GLY A 104 1.38 19.19 -13.16
N GLN A 105 2.50 19.64 -13.71
CA GLN A 105 2.66 19.78 -15.15
C GLN A 105 3.45 18.60 -15.72
N GLY A 106 3.25 17.42 -15.13
CA GLY A 106 3.95 16.24 -15.59
C GLY A 106 3.17 15.46 -16.63
N GLY A 1 -9.53 -7.99 -5.24
CA GLY A 1 -9.36 -9.46 -5.28
C GLY A 1 -10.68 -10.19 -5.39
N ALA A 2 -10.64 -11.42 -5.87
CA ALA A 2 -11.87 -12.18 -6.11
C ALA A 2 -12.44 -12.73 -4.81
N MET A 3 -11.65 -12.73 -3.75
CA MET A 3 -12.08 -13.25 -2.47
C MET A 3 -12.42 -12.09 -1.52
N ALA A 4 -12.74 -10.94 -2.11
CA ALA A 4 -13.09 -9.77 -1.33
C ALA A 4 -14.54 -9.82 -0.87
N TYR A 5 -14.78 -10.58 0.19
CA TYR A 5 -16.10 -10.71 0.77
C TYR A 5 -16.02 -10.61 2.28
N GLY A 6 -16.17 -9.39 2.79
CA GLY A 6 -16.10 -9.18 4.22
C GLY A 6 -14.90 -8.34 4.61
N SER A 7 -15.16 -7.14 5.11
CA SER A 7 -14.09 -6.24 5.54
C SER A 7 -13.79 -6.45 7.03
N ARG A 8 -13.05 -7.50 7.32
CA ARG A 8 -12.73 -7.83 8.71
C ARG A 8 -11.38 -7.24 9.10
N ILE A 9 -11.41 -6.15 9.86
CA ILE A 9 -10.19 -5.52 10.33
C ILE A 9 -9.91 -5.91 11.78
N GLY A 10 -9.46 -7.15 11.96
CA GLY A 10 -9.15 -7.64 13.29
C GLY A 10 -7.69 -7.43 13.65
N GLY A 11 -7.13 -8.36 14.42
CA GLY A 11 -5.75 -8.21 14.88
C GLY A 11 -4.74 -8.69 13.86
N GLY A 12 -5.17 -8.77 12.61
CA GLY A 12 -4.31 -9.20 11.54
C GLY A 12 -5.07 -9.21 10.23
N ILE A 13 -4.81 -8.21 9.41
CA ILE A 13 -5.55 -8.04 8.16
C ILE A 13 -4.70 -8.46 6.97
N ASP A 14 -5.36 -8.95 5.93
CA ASP A 14 -4.68 -9.39 4.73
C ASP A 14 -4.73 -8.29 3.69
N VAL A 15 -3.59 -7.64 3.46
CA VAL A 15 -3.53 -6.55 2.50
C VAL A 15 -2.88 -7.03 1.19
N PRO A 16 -3.60 -6.87 0.07
CA PRO A 16 -3.09 -7.22 -1.24
C PRO A 16 -2.17 -6.16 -1.82
N VAL A 17 -0.99 -6.58 -2.25
CA VAL A 17 0.01 -5.68 -2.79
C VAL A 17 0.42 -6.11 -4.19
N PRO A 18 0.28 -5.21 -5.18
CA PRO A 18 0.69 -5.48 -6.56
C PRO A 18 2.06 -6.15 -6.63
N ARG A 19 2.14 -7.25 -7.36
CA ARG A 19 3.34 -8.06 -7.42
C ARG A 19 4.50 -7.31 -8.09
N HIS A 20 4.19 -6.27 -8.85
CA HIS A 20 5.22 -5.43 -9.44
C HIS A 20 5.65 -4.33 -8.46
N SER A 21 5.20 -4.45 -7.22
CA SER A 21 5.55 -3.49 -6.17
C SER A 21 5.78 -4.20 -4.83
N VAL A 22 5.97 -5.51 -4.88
CA VAL A 22 6.18 -6.28 -3.65
C VAL A 22 7.45 -5.86 -2.94
N GLY A 23 8.52 -5.65 -3.71
CA GLY A 23 9.77 -5.25 -3.13
C GLY A 23 9.81 -3.75 -2.84
N VAL A 24 9.13 -2.96 -3.67
CA VAL A 24 9.09 -1.52 -3.50
C VAL A 24 8.55 -1.11 -2.11
N VAL A 25 7.56 -1.85 -1.59
CA VAL A 25 6.97 -1.50 -0.31
C VAL A 25 7.80 -2.00 0.87
N ILE A 26 8.52 -3.11 0.66
CA ILE A 26 9.38 -3.64 1.70
C ILE A 26 10.71 -2.91 1.74
N GLY A 27 11.19 -2.52 0.57
CA GLY A 27 12.39 -1.73 0.49
C GLY A 27 13.51 -2.43 -0.23
N ARG A 28 14.66 -1.77 -0.34
CA ARG A 28 15.82 -2.33 -1.02
C ARG A 28 16.64 -3.13 -0.03
N SER A 29 16.41 -2.89 1.24
CA SER A 29 17.10 -3.58 2.30
C SER A 29 16.09 -4.05 3.35
N GLY A 30 14.82 -3.93 3.00
CA GLY A 30 13.77 -4.23 3.95
C GLY A 30 13.63 -3.12 4.97
N GLU A 31 14.25 -1.98 4.67
CA GLU A 31 14.26 -0.85 5.57
C GLU A 31 12.94 -0.10 5.51
N MET A 32 12.29 -0.22 4.35
CA MET A 32 11.07 0.52 4.09
C MET A 32 9.90 -0.07 4.86
N ILE A 33 9.74 -1.40 4.82
CA ILE A 33 8.64 -2.03 5.55
C ILE A 33 8.89 -1.97 7.06
N LYS A 34 10.15 -1.84 7.43
CA LYS A 34 10.48 -1.64 8.84
C LYS A 34 9.91 -0.34 9.34
N LYS A 35 9.87 0.67 8.47
CA LYS A 35 9.24 1.94 8.81
C LYS A 35 7.74 1.77 8.91
N ILE A 36 7.17 0.93 8.04
CA ILE A 36 5.74 0.67 8.07
C ILE A 36 5.36 0.02 9.40
N GLN A 37 6.18 -0.94 9.82
CA GLN A 37 5.99 -1.60 11.11
C GLN A 37 6.28 -0.65 12.26
N ASN A 38 7.26 0.22 12.07
CA ASN A 38 7.68 1.17 13.10
C ASN A 38 6.63 2.25 13.32
N ASP A 39 6.20 2.88 12.24
CA ASP A 39 5.26 3.99 12.32
C ASP A 39 3.87 3.53 12.79
N ALA A 40 3.51 2.29 12.47
CA ALA A 40 2.21 1.79 12.85
C ALA A 40 2.26 0.94 14.12
N GLY A 41 3.44 0.40 14.42
CA GLY A 41 3.60 -0.43 15.60
C GLY A 41 3.05 -1.83 15.41
N VAL A 42 3.02 -2.30 14.17
CA VAL A 42 2.43 -3.60 13.84
C VAL A 42 3.49 -4.58 13.38
N ARG A 43 3.08 -5.83 13.22
CA ARG A 43 3.94 -6.85 12.66
C ARG A 43 3.40 -7.26 11.29
N ILE A 44 4.06 -6.81 10.25
CA ILE A 44 3.64 -7.12 8.89
C ILE A 44 4.47 -8.26 8.34
N GLN A 45 3.83 -9.39 8.14
CA GLN A 45 4.52 -10.56 7.64
C GLN A 45 3.96 -10.95 6.28
N PHE A 46 4.76 -10.71 5.24
CA PHE A 46 4.38 -11.04 3.88
C PHE A 46 4.25 -12.55 3.71
N LYS A 47 3.16 -12.98 3.09
CA LYS A 47 3.00 -14.37 2.77
C LYS A 47 3.79 -14.69 1.51
N GLN A 48 4.76 -15.57 1.65
CA GLN A 48 5.71 -15.83 0.57
C GLN A 48 5.13 -16.73 -0.52
N ASP A 49 3.81 -16.93 -0.50
CA ASP A 49 3.15 -17.73 -1.53
C ASP A 49 1.63 -17.63 -1.43
N ASP A 50 1.02 -17.07 -2.45
CA ASP A 50 -0.43 -17.02 -2.58
C ASP A 50 -0.81 -16.66 -4.00
N GLY A 51 -0.05 -15.75 -4.61
CA GLY A 51 -0.31 -15.34 -5.98
C GLY A 51 -1.77 -15.00 -6.19
N THR A 52 -2.31 -14.14 -5.36
CA THR A 52 -3.71 -13.74 -5.45
C THR A 52 -3.92 -12.79 -6.62
N GLY A 53 -3.79 -13.32 -7.83
CA GLY A 53 -3.89 -12.51 -9.03
C GLY A 53 -2.60 -11.76 -9.28
N PRO A 54 -2.71 -10.44 -9.51
CA PRO A 54 -1.54 -9.59 -9.66
C PRO A 54 -1.07 -9.01 -8.33
N GLU A 55 -1.52 -9.61 -7.24
CA GLU A 55 -1.20 -9.14 -5.90
C GLU A 55 -0.60 -10.25 -5.04
N LYS A 56 0.02 -9.82 -3.95
CA LYS A 56 0.54 -10.70 -2.92
C LYS A 56 -0.16 -10.34 -1.61
N ILE A 57 -0.36 -11.29 -0.73
CA ILE A 57 -1.00 -10.98 0.53
C ILE A 57 0.02 -10.78 1.65
N ALA A 58 -0.13 -9.67 2.33
CA ALA A 58 0.69 -9.35 3.47
C ALA A 58 -0.17 -9.30 4.71
N HIS A 59 0.19 -10.06 5.73
CA HIS A 59 -0.63 -10.15 6.92
C HIS A 59 -0.17 -9.12 7.95
N ILE A 60 -0.88 -7.99 8.00
CA ILE A 60 -0.57 -6.94 8.97
C ILE A 60 -1.23 -7.26 10.31
N MET A 61 -0.41 -7.71 11.26
CA MET A 61 -0.91 -8.15 12.55
C MET A 61 -0.62 -7.14 13.64
N GLY A 62 -1.47 -7.12 14.64
CA GLY A 62 -1.33 -6.19 15.74
C GLY A 62 -2.68 -5.66 16.18
N PRO A 63 -2.72 -4.48 16.82
CA PRO A 63 -3.99 -3.83 17.15
C PRO A 63 -4.70 -3.38 15.87
N PRO A 64 -5.98 -3.76 15.73
CA PRO A 64 -6.76 -3.56 14.50
C PRO A 64 -6.70 -2.15 13.93
N ASP A 65 -6.63 -1.17 14.82
CA ASP A 65 -6.56 0.22 14.40
C ASP A 65 -5.19 0.55 13.82
N ARG A 66 -4.15 -0.06 14.39
CA ARG A 66 -2.79 0.11 13.89
C ARG A 66 -2.62 -0.64 12.59
N CYS A 67 -3.36 -1.74 12.44
CA CYS A 67 -3.35 -2.50 11.20
C CYS A 67 -3.82 -1.63 10.04
N GLU A 68 -4.75 -0.72 10.30
CA GLU A 68 -5.23 0.20 9.29
C GLU A 68 -4.23 1.33 9.05
N HIS A 69 -3.56 1.77 10.11
CA HIS A 69 -2.48 2.74 9.98
C HIS A 69 -1.42 2.16 9.06
N ALA A 70 -1.06 0.92 9.34
CA ALA A 70 -0.08 0.19 8.56
C ALA A 70 -0.58 -0.07 7.14
N ALA A 71 -1.85 -0.41 7.03
CA ALA A 71 -2.51 -0.63 5.74
C ALA A 71 -2.37 0.60 4.86
N ARG A 72 -2.61 1.76 5.47
CA ARG A 72 -2.57 3.03 4.77
C ARG A 72 -1.19 3.31 4.22
N ILE A 73 -0.16 3.01 5.01
CA ILE A 73 1.22 3.25 4.59
C ILE A 73 1.55 2.47 3.32
N ILE A 74 1.20 1.18 3.31
CA ILE A 74 1.47 0.33 2.14
C ILE A 74 0.58 0.74 0.97
N ASN A 75 -0.70 0.98 1.25
CA ASN A 75 -1.68 1.33 0.22
C ASN A 75 -1.31 2.63 -0.48
N ASP A 76 -1.01 3.66 0.30
CA ASP A 76 -0.66 4.96 -0.26
C ASP A 76 0.65 4.88 -1.04
N LEU A 77 1.56 4.05 -0.56
CA LEU A 77 2.83 3.81 -1.25
C LEU A 77 2.58 3.25 -2.64
N LEU A 78 1.72 2.24 -2.73
CA LEU A 78 1.34 1.67 -4.02
C LEU A 78 0.66 2.72 -4.89
N GLN A 79 -0.24 3.45 -4.26
CA GLN A 79 -1.08 4.42 -4.95
C GLN A 79 -0.26 5.58 -5.53
N SER A 80 0.87 5.89 -4.91
CA SER A 80 1.71 6.98 -5.37
C SER A 80 2.63 6.52 -6.50
N LEU A 81 2.85 5.22 -6.62
CA LEU A 81 3.68 4.67 -7.69
C LEU A 81 2.83 4.35 -8.90
N ARG A 82 1.79 3.55 -8.65
CA ARG A 82 0.86 3.08 -9.69
C ARG A 82 1.53 2.12 -10.66
N SER A 83 2.25 2.67 -11.62
CA SER A 83 2.89 1.88 -12.66
C SER A 83 4.41 1.93 -12.51
N GLY A 84 5.08 0.86 -12.90
CA GLY A 84 6.52 0.80 -12.77
C GLY A 84 7.22 1.14 -14.07
N PRO A 85 8.53 1.45 -14.02
CA PRO A 85 9.33 1.78 -15.20
C PRO A 85 9.81 0.52 -15.94
N PRO A 86 9.23 0.25 -17.11
CA PRO A 86 9.60 -0.92 -17.92
C PRO A 86 10.95 -0.72 -18.61
N GLY A 87 11.91 -1.54 -18.24
CA GLY A 87 13.23 -1.44 -18.81
C GLY A 87 13.96 -2.76 -18.79
N PRO A 88 15.30 -2.75 -18.70
CA PRO A 88 16.11 -3.97 -18.60
C PRO A 88 15.76 -4.79 -17.36
N PRO A 89 15.22 -6.00 -17.56
CA PRO A 89 14.81 -6.86 -16.46
C PRO A 89 16.00 -7.45 -15.70
N GLY A 90 16.43 -6.75 -14.66
CA GLY A 90 17.54 -7.22 -13.85
C GLY A 90 18.88 -6.82 -14.41
N GLY A 91 19.23 -7.37 -15.56
CA GLY A 91 20.49 -7.06 -16.19
C GLY A 91 20.40 -7.17 -17.69
N PRO A 92 20.69 -6.08 -18.42
CA PRO A 92 20.63 -6.06 -19.89
C PRO A 92 21.81 -6.80 -20.53
N GLY A 93 21.75 -8.12 -20.52
CA GLY A 93 22.82 -8.92 -21.07
C GLY A 93 22.50 -9.42 -22.45
N MET A 94 23.54 -9.70 -23.24
CA MET A 94 23.38 -10.20 -24.60
C MET A 94 24.51 -11.14 -24.98
N PRO A 95 24.47 -12.40 -24.50
CA PRO A 95 25.47 -13.42 -24.82
C PRO A 95 25.67 -13.69 -26.32
N PRO A 96 24.59 -13.94 -27.11
CA PRO A 96 24.73 -14.32 -28.53
C PRO A 96 25.38 -13.23 -29.37
N GLY A 97 26.44 -13.60 -30.07
CA GLY A 97 27.11 -12.68 -30.97
C GLY A 97 27.44 -13.34 -32.29
N GLY A 98 27.46 -12.56 -33.36
CA GLY A 98 27.75 -13.11 -34.66
C GLY A 98 26.61 -12.87 -35.64
N ARG A 99 26.13 -11.64 -35.67
CA ARG A 99 25.05 -11.27 -36.57
C ARG A 99 25.53 -10.17 -37.51
N GLY A 100 25.10 -10.24 -38.76
CA GLY A 100 25.47 -9.25 -39.73
C GLY A 100 24.78 -9.48 -41.05
N ARG A 101 25.48 -9.22 -42.14
CA ARG A 101 24.94 -9.47 -43.47
C ARG A 101 25.96 -10.24 -44.28
N GLY A 102 26.63 -11.18 -43.62
CA GLY A 102 27.67 -11.95 -44.28
C GLY A 102 27.12 -13.07 -45.14
N ARG A 103 26.26 -12.69 -46.08
CA ARG A 103 25.67 -13.64 -47.04
C ARG A 103 24.92 -14.77 -46.35
N GLY A 104 24.35 -14.47 -45.19
CA GLY A 104 23.62 -15.47 -44.44
C GLY A 104 22.12 -15.40 -44.68
N GLN A 105 21.73 -14.72 -45.75
CA GLN A 105 20.32 -14.59 -46.09
C GLN A 105 19.72 -15.93 -46.48
N GLY A 106 20.38 -16.60 -47.43
CA GLY A 106 19.91 -17.90 -47.87
C GLY A 106 20.71 -18.43 -49.04
N GLY A 1 -16.31 -1.63 -10.26
CA GLY A 1 -15.18 -0.93 -9.61
C GLY A 1 -14.84 -1.53 -8.26
N ALA A 2 -13.75 -1.07 -7.66
CA ALA A 2 -13.29 -1.53 -6.35
C ALA A 2 -12.84 -2.99 -6.39
N MET A 3 -12.40 -3.47 -5.24
CA MET A 3 -11.98 -4.87 -5.11
C MET A 3 -12.10 -5.29 -3.65
N ALA A 4 -12.79 -6.41 -3.44
CA ALA A 4 -13.03 -6.96 -2.10
C ALA A 4 -13.91 -6.02 -1.27
N TYR A 5 -15.21 -6.28 -1.29
CA TYR A 5 -16.16 -5.45 -0.57
C TYR A 5 -16.36 -5.97 0.84
N GLY A 6 -16.16 -5.09 1.82
CA GLY A 6 -16.37 -5.46 3.20
C GLY A 6 -15.39 -4.78 4.13
N SER A 7 -15.80 -3.70 4.74
CA SER A 7 -14.97 -2.98 5.68
C SER A 7 -15.02 -3.67 7.04
N ARG A 8 -14.09 -4.57 7.26
CA ARG A 8 -14.01 -5.31 8.51
C ARG A 8 -12.60 -5.29 9.05
N ILE A 9 -12.48 -5.09 10.35
CA ILE A 9 -11.18 -5.02 10.98
C ILE A 9 -10.96 -6.22 11.89
N GLY A 10 -9.73 -6.44 12.30
CA GLY A 10 -9.41 -7.54 13.17
C GLY A 10 -8.01 -7.43 13.73
N GLY A 11 -7.66 -8.33 14.64
CA GLY A 11 -6.32 -8.34 15.20
C GLY A 11 -5.31 -8.90 14.22
N GLY A 12 -5.03 -8.14 13.18
CA GLY A 12 -4.13 -8.61 12.15
C GLY A 12 -4.87 -8.91 10.86
N ILE A 13 -4.73 -8.04 9.88
CA ILE A 13 -5.39 -8.20 8.60
C ILE A 13 -4.36 -8.30 7.48
N ASP A 14 -4.59 -9.19 6.53
CA ASP A 14 -3.66 -9.32 5.41
C ASP A 14 -4.13 -8.51 4.22
N VAL A 15 -3.17 -7.82 3.61
CA VAL A 15 -3.45 -6.88 2.55
C VAL A 15 -2.80 -7.32 1.23
N PRO A 16 -3.52 -7.17 0.10
CA PRO A 16 -3.00 -7.50 -1.22
C PRO A 16 -2.21 -6.35 -1.84
N VAL A 17 -0.99 -6.63 -2.27
CA VAL A 17 -0.12 -5.61 -2.84
C VAL A 17 0.33 -6.03 -4.25
N PRO A 18 0.18 -5.13 -5.24
CA PRO A 18 0.63 -5.38 -6.61
C PRO A 18 2.05 -5.93 -6.66
N ARG A 19 2.24 -7.02 -7.37
CA ARG A 19 3.53 -7.71 -7.42
C ARG A 19 4.59 -6.89 -8.12
N HIS A 20 4.16 -5.88 -8.88
CA HIS A 20 5.09 -4.94 -9.49
C HIS A 20 5.61 -3.92 -8.47
N SER A 21 5.10 -4.00 -7.24
CA SER A 21 5.51 -3.07 -6.19
C SER A 21 5.75 -3.80 -4.87
N VAL A 22 5.88 -5.12 -4.91
CA VAL A 22 6.10 -5.90 -3.70
C VAL A 22 7.41 -5.52 -3.02
N GLY A 23 8.45 -5.36 -3.81
CA GLY A 23 9.73 -5.01 -3.26
C GLY A 23 9.82 -3.55 -2.90
N VAL A 24 9.14 -2.70 -3.67
CA VAL A 24 9.15 -1.26 -3.43
C VAL A 24 8.63 -0.91 -2.03
N VAL A 25 7.63 -1.65 -1.53
CA VAL A 25 7.05 -1.34 -0.23
C VAL A 25 7.91 -1.94 0.90
N ILE A 26 8.58 -3.06 0.64
CA ILE A 26 9.46 -3.65 1.63
C ILE A 26 10.83 -2.98 1.62
N GLY A 27 11.23 -2.46 0.47
CA GLY A 27 12.45 -1.70 0.38
C GLY A 27 13.61 -2.50 -0.19
N ARG A 28 14.77 -1.86 -0.27
CA ARG A 28 15.95 -2.51 -0.85
C ARG A 28 16.54 -3.53 0.11
N SER A 29 16.06 -3.53 1.36
CA SER A 29 16.61 -4.39 2.39
C SER A 29 15.59 -4.64 3.50
N GLY A 30 14.32 -4.44 3.20
CA GLY A 30 13.29 -4.58 4.21
C GLY A 30 13.22 -3.39 5.15
N GLU A 31 14.17 -2.47 5.01
CA GLU A 31 14.20 -1.26 5.83
C GLU A 31 12.92 -0.46 5.64
N MET A 32 12.35 -0.54 4.44
CA MET A 32 11.18 0.25 4.10
C MET A 32 9.92 -0.34 4.74
N ILE A 33 9.79 -1.67 4.72
CA ILE A 33 8.62 -2.30 5.33
C ILE A 33 8.67 -2.15 6.85
N LYS A 34 9.88 -2.10 7.38
CA LYS A 34 10.07 -1.92 8.81
C LYS A 34 9.76 -0.49 9.21
N LYS A 35 9.80 0.42 8.24
CA LYS A 35 9.37 1.80 8.47
C LYS A 35 7.85 1.82 8.60
N ILE A 36 7.19 1.10 7.71
CA ILE A 36 5.73 0.96 7.75
C ILE A 36 5.32 0.31 9.07
N GLN A 37 6.05 -0.73 9.44
CA GLN A 37 5.83 -1.42 10.71
C GLN A 37 6.04 -0.48 11.88
N ASN A 38 7.09 0.34 11.81
CA ASN A 38 7.44 1.24 12.90
C ASN A 38 6.45 2.38 13.01
N ASP A 39 6.04 2.92 11.87
CA ASP A 39 5.12 4.07 11.84
C ASP A 39 3.75 3.68 12.39
N ALA A 40 3.27 2.51 12.03
CA ALA A 40 1.93 2.08 12.45
C ALA A 40 1.97 1.28 13.75
N GLY A 41 3.13 0.72 14.07
CA GLY A 41 3.26 -0.11 15.25
C GLY A 41 2.75 -1.51 15.00
N VAL A 42 3.18 -2.11 13.89
CA VAL A 42 2.66 -3.41 13.47
C VAL A 42 3.79 -4.35 13.06
N ARG A 43 3.42 -5.57 12.70
CA ARG A 43 4.35 -6.53 12.12
C ARG A 43 3.76 -7.10 10.84
N ILE A 44 4.31 -6.70 9.71
CA ILE A 44 3.78 -7.11 8.42
C ILE A 44 4.49 -8.36 7.92
N GLN A 45 3.74 -9.39 7.63
CA GLN A 45 4.31 -10.66 7.20
C GLN A 45 3.88 -10.98 5.77
N PHE A 46 4.82 -10.86 4.84
CA PHE A 46 4.56 -11.24 3.46
C PHE A 46 4.56 -12.75 3.34
N LYS A 47 3.49 -13.29 2.77
CA LYS A 47 3.39 -14.72 2.56
C LYS A 47 4.35 -15.16 1.47
N GLN A 48 4.86 -16.38 1.58
CA GLN A 48 5.84 -16.86 0.63
C GLN A 48 5.25 -16.89 -0.77
N ASP A 49 4.07 -17.49 -0.90
CA ASP A 49 3.35 -17.54 -2.17
C ASP A 49 1.86 -17.74 -1.93
N ASP A 50 1.08 -16.71 -2.23
CA ASP A 50 -0.37 -16.77 -2.06
C ASP A 50 -1.05 -17.41 -3.27
N GLY A 51 -0.82 -16.82 -4.44
CA GLY A 51 -1.42 -17.34 -5.65
C GLY A 51 -2.72 -16.63 -6.01
N THR A 52 -2.94 -15.46 -5.40
CA THR A 52 -4.19 -14.72 -5.58
C THR A 52 -4.27 -14.07 -6.96
N GLY A 53 -3.13 -13.91 -7.60
CA GLY A 53 -3.11 -13.31 -8.92
C GLY A 53 -1.93 -12.37 -9.09
N PRO A 54 -2.18 -11.12 -9.50
CA PRO A 54 -1.13 -10.11 -9.67
C PRO A 54 -0.81 -9.38 -8.39
N GLU A 55 -1.36 -9.86 -7.27
CA GLU A 55 -1.05 -9.28 -5.97
C GLU A 55 -0.36 -10.29 -5.07
N LYS A 56 0.28 -9.77 -4.04
CA LYS A 56 0.91 -10.57 -3.01
C LYS A 56 0.17 -10.32 -1.71
N ILE A 57 -0.01 -11.35 -0.90
CA ILE A 57 -0.68 -11.17 0.38
C ILE A 57 0.33 -10.90 1.49
N ALA A 58 0.10 -9.79 2.17
CA ALA A 58 0.94 -9.37 3.28
C ALA A 58 0.10 -9.20 4.54
N HIS A 59 0.26 -10.13 5.46
CA HIS A 59 -0.54 -10.13 6.68
C HIS A 59 0.01 -9.13 7.68
N ILE A 60 -0.68 -8.00 7.82
CA ILE A 60 -0.29 -7.00 8.80
C ILE A 60 -0.83 -7.38 10.19
N MET A 61 0.07 -7.71 11.08
CA MET A 61 -0.29 -8.20 12.40
C MET A 61 -0.16 -7.10 13.44
N GLY A 62 -1.20 -6.90 14.22
CA GLY A 62 -1.14 -5.94 15.30
C GLY A 62 -2.52 -5.49 15.72
N PRO A 63 -2.61 -4.49 16.60
CA PRO A 63 -3.88 -3.89 16.99
C PRO A 63 -4.66 -3.42 15.77
N PRO A 64 -5.96 -3.73 15.73
CA PRO A 64 -6.84 -3.47 14.58
C PRO A 64 -6.79 -2.03 14.07
N ASP A 65 -6.57 -1.07 14.96
CA ASP A 65 -6.43 0.33 14.54
C ASP A 65 -5.09 0.53 13.82
N ARG A 66 -4.08 -0.16 14.30
CA ARG A 66 -2.74 -0.04 13.75
C ARG A 66 -2.64 -0.74 12.42
N CYS A 67 -3.40 -1.82 12.26
CA CYS A 67 -3.40 -2.56 11.00
C CYS A 67 -4.04 -1.70 9.92
N GLU A 68 -5.02 -0.90 10.32
CA GLU A 68 -5.62 0.09 9.42
C GLU A 68 -4.57 1.12 9.02
N HIS A 69 -3.92 1.68 10.03
CA HIS A 69 -2.84 2.64 9.85
C HIS A 69 -1.81 2.09 8.86
N ALA A 70 -1.37 0.88 9.12
CA ALA A 70 -0.36 0.22 8.30
C ALA A 70 -0.86 -0.01 6.87
N ALA A 71 -2.10 -0.45 6.74
CA ALA A 71 -2.71 -0.69 5.44
C ALA A 71 -2.75 0.59 4.62
N ARG A 72 -3.07 1.69 5.30
CA ARG A 72 -3.16 2.99 4.65
C ARG A 72 -1.79 3.45 4.15
N ILE A 73 -0.73 3.11 4.90
CA ILE A 73 0.62 3.48 4.52
C ILE A 73 1.02 2.80 3.21
N ILE A 74 0.77 1.50 3.12
CA ILE A 74 1.12 0.74 1.93
C ILE A 74 0.28 1.19 0.73
N ASN A 75 -1.01 1.39 0.97
CA ASN A 75 -1.92 1.85 -0.09
C ASN A 75 -1.53 3.24 -0.59
N ASP A 76 -1.22 4.14 0.34
CA ASP A 76 -0.77 5.48 -0.01
C ASP A 76 0.54 5.43 -0.79
N LEU A 77 1.42 4.52 -0.35
CA LEU A 77 2.70 4.30 -1.01
C LEU A 77 2.50 3.90 -2.46
N LEU A 78 1.69 2.86 -2.67
CA LEU A 78 1.39 2.37 -4.01
C LEU A 78 0.79 3.48 -4.86
N GLN A 79 -0.19 4.16 -4.28
CA GLN A 79 -0.92 5.23 -4.95
C GLN A 79 0.02 6.34 -5.42
N SER A 80 1.10 6.56 -4.69
CA SER A 80 2.06 7.59 -5.03
C SER A 80 2.96 7.14 -6.18
N LEU A 81 2.98 5.85 -6.45
CA LEU A 81 3.78 5.30 -7.54
C LEU A 81 2.94 5.27 -8.82
N ARG A 82 1.67 5.58 -8.67
CA ARG A 82 0.73 5.54 -9.78
C ARG A 82 0.95 6.75 -10.69
N SER A 83 2.02 6.69 -11.48
CA SER A 83 2.35 7.76 -12.40
C SER A 83 1.53 7.64 -13.68
N GLY A 84 0.36 8.26 -13.69
CA GLY A 84 -0.51 8.21 -14.84
C GLY A 84 -1.96 8.35 -14.47
N PRO A 85 -2.60 9.46 -14.88
CA PRO A 85 -4.01 9.70 -14.61
C PRO A 85 -4.90 8.67 -15.30
N PRO A 86 -6.03 8.31 -14.68
CA PRO A 86 -6.98 7.35 -15.26
C PRO A 86 -7.78 7.97 -16.41
N GLY A 87 -7.08 8.43 -17.42
CA GLY A 87 -7.71 9.08 -18.55
C GLY A 87 -7.02 10.39 -18.86
N PRO A 88 -7.75 11.36 -19.45
CA PRO A 88 -7.19 12.68 -19.74
C PRO A 88 -6.92 13.48 -18.47
N PRO A 89 -5.67 13.92 -18.27
CA PRO A 89 -5.28 14.71 -17.10
C PRO A 89 -6.02 16.04 -17.02
N GLY A 90 -7.02 16.10 -16.14
CA GLY A 90 -7.83 17.29 -16.00
C GLY A 90 -8.87 17.41 -17.10
N GLY A 91 -8.40 17.52 -18.33
CA GLY A 91 -9.29 17.67 -19.46
C GLY A 91 -9.63 19.12 -19.74
N PRO A 92 -10.89 19.42 -20.05
CA PRO A 92 -11.33 20.77 -20.37
C PRO A 92 -11.50 21.63 -19.12
N GLY A 93 -10.75 22.73 -19.06
CA GLY A 93 -10.89 23.65 -17.95
C GLY A 93 -11.83 24.78 -18.29
N MET A 94 -11.36 26.01 -18.13
CA MET A 94 -12.16 27.17 -18.50
C MET A 94 -11.45 27.97 -19.59
N PRO A 95 -11.86 27.77 -20.85
CA PRO A 95 -11.28 28.49 -22.00
C PRO A 95 -11.50 29.99 -21.91
N PRO A 96 -10.63 30.78 -22.57
CA PRO A 96 -10.73 32.24 -22.61
C PRO A 96 -11.91 32.72 -23.47
N GLY A 97 -13.11 32.47 -22.97
CA GLY A 97 -14.31 32.89 -23.68
C GLY A 97 -15.07 31.71 -24.25
N GLY A 98 -14.36 30.85 -24.97
CA GLY A 98 -14.97 29.68 -25.56
C GLY A 98 -14.62 29.55 -27.02
N ARG A 99 -15.51 28.97 -27.80
CA ARG A 99 -15.28 28.81 -29.23
C ARG A 99 -15.98 29.91 -30.01
N GLY A 100 -15.58 31.14 -29.74
CA GLY A 100 -16.15 32.28 -30.43
C GLY A 100 -15.09 33.24 -30.93
N ARG A 101 -14.71 34.18 -30.06
CA ARG A 101 -13.72 35.21 -30.39
C ARG A 101 -14.20 36.10 -31.52
N GLY A 102 -14.80 37.22 -31.15
CA GLY A 102 -15.25 38.18 -32.15
C GLY A 102 -15.31 39.58 -31.58
N ARG A 103 -15.45 40.56 -32.46
CA ARG A 103 -15.56 41.95 -32.05
C ARG A 103 -17.00 42.26 -31.67
N GLY A 104 -17.92 41.48 -32.20
CA GLY A 104 -19.32 41.65 -31.87
C GLY A 104 -19.63 41.15 -30.47
N GLN A 105 -20.42 41.92 -29.74
CA GLN A 105 -20.82 41.54 -28.39
C GLN A 105 -21.94 40.51 -28.45
N GLY A 106 -21.60 39.30 -28.88
CA GLY A 106 -22.57 38.23 -28.98
C GLY A 106 -22.30 37.33 -30.17
N GLY A 1 -6.60 -24.50 9.41
CA GLY A 1 -6.37 -23.50 10.48
C GLY A 1 -5.50 -22.36 9.99
N ALA A 2 -4.97 -21.59 10.94
CA ALA A 2 -4.08 -20.44 10.65
C ALA A 2 -4.83 -19.33 9.93
N MET A 3 -6.16 -19.42 9.94
CA MET A 3 -7.00 -18.41 9.31
C MET A 3 -8.44 -18.57 9.78
N ALA A 4 -9.16 -17.46 9.85
CA ALA A 4 -10.55 -17.47 10.25
C ALA A 4 -11.26 -16.28 9.64
N TYR A 5 -12.55 -16.13 9.95
CA TYR A 5 -13.31 -14.98 9.49
C TYR A 5 -12.96 -13.75 10.32
N GLY A 6 -11.95 -13.02 9.87
CA GLY A 6 -11.49 -11.86 10.59
C GLY A 6 -10.82 -10.85 9.69
N SER A 7 -11.29 -10.78 8.44
CA SER A 7 -10.76 -9.81 7.49
C SER A 7 -11.15 -8.40 7.90
N ARG A 8 -12.23 -8.31 8.68
CA ARG A 8 -12.70 -7.04 9.21
C ARG A 8 -11.87 -6.66 10.44
N ILE A 9 -10.59 -6.40 10.19
CA ILE A 9 -9.60 -6.00 11.21
C ILE A 9 -9.77 -6.75 12.53
N GLY A 10 -9.53 -8.05 12.50
CA GLY A 10 -9.59 -8.85 13.71
C GLY A 10 -8.24 -8.94 14.39
N GLY A 11 -7.65 -10.12 14.37
CA GLY A 11 -6.33 -10.31 14.95
C GLY A 11 -5.28 -10.41 13.87
N GLY A 12 -5.14 -9.35 13.09
CA GLY A 12 -4.25 -9.37 11.95
C GLY A 12 -5.04 -9.47 10.66
N ILE A 13 -4.64 -8.70 9.65
CA ILE A 13 -5.40 -8.64 8.41
C ILE A 13 -4.55 -9.06 7.22
N ASP A 14 -5.20 -9.53 6.17
CA ASP A 14 -4.52 -9.91 4.93
C ASP A 14 -4.66 -8.81 3.90
N VAL A 15 -3.56 -8.11 3.64
CA VAL A 15 -3.57 -7.00 2.68
C VAL A 15 -2.93 -7.44 1.36
N PRO A 16 -3.55 -7.08 0.22
CA PRO A 16 -3.05 -7.42 -1.09
C PRO A 16 -2.15 -6.32 -1.67
N VAL A 17 -0.87 -6.63 -1.80
CA VAL A 17 0.08 -5.69 -2.39
C VAL A 17 0.50 -6.17 -3.79
N PRO A 18 0.24 -5.35 -4.82
CA PRO A 18 0.61 -5.66 -6.20
C PRO A 18 1.97 -6.34 -6.33
N ARG A 19 1.99 -7.49 -7.01
CA ARG A 19 3.20 -8.30 -7.13
C ARG A 19 4.31 -7.57 -7.88
N HIS A 20 3.96 -6.56 -8.66
CA HIS A 20 4.97 -5.76 -9.35
C HIS A 20 5.38 -4.55 -8.49
N SER A 21 5.00 -4.57 -7.22
CA SER A 21 5.40 -3.53 -6.28
C SER A 21 5.71 -4.12 -4.91
N VAL A 22 5.92 -5.44 -4.88
CA VAL A 22 6.20 -6.13 -3.63
C VAL A 22 7.50 -5.64 -2.98
N GLY A 23 8.53 -5.43 -3.79
CA GLY A 23 9.79 -4.96 -3.26
C GLY A 23 9.77 -3.48 -2.99
N VAL A 24 9.07 -2.72 -3.83
CA VAL A 24 8.96 -1.27 -3.67
C VAL A 24 8.41 -0.87 -2.30
N VAL A 25 7.46 -1.65 -1.76
CA VAL A 25 6.86 -1.31 -0.48
C VAL A 25 7.71 -1.76 0.70
N ILE A 26 8.46 -2.85 0.54
CA ILE A 26 9.33 -3.33 1.61
C ILE A 26 10.64 -2.56 1.63
N GLY A 27 11.06 -2.09 0.47
CA GLY A 27 12.25 -1.27 0.38
C GLY A 27 13.42 -2.03 -0.16
N ARG A 28 14.53 -1.33 -0.37
CA ARG A 28 15.73 -1.94 -0.95
C ARG A 28 16.42 -2.84 0.07
N SER A 29 16.19 -2.57 1.34
CA SER A 29 16.82 -3.34 2.40
C SER A 29 15.78 -3.77 3.42
N GLY A 30 14.50 -3.69 3.04
CA GLY A 30 13.43 -4.02 3.96
C GLY A 30 13.23 -2.96 5.02
N GLU A 31 14.05 -1.92 5.00
CA GLU A 31 13.94 -0.84 5.97
C GLU A 31 12.63 -0.08 5.80
N MET A 32 12.10 -0.11 4.59
CA MET A 32 10.87 0.60 4.29
C MET A 32 9.68 -0.09 4.94
N ILE A 33 9.64 -1.42 4.84
CA ILE A 33 8.55 -2.18 5.46
C ILE A 33 8.68 -2.14 6.98
N LYS A 34 9.92 -2.02 7.47
CA LYS A 34 10.15 -1.88 8.90
C LYS A 34 9.60 -0.54 9.38
N LYS A 35 9.72 0.48 8.54
CA LYS A 35 9.16 1.78 8.84
C LYS A 35 7.64 1.69 8.89
N ILE A 36 7.07 0.93 7.96
CA ILE A 36 5.63 0.71 7.93
C ILE A 36 5.18 -0.01 9.21
N GLN A 37 5.96 -1.02 9.59
CA GLN A 37 5.71 -1.77 10.80
C GLN A 37 5.82 -0.89 12.04
N ASN A 38 6.90 -0.13 12.13
CA ASN A 38 7.17 0.69 13.32
C ASN A 38 6.24 1.89 13.39
N ASP A 39 6.01 2.54 12.25
CA ASP A 39 5.14 3.72 12.20
C ASP A 39 3.74 3.39 12.72
N ALA A 40 3.22 2.24 12.32
CA ALA A 40 1.89 1.82 12.73
C ALA A 40 1.92 1.00 14.02
N GLY A 41 3.07 0.41 14.29
CA GLY A 41 3.22 -0.41 15.47
C GLY A 41 2.72 -1.82 15.27
N VAL A 42 2.91 -2.34 14.05
CA VAL A 42 2.40 -3.66 13.67
C VAL A 42 3.55 -4.59 13.26
N ARG A 43 3.21 -5.84 12.99
CA ARG A 43 4.16 -6.81 12.46
C ARG A 43 3.62 -7.39 11.15
N ILE A 44 4.36 -7.21 10.08
CA ILE A 44 3.88 -7.60 8.76
C ILE A 44 4.63 -8.81 8.22
N GLN A 45 3.90 -9.87 7.91
CA GLN A 45 4.49 -11.07 7.34
C GLN A 45 3.92 -11.34 5.95
N PHE A 46 4.79 -11.35 4.95
CA PHE A 46 4.37 -11.67 3.59
C PHE A 46 4.04 -13.15 3.48
N LYS A 47 2.88 -13.44 2.92
CA LYS A 47 2.40 -14.82 2.81
C LYS A 47 2.73 -15.38 1.43
N GLN A 48 2.20 -16.55 1.15
CA GLN A 48 2.49 -17.26 -0.09
C GLN A 48 1.34 -17.13 -1.09
N ASP A 49 1.64 -16.62 -2.28
CA ASP A 49 0.68 -16.62 -3.37
C ASP A 49 1.00 -17.76 -4.31
N ASP A 50 0.02 -18.60 -4.59
CA ASP A 50 0.22 -19.76 -5.44
C ASP A 50 -0.20 -19.45 -6.86
N GLY A 51 -0.04 -18.20 -7.26
CA GLY A 51 -0.56 -17.76 -8.54
C GLY A 51 -2.05 -17.52 -8.46
N THR A 52 -2.52 -17.21 -7.26
CA THR A 52 -3.92 -17.03 -7.00
C THR A 52 -4.37 -15.61 -7.32
N GLY A 53 -3.42 -14.68 -7.33
CA GLY A 53 -3.74 -13.31 -7.67
C GLY A 53 -2.54 -12.56 -8.17
N PRO A 54 -2.75 -11.38 -8.79
CA PRO A 54 -1.66 -10.50 -9.21
C PRO A 54 -1.09 -9.70 -8.04
N GLU A 55 -1.62 -9.98 -6.86
CA GLU A 55 -1.13 -9.33 -5.65
C GLU A 55 -0.46 -10.35 -4.73
N LYS A 56 0.22 -9.82 -3.75
CA LYS A 56 0.84 -10.61 -2.71
C LYS A 56 0.09 -10.36 -1.42
N ILE A 57 -0.36 -11.40 -0.77
CA ILE A 57 -1.06 -11.23 0.49
C ILE A 57 -0.07 -11.11 1.63
N ALA A 58 -0.23 -10.05 2.39
CA ALA A 58 0.62 -9.78 3.53
C ALA A 58 -0.23 -9.70 4.79
N HIS A 59 0.17 -10.42 5.81
CA HIS A 59 -0.60 -10.50 7.03
C HIS A 59 -0.09 -9.48 8.04
N ILE A 60 -0.76 -8.34 8.11
CA ILE A 60 -0.42 -7.30 9.06
C ILE A 60 -1.05 -7.61 10.42
N MET A 61 -0.22 -7.91 11.41
CA MET A 61 -0.70 -8.31 12.71
C MET A 61 -0.53 -7.20 13.74
N GLY A 62 -1.45 -7.16 14.69
CA GLY A 62 -1.37 -6.18 15.75
C GLY A 62 -2.75 -5.66 16.08
N PRO A 63 -2.84 -4.50 16.75
CA PRO A 63 -4.13 -3.84 17.00
C PRO A 63 -4.76 -3.42 15.69
N PRO A 64 -6.06 -3.75 15.52
CA PRO A 64 -6.80 -3.58 14.27
C PRO A 64 -6.73 -2.17 13.69
N ASP A 65 -6.73 -1.17 14.57
CA ASP A 65 -6.65 0.23 14.13
C ASP A 65 -5.26 0.53 13.59
N ARG A 66 -4.25 -0.12 14.17
CA ARG A 66 -2.88 0.05 13.71
C ARG A 66 -2.67 -0.70 12.42
N CYS A 67 -3.43 -1.77 12.24
CA CYS A 67 -3.43 -2.51 10.99
C CYS A 67 -3.92 -1.63 9.86
N GLU A 68 -4.92 -0.81 10.16
CA GLU A 68 -5.44 0.17 9.19
C GLU A 68 -4.38 1.20 8.87
N HIS A 69 -3.76 1.74 9.92
CA HIS A 69 -2.66 2.69 9.77
C HIS A 69 -1.57 2.10 8.88
N ALA A 70 -1.18 0.88 9.20
CA ALA A 70 -0.14 0.17 8.45
C ALA A 70 -0.55 -0.04 7.00
N ALA A 71 -1.77 -0.52 6.79
CA ALA A 71 -2.28 -0.76 5.45
C ALA A 71 -2.32 0.53 4.64
N ARG A 72 -2.65 1.63 5.30
CA ARG A 72 -2.73 2.93 4.66
C ARG A 72 -1.37 3.35 4.13
N ILE A 73 -0.32 3.01 4.87
CA ILE A 73 1.04 3.35 4.48
C ILE A 73 1.44 2.62 3.20
N ILE A 74 1.12 1.33 3.15
CA ILE A 74 1.41 0.52 1.98
C ILE A 74 0.57 0.97 0.80
N ASN A 75 -0.72 1.19 1.04
CA ASN A 75 -1.63 1.64 -0.01
C ASN A 75 -1.23 3.00 -0.54
N ASP A 76 -0.86 3.91 0.36
CA ASP A 76 -0.35 5.23 -0.02
C ASP A 76 0.86 5.09 -0.93
N LEU A 77 1.76 4.19 -0.57
CA LEU A 77 2.96 3.96 -1.34
C LEU A 77 2.62 3.45 -2.74
N LEU A 78 1.70 2.49 -2.81
CA LEU A 78 1.21 1.96 -4.09
C LEU A 78 0.57 3.07 -4.92
N GLN A 79 -0.23 3.88 -4.24
CA GLN A 79 -0.99 4.94 -4.86
C GLN A 79 -0.08 6.09 -5.30
N SER A 80 1.01 6.27 -4.57
CA SER A 80 1.98 7.29 -4.89
C SER A 80 2.67 6.96 -6.19
N LEU A 81 2.82 5.66 -6.44
CA LEU A 81 3.38 5.19 -7.69
C LEU A 81 2.33 5.26 -8.78
N ARG A 82 1.25 4.48 -8.60
CA ARG A 82 0.16 4.42 -9.57
C ARG A 82 0.70 4.12 -10.97
N SER A 83 1.53 3.09 -11.05
CA SER A 83 2.21 2.77 -12.29
C SER A 83 1.98 1.30 -12.64
N GLY A 84 1.55 1.07 -13.87
CA GLY A 84 1.34 -0.29 -14.34
C GLY A 84 2.51 -0.77 -15.18
N PRO A 85 2.50 -0.49 -16.49
CA PRO A 85 3.62 -0.79 -17.38
C PRO A 85 4.54 0.43 -17.55
N PRO A 86 5.67 0.45 -16.84
CA PRO A 86 6.62 1.56 -16.90
C PRO A 86 7.34 1.64 -18.25
N GLY A 87 6.96 2.63 -19.05
CA GLY A 87 7.55 2.79 -20.35
C GLY A 87 6.49 2.99 -21.43
N PRO A 88 6.19 1.95 -22.20
CA PRO A 88 5.13 1.97 -23.21
C PRO A 88 3.80 1.46 -22.65
N PRO A 89 2.82 2.37 -22.49
CA PRO A 89 1.49 2.02 -21.97
C PRO A 89 0.64 1.26 -22.99
N GLY A 90 1.13 0.09 -23.39
CA GLY A 90 0.38 -0.74 -24.30
C GLY A 90 -0.40 -1.81 -23.56
N GLY A 91 0.30 -2.59 -22.76
CA GLY A 91 -0.35 -3.62 -21.97
C GLY A 91 0.65 -4.61 -21.42
N PRO A 92 0.35 -5.25 -20.27
CA PRO A 92 1.23 -6.26 -19.67
C PRO A 92 1.35 -7.51 -20.55
N GLY A 93 0.28 -7.78 -21.28
CA GLY A 93 0.26 -8.89 -22.20
C GLY A 93 -0.30 -8.49 -23.54
N MET A 94 0.16 -9.14 -24.60
CA MET A 94 -0.30 -8.80 -25.94
C MET A 94 -1.68 -9.40 -26.25
N PRO A 95 -1.93 -10.69 -25.92
CA PRO A 95 -3.28 -11.28 -26.05
C PRO A 95 -4.30 -10.52 -25.18
N PRO A 96 -5.30 -9.90 -25.84
CA PRO A 96 -6.30 -9.08 -25.17
C PRO A 96 -7.30 -9.91 -24.38
N GLY A 97 -7.96 -9.27 -23.42
CA GLY A 97 -8.95 -9.96 -22.63
C GLY A 97 -9.62 -9.04 -21.62
N GLY A 98 -10.38 -9.62 -20.72
CA GLY A 98 -11.06 -8.84 -19.71
C GLY A 98 -10.66 -9.23 -18.31
N ARG A 99 -10.01 -8.33 -17.60
CA ARG A 99 -9.57 -8.58 -16.24
C ARG A 99 -10.68 -8.24 -15.25
N GLY A 100 -11.73 -9.04 -15.29
CA GLY A 100 -12.85 -8.87 -14.41
C GLY A 100 -14.10 -9.53 -14.97
N ARG A 101 -14.49 -10.66 -14.39
CA ARG A 101 -15.65 -11.41 -14.86
C ARG A 101 -16.91 -10.58 -14.70
N GLY A 102 -16.96 -9.78 -13.65
CA GLY A 102 -18.05 -8.85 -13.44
C GLY A 102 -17.54 -7.43 -13.35
N ARG A 103 -16.43 -7.17 -14.02
CA ARG A 103 -15.75 -5.87 -13.93
C ARG A 103 -15.50 -5.31 -15.33
N GLY A 104 -15.23 -4.02 -15.38
CA GLY A 104 -15.01 -3.36 -16.66
C GLY A 104 -16.22 -2.54 -17.07
N GLN A 105 -16.91 -2.99 -18.10
CA GLN A 105 -18.13 -2.34 -18.56
C GLN A 105 -19.31 -2.74 -17.68
N GLY A 106 -19.37 -2.16 -16.50
CA GLY A 106 -20.45 -2.47 -15.58
C GLY A 106 -20.67 -1.35 -14.57
#